data_7VIM
# 
_entry.id   7VIM 
# 
_audit_conform.dict_name       mmcif_pdbx.dic 
_audit_conform.dict_version    5.392 
_audit_conform.dict_location   http://mmcif.pdb.org/dictionaries/ascii/mmcif_pdbx.dic 
# 
loop_
_database_2.database_id 
_database_2.database_code 
_database_2.pdbx_database_accession 
_database_2.pdbx_DOI 
PDB   7VIM         pdb_00007vim 10.2210/pdb7vim/pdb 
WWPDB D_1300024773 ?            ?                   
# 
loop_
_pdbx_audit_revision_history.ordinal 
_pdbx_audit_revision_history.data_content_type 
_pdbx_audit_revision_history.major_revision 
_pdbx_audit_revision_history.minor_revision 
_pdbx_audit_revision_history.revision_date 
1 'Structure model' 1 0 2022-09-28 
2 'Structure model' 1 1 2024-05-29 
# 
_pdbx_audit_revision_details.ordinal             1 
_pdbx_audit_revision_details.revision_ordinal    1 
_pdbx_audit_revision_details.data_content_type   'Structure model' 
_pdbx_audit_revision_details.provider            repository 
_pdbx_audit_revision_details.type                'Initial release' 
_pdbx_audit_revision_details.description         ? 
_pdbx_audit_revision_details.details             ? 
# 
_pdbx_audit_revision_group.ordinal             1 
_pdbx_audit_revision_group.revision_ordinal    2 
_pdbx_audit_revision_group.data_content_type   'Structure model' 
_pdbx_audit_revision_group.group               'Data collection' 
# 
loop_
_pdbx_audit_revision_category.ordinal 
_pdbx_audit_revision_category.revision_ordinal 
_pdbx_audit_revision_category.data_content_type 
_pdbx_audit_revision_category.category 
1 2 'Structure model' chem_comp_atom 
2 2 'Structure model' chem_comp_bond 
# 
_pdbx_database_status.status_code                     REL 
_pdbx_database_status.status_code_sf                  REL 
_pdbx_database_status.status_code_mr                  ? 
_pdbx_database_status.entry_id                        7VIM 
_pdbx_database_status.recvd_initial_deposition_date   2021-09-27 
_pdbx_database_status.SG_entry                        N 
_pdbx_database_status.deposit_site                    PDBJ 
_pdbx_database_status.process_site                    PDBJ 
_pdbx_database_status.status_code_cs                  ? 
_pdbx_database_status.status_code_nmr_data            ? 
_pdbx_database_status.methods_development_category    CAPRI 
_pdbx_database_status.pdb_format_compatible           Y 
# 
_pdbx_contact_author.id                 2 
_pdbx_contact_author.email              liubing_uab@hotmail.com 
_pdbx_contact_author.name_first         Bing 
_pdbx_contact_author.name_last          Liu 
_pdbx_contact_author.name_mi            ? 
_pdbx_contact_author.role               'principal investigator/group leader' 
_pdbx_contact_author.identifier_ORCID   0000-0002-6018-998X 
# 
loop_
_audit_author.name 
_audit_author.pdbx_ordinal 
_audit_author.identifier_ORCID 
'Liu, B.'      1 0000-0002-6018-998X 
'Reverter, D.' 2 0000-0002-5347-0992 
'Shao, S.'     3 0000-0002-9304-2466 
# 
_citation.abstract                  ? 
_citation.abstract_id_CAS           ? 
_citation.book_id_ISBN              ? 
_citation.book_publisher            ? 
_citation.book_publisher_city       ? 
_citation.book_title                ? 
_citation.coordinate_linkage        ? 
_citation.country                   ? 
_citation.database_id_Medline       ? 
_citation.details                   ? 
_citation.id                        primary 
_citation.journal_abbrev            'To Be Published' 
_citation.journal_id_ASTM           ? 
_citation.journal_id_CSD            0353 
_citation.journal_id_ISSN           ? 
_citation.journal_full              ? 
_citation.journal_issue             ? 
_citation.journal_volume            ? 
_citation.language                  ? 
_citation.page_first                ? 
_citation.page_last                 ? 
_citation.title                     'The C-terminal DNA binding domain of EsrB from Edwardsiella piscicida' 
_citation.year                      ? 
_citation.database_id_CSD           ? 
_citation.pdbx_database_id_DOI      ? 
_citation.pdbx_database_id_PubMed   ? 
_citation.pdbx_database_id_patent   ? 
_citation.unpublished_flag          ? 
# 
loop_
_citation_author.citation_id 
_citation_author.name 
_citation_author.ordinal 
_citation_author.identifier_ORCID 
primary 'Liu, B.'      1 0000-0002-6018-998X 
primary 'Reverter, D.' 2 0000-0002-5347-0992 
primary 'Shao, S.'     3 0000-0002-9304-2466 
# 
loop_
_entity.id 
_entity.type 
_entity.src_method 
_entity.pdbx_description 
_entity.formula_weight 
_entity.pdbx_number_of_molecules 
_entity.pdbx_ec 
_entity.pdbx_mutation 
_entity.pdbx_fragment 
_entity.details 
1 polymer man 'Protein EsrB' 8278.576 2  ? ? ? ? 
2 water   nat water          18.015   21 ? ? ? ? 
# 
_entity_name_com.entity_id   1 
_entity_name_com.name        'Two component system response regulator' 
# 
_entity_poly.entity_id                      1 
_entity_poly.type                           'polypeptide(L)' 
_entity_poly.nstd_linkage                   no 
_entity_poly.nstd_monomer                   no 
_entity_poly.pdbx_seq_one_letter_code       SSDMAQEPPLTLRERQILKLVAEGKRNRDIAELLSISLKTVETHRLNLMRKLDAHNAAELSNWARRLGVLEF 
_entity_poly.pdbx_seq_one_letter_code_can   SSDMAQEPPLTLRERQILKLVAEGKRNRDIAELLSISLKTVETHRLNLMRKLDAHNAAELSNWARRLGVLEF 
_entity_poly.pdbx_strand_id                 A,B 
_entity_poly.pdbx_target_identifier         ? 
# 
_pdbx_entity_nonpoly.entity_id   2 
_pdbx_entity_nonpoly.name        water 
_pdbx_entity_nonpoly.comp_id     HOH 
# 
loop_
_entity_poly_seq.entity_id 
_entity_poly_seq.num 
_entity_poly_seq.mon_id 
_entity_poly_seq.hetero 
1 1  SER n 
1 2  SER n 
1 3  ASP n 
1 4  MET n 
1 5  ALA n 
1 6  GLN n 
1 7  GLU n 
1 8  PRO n 
1 9  PRO n 
1 10 LEU n 
1 11 THR n 
1 12 LEU n 
1 13 ARG n 
1 14 GLU n 
1 15 ARG n 
1 16 GLN n 
1 17 ILE n 
1 18 LEU n 
1 19 LYS n 
1 20 LEU n 
1 21 VAL n 
1 22 ALA n 
1 23 GLU n 
1 24 GLY n 
1 25 LYS n 
1 26 ARG n 
1 27 ASN n 
1 28 ARG n 
1 29 ASP n 
1 30 ILE n 
1 31 ALA n 
1 32 GLU n 
1 33 LEU n 
1 34 LEU n 
1 35 SER n 
1 36 ILE n 
1 37 SER n 
1 38 LEU n 
1 39 LYS n 
1 40 THR n 
1 41 VAL n 
1 42 GLU n 
1 43 THR n 
1 44 HIS n 
1 45 ARG n 
1 46 LEU n 
1 47 ASN n 
1 48 LEU n 
1 49 MET n 
1 50 ARG n 
1 51 LYS n 
1 52 LEU n 
1 53 ASP n 
1 54 ALA n 
1 55 HIS n 
1 56 ASN n 
1 57 ALA n 
1 58 ALA n 
1 59 GLU n 
1 60 LEU n 
1 61 SER n 
1 62 ASN n 
1 63 TRP n 
1 64 ALA n 
1 65 ARG n 
1 66 ARG n 
1 67 LEU n 
1 68 GLY n 
1 69 VAL n 
1 70 LEU n 
1 71 GLU n 
1 72 PHE n 
# 
_entity_src_gen.entity_id                          1 
_entity_src_gen.pdbx_src_id                        1 
_entity_src_gen.pdbx_alt_source_flag               sample 
_entity_src_gen.pdbx_seq_type                      'Biological sequence' 
_entity_src_gen.pdbx_beg_seq_num                   1 
_entity_src_gen.pdbx_end_seq_num                   72 
_entity_src_gen.gene_src_common_name               ? 
_entity_src_gen.gene_src_genus                     ? 
_entity_src_gen.pdbx_gene_src_gene                 'EVK84_02890, MA13_contig00007-0127' 
_entity_src_gen.gene_src_species                   ? 
_entity_src_gen.gene_src_strain                    ? 
_entity_src_gen.gene_src_tissue                    ? 
_entity_src_gen.gene_src_tissue_fraction           ? 
_entity_src_gen.gene_src_details                   ? 
_entity_src_gen.pdbx_gene_src_fragment             ? 
_entity_src_gen.pdbx_gene_src_scientific_name      'Edwardsiella piscicida' 
_entity_src_gen.pdbx_gene_src_ncbi_taxonomy_id     1263550 
_entity_src_gen.pdbx_gene_src_variant              ? 
_entity_src_gen.pdbx_gene_src_cell_line            ? 
_entity_src_gen.pdbx_gene_src_atcc                 ? 
_entity_src_gen.pdbx_gene_src_organ                ? 
_entity_src_gen.pdbx_gene_src_organelle            ? 
_entity_src_gen.pdbx_gene_src_cell                 ? 
_entity_src_gen.pdbx_gene_src_cellular_location    ? 
_entity_src_gen.host_org_common_name               ? 
_entity_src_gen.pdbx_host_org_scientific_name      'Escherichia coli BL21' 
_entity_src_gen.pdbx_host_org_ncbi_taxonomy_id     511693 
_entity_src_gen.host_org_genus                     ? 
_entity_src_gen.pdbx_host_org_gene                 ? 
_entity_src_gen.pdbx_host_org_organ                ? 
_entity_src_gen.host_org_species                   ? 
_entity_src_gen.pdbx_host_org_tissue               ? 
_entity_src_gen.pdbx_host_org_tissue_fraction      ? 
_entity_src_gen.pdbx_host_org_strain               ? 
_entity_src_gen.pdbx_host_org_variant              ? 
_entity_src_gen.pdbx_host_org_cell_line            ? 
_entity_src_gen.pdbx_host_org_atcc                 ? 
_entity_src_gen.pdbx_host_org_culture_collection   ? 
_entity_src_gen.pdbx_host_org_cell                 ? 
_entity_src_gen.pdbx_host_org_organelle            ? 
_entity_src_gen.pdbx_host_org_cellular_location    ? 
_entity_src_gen.pdbx_host_org_vector_type          plasmid 
_entity_src_gen.pdbx_host_org_vector               ? 
_entity_src_gen.host_org_details                   ? 
_entity_src_gen.expression_system_id               ? 
_entity_src_gen.plasmid_name                       pET28 
_entity_src_gen.plasmid_details                    ? 
_entity_src_gen.pdbx_description                   ? 
# 
loop_
_chem_comp.id 
_chem_comp.type 
_chem_comp.mon_nstd_flag 
_chem_comp.name 
_chem_comp.pdbx_synonyms 
_chem_comp.formula 
_chem_comp.formula_weight 
ALA 'L-peptide linking' y ALANINE         ? 'C3 H7 N O2'     89.093  
ARG 'L-peptide linking' y ARGININE        ? 'C6 H15 N4 O2 1' 175.209 
ASN 'L-peptide linking' y ASPARAGINE      ? 'C4 H8 N2 O3'    132.118 
ASP 'L-peptide linking' y 'ASPARTIC ACID' ? 'C4 H7 N O4'     133.103 
GLN 'L-peptide linking' y GLUTAMINE       ? 'C5 H10 N2 O3'   146.144 
GLU 'L-peptide linking' y 'GLUTAMIC ACID' ? 'C5 H9 N O4'     147.129 
GLY 'peptide linking'   y GLYCINE         ? 'C2 H5 N O2'     75.067  
HIS 'L-peptide linking' y HISTIDINE       ? 'C6 H10 N3 O2 1' 156.162 
HOH non-polymer         . WATER           ? 'H2 O'           18.015  
ILE 'L-peptide linking' y ISOLEUCINE      ? 'C6 H13 N O2'    131.173 
LEU 'L-peptide linking' y LEUCINE         ? 'C6 H13 N O2'    131.173 
LYS 'L-peptide linking' y LYSINE          ? 'C6 H15 N2 O2 1' 147.195 
MET 'L-peptide linking' y METHIONINE      ? 'C5 H11 N O2 S'  149.211 
PHE 'L-peptide linking' y PHENYLALANINE   ? 'C9 H11 N O2'    165.189 
PRO 'L-peptide linking' y PROLINE         ? 'C5 H9 N O2'     115.130 
SER 'L-peptide linking' y SERINE          ? 'C3 H7 N O3'     105.093 
THR 'L-peptide linking' y THREONINE       ? 'C4 H9 N O3'     119.119 
TRP 'L-peptide linking' y TRYPTOPHAN      ? 'C11 H12 N2 O2'  204.225 
VAL 'L-peptide linking' y VALINE          ? 'C5 H11 N O2'    117.146 
# 
loop_
_pdbx_poly_seq_scheme.asym_id 
_pdbx_poly_seq_scheme.entity_id 
_pdbx_poly_seq_scheme.seq_id 
_pdbx_poly_seq_scheme.mon_id 
_pdbx_poly_seq_scheme.ndb_seq_num 
_pdbx_poly_seq_scheme.pdb_seq_num 
_pdbx_poly_seq_scheme.auth_seq_num 
_pdbx_poly_seq_scheme.pdb_mon_id 
_pdbx_poly_seq_scheme.auth_mon_id 
_pdbx_poly_seq_scheme.pdb_strand_id 
_pdbx_poly_seq_scheme.pdb_ins_code 
_pdbx_poly_seq_scheme.hetero 
A 1 1  SER 1  143 ?   ?   ?   A . n 
A 1 2  SER 2  144 ?   ?   ?   A . n 
A 1 3  ASP 3  145 ?   ?   ?   A . n 
A 1 4  MET 4  146 ?   ?   ?   A . n 
A 1 5  ALA 5  147 ?   ?   ?   A . n 
A 1 6  GLN 6  148 ?   ?   ?   A . n 
A 1 7  GLU 7  149 149 GLU GLU A . n 
A 1 8  PRO 8  150 150 PRO PRO A . n 
A 1 9  PRO 9  151 151 PRO PRO A . n 
A 1 10 LEU 10 152 152 LEU LEU A . n 
A 1 11 THR 11 153 153 THR THR A . n 
A 1 12 LEU 12 154 154 LEU LEU A . n 
A 1 13 ARG 13 155 155 ARG ARG A . n 
A 1 14 GLU 14 156 156 GLU GLU A . n 
A 1 15 ARG 15 157 157 ARG ARG A . n 
A 1 16 GLN 16 158 158 GLN GLN A . n 
A 1 17 ILE 17 159 159 ILE ILE A . n 
A 1 18 LEU 18 160 160 LEU LEU A . n 
A 1 19 LYS 19 161 161 LYS LYS A . n 
A 1 20 LEU 20 162 162 LEU LEU A . n 
A 1 21 VAL 21 163 163 VAL VAL A . n 
A 1 22 ALA 22 164 164 ALA ALA A . n 
A 1 23 GLU 23 165 165 GLU GLU A . n 
A 1 24 GLY 24 166 166 GLY GLY A . n 
A 1 25 LYS 25 167 167 LYS LYS A . n 
A 1 26 ARG 26 168 168 ARG ARG A . n 
A 1 27 ASN 27 169 169 ASN ASN A . n 
A 1 28 ARG 28 170 170 ARG ARG A . n 
A 1 29 ASP 29 171 171 ASP ASP A . n 
A 1 30 ILE 30 172 172 ILE ILE A . n 
A 1 31 ALA 31 173 173 ALA ALA A . n 
A 1 32 GLU 32 174 174 GLU GLU A . n 
A 1 33 LEU 33 175 175 LEU LEU A . n 
A 1 34 LEU 34 176 176 LEU LEU A . n 
A 1 35 SER 35 177 177 SER SER A . n 
A 1 36 ILE 36 178 178 ILE ILE A . n 
A 1 37 SER 37 179 179 SER SER A . n 
A 1 38 LEU 38 180 180 LEU LEU A . n 
A 1 39 LYS 39 181 181 LYS LYS A . n 
A 1 40 THR 40 182 182 THR THR A . n 
A 1 41 VAL 41 183 183 VAL VAL A . n 
A 1 42 GLU 42 184 184 GLU GLU A . n 
A 1 43 THR 43 185 185 THR THR A . n 
A 1 44 HIS 44 186 186 HIS HIS A . n 
A 1 45 ARG 45 187 187 ARG ARG A . n 
A 1 46 LEU 46 188 188 LEU LEU A . n 
A 1 47 ASN 47 189 189 ASN ASN A . n 
A 1 48 LEU 48 190 190 LEU LEU A . n 
A 1 49 MET 49 191 191 MET MET A . n 
A 1 50 ARG 50 192 192 ARG ARG A . n 
A 1 51 LYS 51 193 193 LYS LYS A . n 
A 1 52 LEU 52 194 194 LEU LEU A . n 
A 1 53 ASP 53 195 195 ASP ASP A . n 
A 1 54 ALA 54 196 196 ALA ALA A . n 
A 1 55 HIS 55 197 197 HIS HIS A . n 
A 1 56 ASN 56 198 198 ASN ASN A . n 
A 1 57 ALA 57 199 199 ALA ALA A . n 
A 1 58 ALA 58 200 200 ALA ALA A . n 
A 1 59 GLU 59 201 201 GLU GLU A . n 
A 1 60 LEU 60 202 202 LEU LEU A . n 
A 1 61 SER 61 203 203 SER SER A . n 
A 1 62 ASN 62 204 204 ASN ASN A . n 
A 1 63 TRP 63 205 205 TRP TRP A . n 
A 1 64 ALA 64 206 206 ALA ALA A . n 
A 1 65 ARG 65 207 207 ARG ARG A . n 
A 1 66 ARG 66 208 208 ARG ARG A . n 
A 1 67 LEU 67 209 209 LEU LEU A . n 
A 1 68 GLY 68 210 210 GLY GLY A . n 
A 1 69 VAL 69 211 211 VAL VAL A . n 
A 1 70 LEU 70 212 212 LEU LEU A . n 
A 1 71 GLU 71 213 ?   ?   ?   A . n 
A 1 72 PHE 72 214 ?   ?   ?   A . n 
B 1 1  SER 1  143 ?   ?   ?   B . n 
B 1 2  SER 2  144 ?   ?   ?   B . n 
B 1 3  ASP 3  145 ?   ?   ?   B . n 
B 1 4  MET 4  146 146 MET MET B . n 
B 1 5  ALA 5  147 147 ALA ALA B . n 
B 1 6  GLN 6  148 148 GLN GLN B . n 
B 1 7  GLU 7  149 149 GLU GLU B . n 
B 1 8  PRO 8  150 150 PRO PRO B . n 
B 1 9  PRO 9  151 151 PRO PRO B . n 
B 1 10 LEU 10 152 152 LEU LEU B . n 
B 1 11 THR 11 153 153 THR THR B . n 
B 1 12 LEU 12 154 154 LEU LEU B . n 
B 1 13 ARG 13 155 155 ARG ARG B . n 
B 1 14 GLU 14 156 156 GLU GLU B . n 
B 1 15 ARG 15 157 157 ARG ARG B . n 
B 1 16 GLN 16 158 158 GLN GLN B . n 
B 1 17 ILE 17 159 159 ILE ILE B . n 
B 1 18 LEU 18 160 160 LEU LEU B . n 
B 1 19 LYS 19 161 161 LYS LYS B . n 
B 1 20 LEU 20 162 162 LEU LEU B . n 
B 1 21 VAL 21 163 163 VAL VAL B . n 
B 1 22 ALA 22 164 164 ALA ALA B . n 
B 1 23 GLU 23 165 165 GLU GLU B . n 
B 1 24 GLY 24 166 166 GLY GLY B . n 
B 1 25 LYS 25 167 167 LYS LYS B . n 
B 1 26 ARG 26 168 168 ARG ARG B . n 
B 1 27 ASN 27 169 169 ASN ASN B . n 
B 1 28 ARG 28 170 170 ARG ARG B . n 
B 1 29 ASP 29 171 171 ASP ASP B . n 
B 1 30 ILE 30 172 172 ILE ILE B . n 
B 1 31 ALA 31 173 173 ALA ALA B . n 
B 1 32 GLU 32 174 174 GLU GLU B . n 
B 1 33 LEU 33 175 175 LEU LEU B . n 
B 1 34 LEU 34 176 176 LEU LEU B . n 
B 1 35 SER 35 177 177 SER SER B . n 
B 1 36 ILE 36 178 178 ILE ILE B . n 
B 1 37 SER 37 179 179 SER SER B . n 
B 1 38 LEU 38 180 180 LEU LEU B . n 
B 1 39 LYS 39 181 181 LYS LYS B . n 
B 1 40 THR 40 182 182 THR THR B . n 
B 1 41 VAL 41 183 183 VAL VAL B . n 
B 1 42 GLU 42 184 184 GLU GLU B . n 
B 1 43 THR 43 185 185 THR THR B . n 
B 1 44 HIS 44 186 186 HIS HIS B . n 
B 1 45 ARG 45 187 187 ARG ARG B . n 
B 1 46 LEU 46 188 188 LEU LEU B . n 
B 1 47 ASN 47 189 189 ASN ASN B . n 
B 1 48 LEU 48 190 190 LEU LEU B . n 
B 1 49 MET 49 191 191 MET MET B . n 
B 1 50 ARG 50 192 192 ARG ARG B . n 
B 1 51 LYS 51 193 193 LYS LYS B . n 
B 1 52 LEU 52 194 194 LEU LEU B . n 
B 1 53 ASP 53 195 195 ASP ASP B . n 
B 1 54 ALA 54 196 196 ALA ALA B . n 
B 1 55 HIS 55 197 197 HIS HIS B . n 
B 1 56 ASN 56 198 198 ASN ASN B . n 
B 1 57 ALA 57 199 199 ALA ALA B . n 
B 1 58 ALA 58 200 200 ALA ALA B . n 
B 1 59 GLU 59 201 201 GLU GLU B . n 
B 1 60 LEU 60 202 202 LEU LEU B . n 
B 1 61 SER 61 203 203 SER SER B . n 
B 1 62 ASN 62 204 204 ASN ASN B . n 
B 1 63 TRP 63 205 205 TRP TRP B . n 
B 1 64 ALA 64 206 206 ALA ALA B . n 
B 1 65 ARG 65 207 207 ARG ARG B . n 
B 1 66 ARG 66 208 208 ARG ARG B . n 
B 1 67 LEU 67 209 209 LEU LEU B . n 
B 1 68 GLY 68 210 210 GLY GLY B . n 
B 1 69 VAL 69 211 211 VAL VAL B . n 
B 1 70 LEU 70 212 212 LEU LEU B . n 
B 1 71 GLU 71 213 ?   ?   ?   B . n 
B 1 72 PHE 72 214 ?   ?   ?   B . n 
# 
loop_
_pdbx_nonpoly_scheme.asym_id 
_pdbx_nonpoly_scheme.entity_id 
_pdbx_nonpoly_scheme.mon_id 
_pdbx_nonpoly_scheme.ndb_seq_num 
_pdbx_nonpoly_scheme.pdb_seq_num 
_pdbx_nonpoly_scheme.auth_seq_num 
_pdbx_nonpoly_scheme.pdb_mon_id 
_pdbx_nonpoly_scheme.auth_mon_id 
_pdbx_nonpoly_scheme.pdb_strand_id 
_pdbx_nonpoly_scheme.pdb_ins_code 
C 2 HOH 1  301 4  HOH HOH A . 
C 2 HOH 2  302 2  HOH HOH A . 
C 2 HOH 3  303 8  HOH HOH A . 
C 2 HOH 4  304 5  HOH HOH A . 
C 2 HOH 5  305 12 HOH HOH A . 
C 2 HOH 6  306 7  HOH HOH A . 
C 2 HOH 7  307 19 HOH HOH A . 
C 2 HOH 8  308 10 HOH HOH A . 
C 2 HOH 9  309 21 HOH HOH A . 
D 2 HOH 1  301 15 HOH HOH B . 
D 2 HOH 2  302 11 HOH HOH B . 
D 2 HOH 3  303 3  HOH HOH B . 
D 2 HOH 4  304 16 HOH HOH B . 
D 2 HOH 5  305 18 HOH HOH B . 
D 2 HOH 6  306 6  HOH HOH B . 
D 2 HOH 7  307 13 HOH HOH B . 
D 2 HOH 8  308 17 HOH HOH B . 
D 2 HOH 9  309 1  HOH HOH B . 
D 2 HOH 10 310 14 HOH HOH B . 
D 2 HOH 11 311 20 HOH HOH B . 
D 2 HOH 12 312 9  HOH HOH B . 
# 
loop_
_software.citation_id 
_software.classification 
_software.compiler_name 
_software.compiler_version 
_software.contact_author 
_software.contact_author_email 
_software.date 
_software.description 
_software.dependencies 
_software.hardware 
_software.language 
_software.location 
_software.mods 
_software.name 
_software.os 
_software.os_version 
_software.type 
_software.version 
_software.pdbx_ordinal 
? refinement        ? ? ? ? ? ? ? ? ? ? ? PHENIX      ? ? ? 1.7.3_928 1 
? 'data scaling'    ? ? ? ? ? ? ? ? ? ? ? XSCALE      ? ? ? .         2 
? 'data extraction' ? ? ? ? ? ? ? ? ? ? ? PDB_EXTRACT ? ? ? 3.27      3 
? 'data reduction'  ? ? ? ? ? ? ? ? ? ? ? XDS         ? ? ? .         4 
? phasing           ? ? ? ? ? ? ? ? ? ? ? PHENIX      ? ? ? .         5 
# 
_cell.angle_alpha                  90.000 
_cell.angle_alpha_esd              ? 
_cell.angle_beta                   90.000 
_cell.angle_beta_esd               ? 
_cell.angle_gamma                  90.000 
_cell.angle_gamma_esd              ? 
_cell.entry_id                     7VIM 
_cell.details                      ? 
_cell.formula_units_Z              ? 
_cell.length_a                     39.111 
_cell.length_a_esd                 ? 
_cell.length_b                     58.051 
_cell.length_b_esd                 ? 
_cell.length_c                     81.043 
_cell.length_c_esd                 ? 
_cell.volume                       ? 
_cell.volume_esd                   ? 
_cell.Z_PDB                        8 
_cell.reciprocal_angle_alpha       ? 
_cell.reciprocal_angle_beta        ? 
_cell.reciprocal_angle_gamma       ? 
_cell.reciprocal_angle_alpha_esd   ? 
_cell.reciprocal_angle_beta_esd    ? 
_cell.reciprocal_angle_gamma_esd   ? 
_cell.reciprocal_length_a          ? 
_cell.reciprocal_length_b          ? 
_cell.reciprocal_length_c          ? 
_cell.reciprocal_length_a_esd      ? 
_cell.reciprocal_length_b_esd      ? 
_cell.reciprocal_length_c_esd      ? 
_cell.pdbx_unique_axis             ? 
# 
_symmetry.entry_id                         7VIM 
_symmetry.cell_setting                     ? 
_symmetry.Int_Tables_number                19 
_symmetry.space_group_name_Hall            ? 
_symmetry.space_group_name_H-M             'P 21 21 21' 
_symmetry.pdbx_full_space_group_name_H-M   ? 
# 
_exptl.absorpt_coefficient_mu     ? 
_exptl.absorpt_correction_T_max   ? 
_exptl.absorpt_correction_T_min   ? 
_exptl.absorpt_correction_type    ? 
_exptl.absorpt_process_details    ? 
_exptl.entry_id                   7VIM 
_exptl.crystals_number            1 
_exptl.details                    ? 
_exptl.method                     'X-RAY DIFFRACTION' 
_exptl.method_details             ? 
# 
_exptl_crystal.colour                      ? 
_exptl_crystal.density_diffrn              ? 
_exptl_crystal.density_Matthews            3.05 
_exptl_crystal.density_method              ? 
_exptl_crystal.density_percent_sol         59.64 
_exptl_crystal.description                 ? 
_exptl_crystal.F_000                       ? 
_exptl_crystal.id                          1 
_exptl_crystal.preparation                 ? 
_exptl_crystal.size_max                    ? 
_exptl_crystal.size_mid                    ? 
_exptl_crystal.size_min                    ? 
_exptl_crystal.size_rad                    ? 
_exptl_crystal.colour_lustre               ? 
_exptl_crystal.colour_modifier             ? 
_exptl_crystal.colour_primary              ? 
_exptl_crystal.density_meas                ? 
_exptl_crystal.density_meas_esd            ? 
_exptl_crystal.density_meas_gt             ? 
_exptl_crystal.density_meas_lt             ? 
_exptl_crystal.density_meas_temp           ? 
_exptl_crystal.density_meas_temp_esd       ? 
_exptl_crystal.density_meas_temp_gt        ? 
_exptl_crystal.density_meas_temp_lt        ? 
_exptl_crystal.pdbx_crystal_image_url      ? 
_exptl_crystal.pdbx_crystal_image_format   ? 
_exptl_crystal.pdbx_mosaicity              ? 
_exptl_crystal.pdbx_mosaicity_esd          ? 
# 
_exptl_crystal_grow.apparatus       ? 
_exptl_crystal_grow.atmosphere      ? 
_exptl_crystal_grow.crystal_id      1 
_exptl_crystal_grow.details         ? 
_exptl_crystal_grow.method          'VAPOR DIFFUSION, HANGING DROP' 
_exptl_crystal_grow.method_ref      ? 
_exptl_crystal_grow.pH              8.5 
_exptl_crystal_grow.pressure        ? 
_exptl_crystal_grow.pressure_esd    ? 
_exptl_crystal_grow.seeding         ? 
_exptl_crystal_grow.seeding_ref     ? 
_exptl_crystal_grow.temp            291 
_exptl_crystal_grow.temp_details    ? 
_exptl_crystal_grow.temp_esd        ? 
_exptl_crystal_grow.time            ? 
_exptl_crystal_grow.pdbx_details    '12% ethanol, 5% glycerol, 100mM Tris PH 8,5' 
_exptl_crystal_grow.pdbx_pH_range   ? 
# 
_diffrn.ambient_environment              ? 
_diffrn.ambient_temp                     100 
_diffrn.ambient_temp_details             ? 
_diffrn.ambient_temp_esd                 ? 
_diffrn.crystal_id                       1 
_diffrn.crystal_support                  ? 
_diffrn.crystal_treatment                ? 
_diffrn.details                          ? 
_diffrn.id                               1 
_diffrn.ambient_pressure                 ? 
_diffrn.ambient_pressure_esd             ? 
_diffrn.ambient_pressure_gt              ? 
_diffrn.ambient_pressure_lt              ? 
_diffrn.ambient_temp_gt                  ? 
_diffrn.ambient_temp_lt                  ? 
_diffrn.pdbx_serial_crystal_experiment   N 
# 
_diffrn_detector.details                      ? 
_diffrn_detector.detector                     PIXEL 
_diffrn_detector.diffrn_id                    1 
_diffrn_detector.type                         'DECTRIS PILATUS 6M' 
_diffrn_detector.area_resol_mean              ? 
_diffrn_detector.dtime                        ? 
_diffrn_detector.pdbx_frames_total            ? 
_diffrn_detector.pdbx_collection_time_total   ? 
_diffrn_detector.pdbx_collection_date         2016-05-06 
_diffrn_detector.pdbx_frequency               ? 
# 
_diffrn_radiation.collimation                      ? 
_diffrn_radiation.diffrn_id                        1 
_diffrn_radiation.filter_edge                      ? 
_diffrn_radiation.inhomogeneity                    ? 
_diffrn_radiation.monochromator                    ? 
_diffrn_radiation.polarisn_norm                    ? 
_diffrn_radiation.polarisn_ratio                   ? 
_diffrn_radiation.probe                            ? 
_diffrn_radiation.type                             ? 
_diffrn_radiation.xray_symbol                      ? 
_diffrn_radiation.wavelength_id                    1 
_diffrn_radiation.pdbx_monochromatic_or_laue_m_l   M 
_diffrn_radiation.pdbx_wavelength_list             ? 
_diffrn_radiation.pdbx_wavelength                  ? 
_diffrn_radiation.pdbx_diffrn_protocol             'SINGLE WAVELENGTH' 
_diffrn_radiation.pdbx_analyzer                    ? 
_diffrn_radiation.pdbx_scattering_type             x-ray 
# 
_diffrn_radiation_wavelength.id           1 
_diffrn_radiation_wavelength.wavelength   0.979260 
_diffrn_radiation_wavelength.wt           1.0 
# 
_diffrn_source.current                     ? 
_diffrn_source.details                     ? 
_diffrn_source.diffrn_id                   1 
_diffrn_source.power                       ? 
_diffrn_source.size                        ? 
_diffrn_source.source                      SYNCHROTRON 
_diffrn_source.target                      ? 
_diffrn_source.type                        'ALBA BEAMLINE XALOC' 
_diffrn_source.voltage                     ? 
_diffrn_source.take-off_angle              ? 
_diffrn_source.pdbx_wavelength_list        0.979260 
_diffrn_source.pdbx_wavelength             ? 
_diffrn_source.pdbx_synchrotron_beamline   XALOC 
_diffrn_source.pdbx_synchrotron_site       ALBA 
# 
_reflns.B_iso_Wilson_estimate                          41.970 
_reflns.entry_id                                       7VIM 
_reflns.data_reduction_details                         ? 
_reflns.data_reduction_method                          ? 
_reflns.d_resolution_high                              2.188 
_reflns.d_resolution_low                               47.193 
_reflns.details                                        ? 
_reflns.limit_h_max                                    ? 
_reflns.limit_h_min                                    ? 
_reflns.limit_k_max                                    ? 
_reflns.limit_k_min                                    ? 
_reflns.limit_l_max                                    ? 
_reflns.limit_l_min                                    ? 
_reflns.number_all                                     ? 
_reflns.number_obs                                     9987 
_reflns.observed_criterion                             ? 
_reflns.observed_criterion_F_max                       ? 
_reflns.observed_criterion_F_min                       ? 
_reflns.observed_criterion_I_max                       ? 
_reflns.observed_criterion_I_min                       ? 
_reflns.observed_criterion_sigma_F                     ? 
_reflns.observed_criterion_sigma_I                     ? 
_reflns.percent_possible_obs                           99.400 
_reflns.R_free_details                                 ? 
_reflns.Rmerge_F_all                                   ? 
_reflns.Rmerge_F_obs                                   ? 
_reflns.Friedel_coverage                               ? 
_reflns.number_gt                                      ? 
_reflns.threshold_expression                           ? 
_reflns.pdbx_redundancy                                6.200 
_reflns.pdbx_Rmerge_I_obs                              ? 
_reflns.pdbx_Rmerge_I_all                              ? 
_reflns.pdbx_Rsym_value                                0.076 
_reflns.pdbx_netI_over_av_sigmaI                       5.700 
_reflns.pdbx_netI_over_sigmaI                          11.400 
_reflns.pdbx_res_netI_over_av_sigmaI_2                 ? 
_reflns.pdbx_res_netI_over_sigmaI_2                    ? 
_reflns.pdbx_chi_squared                               ? 
_reflns.pdbx_scaling_rejects                           ? 
_reflns.pdbx_d_res_high_opt                            ? 
_reflns.pdbx_d_res_low_opt                             ? 
_reflns.pdbx_d_res_opt_method                          ? 
_reflns.phase_calculation_details                      ? 
_reflns.pdbx_Rrim_I_all                                0.084 
_reflns.pdbx_Rpim_I_all                                0.034 
_reflns.pdbx_d_opt                                     ? 
_reflns.pdbx_number_measured_all                       62270 
_reflns.pdbx_diffrn_id                                 1 
_reflns.pdbx_ordinal                                   1 
_reflns.pdbx_CC_half                                   ? 
_reflns.pdbx_CC_star                                   ? 
_reflns.pdbx_R_split                                   ? 
_reflns.pdbx_aniso_diffraction_limit_axis_1_ortho[1]   ? 
_reflns.pdbx_aniso_diffraction_limit_axis_1_ortho[2]   ? 
_reflns.pdbx_aniso_diffraction_limit_axis_1_ortho[3]   ? 
_reflns.pdbx_aniso_diffraction_limit_axis_2_ortho[1]   ? 
_reflns.pdbx_aniso_diffraction_limit_axis_2_ortho[2]   ? 
_reflns.pdbx_aniso_diffraction_limit_axis_2_ortho[3]   ? 
_reflns.pdbx_aniso_diffraction_limit_axis_3_ortho[1]   ? 
_reflns.pdbx_aniso_diffraction_limit_axis_3_ortho[2]   ? 
_reflns.pdbx_aniso_diffraction_limit_axis_3_ortho[3]   ? 
_reflns.pdbx_aniso_diffraction_limit_1                 ? 
_reflns.pdbx_aniso_diffraction_limit_2                 ? 
_reflns.pdbx_aniso_diffraction_limit_3                 ? 
_reflns.pdbx_aniso_B_tensor_eigenvector_1_ortho[1]     ? 
_reflns.pdbx_aniso_B_tensor_eigenvector_1_ortho[2]     ? 
_reflns.pdbx_aniso_B_tensor_eigenvector_1_ortho[3]     ? 
_reflns.pdbx_aniso_B_tensor_eigenvector_2_ortho[1]     ? 
_reflns.pdbx_aniso_B_tensor_eigenvector_2_ortho[2]     ? 
_reflns.pdbx_aniso_B_tensor_eigenvector_2_ortho[3]     ? 
_reflns.pdbx_aniso_B_tensor_eigenvector_3_ortho[1]     ? 
_reflns.pdbx_aniso_B_tensor_eigenvector_3_ortho[2]     ? 
_reflns.pdbx_aniso_B_tensor_eigenvector_3_ortho[3]     ? 
_reflns.pdbx_aniso_B_tensor_eigenvalue_1               ? 
_reflns.pdbx_aniso_B_tensor_eigenvalue_2               ? 
_reflns.pdbx_aniso_B_tensor_eigenvalue_3               ? 
_reflns.pdbx_orthogonalization_convention              ? 
_reflns.pdbx_percent_possible_ellipsoidal              ? 
_reflns.pdbx_percent_possible_spherical                ? 
_reflns.pdbx_percent_possible_ellipsoidal_anomalous    ? 
_reflns.pdbx_percent_possible_spherical_anomalous      ? 
_reflns.pdbx_redundancy_anomalous                      ? 
_reflns.pdbx_CC_half_anomalous                         ? 
_reflns.pdbx_absDiff_over_sigma_anomalous              ? 
_reflns.pdbx_percent_possible_anomalous                ? 
_reflns.pdbx_observed_signal_threshold                 ? 
_reflns.pdbx_signal_type                               ? 
_reflns.pdbx_signal_details                            ? 
_reflns.pdbx_signal_software_id                        ? 
# 
loop_
_reflns_shell.d_res_high 
_reflns_shell.d_res_low 
_reflns_shell.meanI_over_sigI_all 
_reflns_shell.meanI_over_sigI_obs 
_reflns_shell.number_measured_all 
_reflns_shell.number_measured_obs 
_reflns_shell.number_possible 
_reflns_shell.number_unique_all 
_reflns_shell.number_unique_obs 
_reflns_shell.percent_possible_all 
_reflns_shell.percent_possible_obs 
_reflns_shell.Rmerge_F_all 
_reflns_shell.Rmerge_F_obs 
_reflns_shell.Rmerge_I_all 
_reflns_shell.Rmerge_I_obs 
_reflns_shell.meanI_over_sigI_gt 
_reflns_shell.meanI_over_uI_all 
_reflns_shell.meanI_over_uI_gt 
_reflns_shell.number_measured_gt 
_reflns_shell.number_unique_gt 
_reflns_shell.percent_possible_gt 
_reflns_shell.Rmerge_F_gt 
_reflns_shell.Rmerge_I_gt 
_reflns_shell.pdbx_redundancy 
_reflns_shell.pdbx_Rsym_value 
_reflns_shell.pdbx_chi_squared 
_reflns_shell.pdbx_netI_over_sigmaI_all 
_reflns_shell.pdbx_netI_over_sigmaI_obs 
_reflns_shell.pdbx_Rrim_I_all 
_reflns_shell.pdbx_Rpim_I_all 
_reflns_shell.pdbx_rejects 
_reflns_shell.pdbx_ordinal 
_reflns_shell.pdbx_diffrn_id 
_reflns_shell.pdbx_CC_half 
_reflns_shell.pdbx_CC_star 
_reflns_shell.pdbx_R_split 
_reflns_shell.pdbx_percent_possible_ellipsoidal 
_reflns_shell.pdbx_percent_possible_spherical 
_reflns_shell.pdbx_percent_possible_ellipsoidal_anomalous 
_reflns_shell.pdbx_percent_possible_spherical_anomalous 
_reflns_shell.pdbx_redundancy_anomalous 
_reflns_shell.pdbx_CC_half_anomalous 
_reflns_shell.pdbx_absDiff_over_sigma_anomalous 
_reflns_shell.pdbx_percent_possible_anomalous 
2.190 2.310  ? 1.100  8294 ? ? ? 1368 96.100  ? ? ? ? 0.643 ? ? ? ? ? ? ? ? 6.100 0.643 ? ? 3.000  0.702 0.278 ? 1  1 ? ? ? ? ? ? 
? ? ? ? ? 
2.310 2.450  ? 1.500  8497 ? ? ? 1361 100.000 ? ? ? ? 0.448 ? ? ? ? ? ? ? ? 6.200 0.448 ? ? 4.400  0.490 0.197 ? 2  1 ? ? ? ? ? ? 
? ? ? ? ? 
2.450 2.610  ? 2.400  8364 ? ? ? 1283 100.000 ? ? ? ? 0.268 ? ? ? ? ? ? ? ? 6.500 0.268 ? ? 6.000  0.292 0.115 ? 3  1 ? ? ? ? ? ? 
? ? ? ? ? 
2.610 2.820  ? 3.900  7382 ? ? ? 1185 100.000 ? ? ? ? 0.170 ? ? ? ? ? ? ? ? 6.200 0.170 ? ? 7.200  0.185 0.074 ? 4  1 ? ? ? ? ? ? 
? ? ? ? ? 
2.820 3.090  ? 6.400  7106 ? ? ? 1103 100.000 ? ? ? ? 0.105 ? ? ? ? ? ? ? ? 6.400 0.105 ? ? 10.300 0.114 0.045 ? 5  1 ? ? ? ? ? ? 
? ? ? ? ? 
3.090 3.460  ? 8.300  6464 ? ? ? 1015 100.000 ? ? ? ? 0.079 ? ? ? ? ? ? ? ? 6.400 0.079 ? ? 13.600 0.086 0.034 ? 6  1 ? ? ? ? ? ? 
? ? ? ? ? 
3.460 3.990  ? 9.500  5586 ? ? ? 900  100.000 ? ? ? ? 0.064 ? ? ? ? ? ? ? ? 6.200 0.064 ? ? 20.500 0.070 0.028 ? 7  1 ? ? ? ? ? ? 
? ? ? ? ? 
3.990 4.890  ? 11.600 4823 ? ? ? 784  100.000 ? ? ? ? 0.052 ? ? ? ? ? ? ? ? 6.200 0.052 ? ? 25.100 0.057 0.023 ? 8  1 ? ? ? ? ? ? 
? ? ? ? ? 
4.890 6.920  ? 11.200 3701 ? ? ? 609  100.000 ? ? ? ? 0.053 ? ? ? ? ? ? ? ? 6.100 0.053 ? ? 21.800 0.058 0.024 ? 9  1 ? ? ? ? ? ? 
? ? ? ? ? 
6.920 47.193 ? 10.400 2053 ? ? ? 379  99.800  ? ? ? ? 0.043 ? ? ? ? ? ? ? ? 5.400 0.043 ? ? 28.600 0.047 0.020 ? 10 1 ? ? ? ? ? ? 
? ? ? ? ? 
# 
_refine.aniso_B[1][1]                            2.8692 
_refine.aniso_B[1][2]                            -0.0000 
_refine.aniso_B[1][3]                            0.0000 
_refine.aniso_B[2][2]                            -1.0262 
_refine.aniso_B[2][3]                            0.0000 
_refine.aniso_B[3][3]                            3.6888 
_refine.B_iso_max                                99.810 
_refine.B_iso_mean                               43.3900 
_refine.B_iso_min                                20.590 
_refine.correlation_coeff_Fo_to_Fc               ? 
_refine.correlation_coeff_Fo_to_Fc_free          ? 
_refine.details                                  ? 
_refine.diff_density_max                         ? 
_refine.diff_density_max_esd                     ? 
_refine.diff_density_min                         ? 
_refine.diff_density_min_esd                     ? 
_refine.diff_density_rms                         ? 
_refine.diff_density_rms_esd                     ? 
_refine.entry_id                                 7VIM 
_refine.pdbx_refine_id                           'X-RAY DIFFRACTION' 
_refine.ls_abs_structure_details                 ? 
_refine.ls_abs_structure_Flack                   ? 
_refine.ls_abs_structure_Flack_esd               ? 
_refine.ls_abs_structure_Rogers                  ? 
_refine.ls_abs_structure_Rogers_esd              ? 
_refine.ls_d_res_high                            2.2000 
_refine.ls_d_res_low                             47.1930 
_refine.ls_extinction_coef                       ? 
_refine.ls_extinction_coef_esd                   ? 
_refine.ls_extinction_expression                 ? 
_refine.ls_extinction_method                     ? 
_refine.ls_goodness_of_fit_all                   ? 
_refine.ls_goodness_of_fit_all_esd               ? 
_refine.ls_goodness_of_fit_obs                   ? 
_refine.ls_goodness_of_fit_obs_esd               ? 
_refine.ls_hydrogen_treatment                    ? 
_refine.ls_matrix_type                           ? 
_refine.ls_number_constraints                    ? 
_refine.ls_number_parameters                     ? 
_refine.ls_number_reflns_all                     ? 
_refine.ls_number_reflns_obs                     9841 
_refine.ls_number_reflns_R_free                  473 
_refine.ls_number_reflns_R_work                  9368 
_refine.ls_number_restraints                     ? 
_refine.ls_percent_reflns_obs                    99.9500 
_refine.ls_percent_reflns_R_free                 4.8100 
_refine.ls_R_factor_all                          ? 
_refine.ls_R_factor_obs                          0.2316 
_refine.ls_R_factor_R_free                       0.2807 
_refine.ls_R_factor_R_free_error                 ? 
_refine.ls_R_factor_R_free_error_details         ? 
_refine.ls_R_factor_R_work                       0.2293 
_refine.ls_R_Fsqd_factor_obs                     ? 
_refine.ls_R_I_factor_obs                        ? 
_refine.ls_redundancy_reflns_all                 ? 
_refine.ls_redundancy_reflns_obs                 ? 
_refine.ls_restrained_S_all                      ? 
_refine.ls_restrained_S_obs                      ? 
_refine.ls_shift_over_esd_max                    ? 
_refine.ls_shift_over_esd_mean                   ? 
_refine.ls_structure_factor_coef                 ? 
_refine.ls_weighting_details                     ? 
_refine.ls_weighting_scheme                      ? 
_refine.ls_wR_factor_all                         ? 
_refine.ls_wR_factor_obs                         ? 
_refine.ls_wR_factor_R_free                      ? 
_refine.ls_wR_factor_R_work                      ? 
_refine.occupancy_max                            ? 
_refine.occupancy_min                            ? 
_refine.solvent_model_details                    'FLAT BULK SOLVENT MODEL' 
_refine.solvent_model_param_bsol                 42.0850 
_refine.solvent_model_param_ksol                 0.3310 
_refine.pdbx_R_complete                          ? 
_refine.ls_R_factor_gt                           ? 
_refine.ls_goodness_of_fit_gt                    ? 
_refine.ls_goodness_of_fit_ref                   ? 
_refine.ls_shift_over_su_max                     ? 
_refine.ls_shift_over_su_max_lt                  ? 
_refine.ls_shift_over_su_mean                    ? 
_refine.ls_shift_over_su_mean_lt                 ? 
_refine.pdbx_ls_sigma_I                          ? 
_refine.pdbx_ls_sigma_F                          1.340 
_refine.pdbx_ls_sigma_Fsqd                       ? 
_refine.pdbx_data_cutoff_high_absF               ? 
_refine.pdbx_data_cutoff_high_rms_absF           ? 
_refine.pdbx_data_cutoff_low_absF                ? 
_refine.pdbx_isotropic_thermal_model             ? 
_refine.pdbx_ls_cross_valid_method               THROUGHOUT 
_refine.pdbx_method_to_determine_struct          'AB INITIO PHASING' 
_refine.pdbx_starting_model                      ? 
_refine.pdbx_stereochemistry_target_values       ML 
_refine.pdbx_R_Free_selection_details            ? 
_refine.pdbx_stereochem_target_val_spec_case     ? 
_refine.pdbx_overall_ESU_R                       ? 
_refine.pdbx_overall_ESU_R_Free                  ? 
_refine.pdbx_solvent_vdw_probe_radii             1.1000 
_refine.pdbx_solvent_ion_probe_radii             ? 
_refine.pdbx_solvent_shrinkage_radii             0.8600 
_refine.pdbx_real_space_R                        ? 
_refine.pdbx_density_correlation                 ? 
_refine.pdbx_pd_number_of_powder_patterns        ? 
_refine.pdbx_pd_number_of_points                 ? 
_refine.pdbx_pd_meas_number_of_points            ? 
_refine.pdbx_pd_proc_ls_prof_R_factor            ? 
_refine.pdbx_pd_proc_ls_prof_wR_factor           ? 
_refine.pdbx_pd_Marquardt_correlation_coeff      ? 
_refine.pdbx_pd_Fsqrd_R_factor                   ? 
_refine.pdbx_pd_ls_matrix_band_width             ? 
_refine.pdbx_overall_phase_error                 28.1800 
_refine.pdbx_overall_SU_R_free_Cruickshank_DPI   ? 
_refine.pdbx_overall_SU_R_free_Blow_DPI          ? 
_refine.pdbx_overall_SU_R_Blow_DPI               ? 
_refine.pdbx_TLS_residual_ADP_flag               ? 
_refine.pdbx_diffrn_id                           1 
_refine.overall_SU_B                             ? 
_refine.overall_SU_ML                            0.3700 
_refine.overall_SU_R_Cruickshank_DPI             ? 
_refine.overall_SU_R_free                        ? 
_refine.overall_FOM_free_R_set                   ? 
_refine.overall_FOM_work_R_set                   ? 
_refine.pdbx_average_fsc_overall                 ? 
_refine.pdbx_average_fsc_work                    ? 
_refine.pdbx_average_fsc_free                    ? 
# 
_refine_hist.pdbx_refine_id                   'X-RAY DIFFRACTION' 
_refine_hist.cycle_id                         final 
_refine_hist.details                          ? 
_refine_hist.d_res_high                       2.2000 
_refine_hist.d_res_low                        47.1930 
_refine_hist.number_atoms_solvent             21 
_refine_hist.number_atoms_total               1077 
_refine_hist.number_reflns_all                ? 
_refine_hist.number_reflns_obs                ? 
_refine_hist.number_reflns_R_free             ? 
_refine_hist.number_reflns_R_work             ? 
_refine_hist.R_factor_all                     ? 
_refine_hist.R_factor_obs                     ? 
_refine_hist.R_factor_R_free                  ? 
_refine_hist.R_factor_R_work                  ? 
_refine_hist.pdbx_number_residues_total       131 
_refine_hist.pdbx_B_iso_mean_ligand           ? 
_refine_hist.pdbx_B_iso_mean_solvent          41.07 
_refine_hist.pdbx_number_atoms_protein        1056 
_refine_hist.pdbx_number_atoms_nucleic_acid   0 
_refine_hist.pdbx_number_atoms_ligand         0 
_refine_hist.pdbx_number_atoms_lipid          ? 
_refine_hist.pdbx_number_atoms_carb           ? 
_refine_hist.pdbx_pseudo_atom_details         ? 
# 
loop_
_refine_ls_restr.pdbx_refine_id 
_refine_ls_restr.criterion 
_refine_ls_restr.dev_ideal 
_refine_ls_restr.dev_ideal_target 
_refine_ls_restr.number 
_refine_ls_restr.rejects 
_refine_ls_restr.type 
_refine_ls_restr.weight 
_refine_ls_restr.pdbx_restraint_function 
'X-RAY DIFFRACTION' ? 0.008  ? 1066 ? f_bond_d           ? ? 
'X-RAY DIFFRACTION' ? 1.112  ? 1433 ? f_angle_d          ? ? 
'X-RAY DIFFRACTION' ? 0.067  ? 171  ? f_chiral_restr     ? ? 
'X-RAY DIFFRACTION' ? 0.003  ? 182  ? f_plane_restr      ? ? 
'X-RAY DIFFRACTION' ? 14.303 ? 425  ? f_dihedral_angle_d ? ? 
# 
loop_
_refine_ls_shell.pdbx_refine_id 
_refine_ls_shell.d_res_high 
_refine_ls_shell.d_res_low 
_refine_ls_shell.number_reflns_all 
_refine_ls_shell.number_reflns_obs 
_refine_ls_shell.number_reflns_R_free 
_refine_ls_shell.number_reflns_R_work 
_refine_ls_shell.percent_reflns_obs 
_refine_ls_shell.percent_reflns_R_free 
_refine_ls_shell.R_factor_all 
_refine_ls_shell.R_factor_obs 
_refine_ls_shell.R_factor_R_free 
_refine_ls_shell.R_factor_R_free_error 
_refine_ls_shell.R_factor_R_work 
_refine_ls_shell.redundancy_reflns_all 
_refine_ls_shell.redundancy_reflns_obs 
_refine_ls_shell.wR_factor_all 
_refine_ls_shell.wR_factor_obs 
_refine_ls_shell.wR_factor_R_free 
_refine_ls_shell.wR_factor_R_work 
_refine_ls_shell.pdbx_R_complete 
_refine_ls_shell.pdbx_total_number_of_bins_used 
_refine_ls_shell.pdbx_phase_error 
_refine_ls_shell.pdbx_fsc_work 
_refine_ls_shell.pdbx_fsc_free 
'X-RAY DIFFRACTION' 2.2000 2.5184  . . 157 3040 100.0000 . . . 0.3857 0.0000 0.2828 . . . . . . . . . . . 
'X-RAY DIFFRACTION' 2.5184 3.1728  . . 152 3095 100.0000 . . . 0.2880 0.0000 0.2251 . . . . . . . . . . . 
'X-RAY DIFFRACTION' 3.1728 47.1930 . . 164 3233 100.0000 . . . 0.2565 0.0000 0.2207 . . . . . . . . . . . 
# 
_struct.entry_id                     7VIM 
_struct.title                        'The C-terminal DNA binding domain of EsrB from Edwardsiella piscicida' 
_struct.pdbx_model_details           ? 
_struct.pdbx_formula_weight          ? 
_struct.pdbx_formula_weight_method   ? 
_struct.pdbx_model_type_details      ? 
_struct.pdbx_CASP_flag               N 
# 
_struct_keywords.entry_id        7VIM 
_struct_keywords.text            'DNA binding, EsrB, Edwardsiella piscicida, DNA BINDING PROTEIN' 
_struct_keywords.pdbx_keywords   'DNA BINDING PROTEIN' 
# 
loop_
_struct_asym.id 
_struct_asym.pdbx_blank_PDB_chainid_flag 
_struct_asym.pdbx_modified 
_struct_asym.entity_id 
_struct_asym.details 
A N N 1 ? 
B N N 1 ? 
C N N 2 ? 
D N N 2 ? 
# 
_struct_ref.id                         1 
_struct_ref.db_name                    UNP 
_struct_ref.db_code                    A0A034T5T1_9GAMM 
_struct_ref.pdbx_db_accession          A0A034T5T1 
_struct_ref.pdbx_db_isoform            ? 
_struct_ref.entity_id                  1 
_struct_ref.pdbx_seq_one_letter_code   SSDMAQEPPLTLRERQILKLVAEGKRNRDIAELLSISLKTVETHRLNLMRKLDAHNAAELSNWARRLGVLEF 
_struct_ref.pdbx_align_begin           143 
# 
loop_
_struct_ref_seq.align_id 
_struct_ref_seq.ref_id 
_struct_ref_seq.pdbx_PDB_id_code 
_struct_ref_seq.pdbx_strand_id 
_struct_ref_seq.seq_align_beg 
_struct_ref_seq.pdbx_seq_align_beg_ins_code 
_struct_ref_seq.seq_align_end 
_struct_ref_seq.pdbx_seq_align_end_ins_code 
_struct_ref_seq.pdbx_db_accession 
_struct_ref_seq.db_align_beg 
_struct_ref_seq.pdbx_db_align_beg_ins_code 
_struct_ref_seq.db_align_end 
_struct_ref_seq.pdbx_db_align_end_ins_code 
_struct_ref_seq.pdbx_auth_seq_align_beg 
_struct_ref_seq.pdbx_auth_seq_align_end 
1 1 7VIM A 1 ? 72 ? A0A034T5T1 143 ? 214 ? 143 214 
2 1 7VIM B 1 ? 72 ? A0A034T5T1 143 ? 214 ? 143 214 
# 
_pdbx_struct_assembly.id                   1 
_pdbx_struct_assembly.details              author_and_software_defined_assembly 
_pdbx_struct_assembly.method_details       PISA 
_pdbx_struct_assembly.oligomeric_details   dimeric 
_pdbx_struct_assembly.oligomeric_count     2 
# 
loop_
_pdbx_struct_assembly_prop.biol_id 
_pdbx_struct_assembly_prop.type 
_pdbx_struct_assembly_prop.value 
_pdbx_struct_assembly_prop.details 
1 'ABSA (A^2)' 780  ? 
1 MORE         -9   ? 
1 'SSA (A^2)'  9550 ? 
# 
loop_
_pdbx_struct_assembly_gen.assembly_id 
_pdbx_struct_assembly_gen.oper_expression 
_pdbx_struct_assembly_gen.asym_id_list 
1 1 A,C 
1 2 B,D 
# 
_pdbx_struct_assembly_auth_evidence.id                     1 
_pdbx_struct_assembly_auth_evidence.assembly_id            1 
_pdbx_struct_assembly_auth_evidence.experimental_support   none 
_pdbx_struct_assembly_auth_evidence.details                ? 
# 
loop_
_pdbx_struct_oper_list.id 
_pdbx_struct_oper_list.type 
_pdbx_struct_oper_list.name 
_pdbx_struct_oper_list.symmetry_operation 
_pdbx_struct_oper_list.matrix[1][1] 
_pdbx_struct_oper_list.matrix[1][2] 
_pdbx_struct_oper_list.matrix[1][3] 
_pdbx_struct_oper_list.vector[1] 
_pdbx_struct_oper_list.matrix[2][1] 
_pdbx_struct_oper_list.matrix[2][2] 
_pdbx_struct_oper_list.matrix[2][3] 
_pdbx_struct_oper_list.vector[2] 
_pdbx_struct_oper_list.matrix[3][1] 
_pdbx_struct_oper_list.matrix[3][2] 
_pdbx_struct_oper_list.matrix[3][3] 
_pdbx_struct_oper_list.vector[3] 
1 'identity operation'         1_555 x,y,z           1.0000000000  0.0000000000  0.0000000000  0.0000000000 0.0000000000  1.0000000000  0.0000000000 0.0000000000 0.0000000000  0.0000000000 1.0000000000 0.0000000000  
2 'crystal symmetry operation' 3_544 -x,y-1/2,-z-1/2 -0.9739921261 -0.1074689975 -0.1994736898 0.7196377066 -0.1074689975 -0.5559196630 0.8242595119 0.6520795285 -0.1994736898 0.8242595119 0.5299117891 32.9290165464 
# 
loop_
_struct_conf.conf_type_id 
_struct_conf.id 
_struct_conf.pdbx_PDB_helix_id 
_struct_conf.beg_label_comp_id 
_struct_conf.beg_label_asym_id 
_struct_conf.beg_label_seq_id 
_struct_conf.pdbx_beg_PDB_ins_code 
_struct_conf.end_label_comp_id 
_struct_conf.end_label_asym_id 
_struct_conf.end_label_seq_id 
_struct_conf.pdbx_end_PDB_ins_code 
_struct_conf.beg_auth_comp_id 
_struct_conf.beg_auth_asym_id 
_struct_conf.beg_auth_seq_id 
_struct_conf.end_auth_comp_id 
_struct_conf.end_auth_asym_id 
_struct_conf.end_auth_seq_id 
_struct_conf.pdbx_PDB_helix_class 
_struct_conf.details 
_struct_conf.pdbx_PDB_helix_length 
HELX_P HELX_P1 AA1 THR A 11 ? GLY A 24 ? THR A 153 GLY A 166 1 ? 14 
HELX_P HELX_P2 AA2 ARG A 26 ? SER A 35 ? ARG A 168 SER A 177 1 ? 10 
HELX_P HELX_P3 AA3 SER A 37 ? LEU A 67 ? SER A 179 LEU A 209 1 ? 31 
HELX_P HELX_P4 AA4 THR B 11 ? GLU B 23 ? THR B 153 GLU B 165 1 ? 13 
HELX_P HELX_P5 AA5 ARG B 26 ? LEU B 34 ? ARG B 168 LEU B 176 1 ? 9  
HELX_P HELX_P6 AA6 SER B 37 ? LEU B 67 ? SER B 179 LEU B 209 1 ? 31 
# 
_struct_conf_type.id          HELX_P 
_struct_conf_type.criteria    ? 
_struct_conf_type.reference   ? 
# 
loop_
_pdbx_unobs_or_zero_occ_residues.id 
_pdbx_unobs_or_zero_occ_residues.PDB_model_num 
_pdbx_unobs_or_zero_occ_residues.polymer_flag 
_pdbx_unobs_or_zero_occ_residues.occupancy_flag 
_pdbx_unobs_or_zero_occ_residues.auth_asym_id 
_pdbx_unobs_or_zero_occ_residues.auth_comp_id 
_pdbx_unobs_or_zero_occ_residues.auth_seq_id 
_pdbx_unobs_or_zero_occ_residues.PDB_ins_code 
_pdbx_unobs_or_zero_occ_residues.label_asym_id 
_pdbx_unobs_or_zero_occ_residues.label_comp_id 
_pdbx_unobs_or_zero_occ_residues.label_seq_id 
1  1 Y 1 A SER 143 ? A SER 1  
2  1 Y 1 A SER 144 ? A SER 2  
3  1 Y 1 A ASP 145 ? A ASP 3  
4  1 Y 1 A MET 146 ? A MET 4  
5  1 Y 1 A ALA 147 ? A ALA 5  
6  1 Y 1 A GLN 148 ? A GLN 6  
7  1 Y 1 A GLU 213 ? A GLU 71 
8  1 Y 1 A PHE 214 ? A PHE 72 
9  1 Y 1 B SER 143 ? B SER 1  
10 1 Y 1 B SER 144 ? B SER 2  
11 1 Y 1 B ASP 145 ? B ASP 3  
12 1 Y 1 B GLU 213 ? B GLU 71 
13 1 Y 1 B PHE 214 ? B PHE 72 
# 
loop_
_chem_comp_atom.comp_id 
_chem_comp_atom.atom_id 
_chem_comp_atom.type_symbol 
_chem_comp_atom.pdbx_aromatic_flag 
_chem_comp_atom.pdbx_stereo_config 
_chem_comp_atom.pdbx_ordinal 
ALA N    N N N 1   
ALA CA   C N S 2   
ALA C    C N N 3   
ALA O    O N N 4   
ALA CB   C N N 5   
ALA OXT  O N N 6   
ALA H    H N N 7   
ALA H2   H N N 8   
ALA HA   H N N 9   
ALA HB1  H N N 10  
ALA HB2  H N N 11  
ALA HB3  H N N 12  
ALA HXT  H N N 13  
ARG N    N N N 14  
ARG CA   C N S 15  
ARG C    C N N 16  
ARG O    O N N 17  
ARG CB   C N N 18  
ARG CG   C N N 19  
ARG CD   C N N 20  
ARG NE   N N N 21  
ARG CZ   C N N 22  
ARG NH1  N N N 23  
ARG NH2  N N N 24  
ARG OXT  O N N 25  
ARG H    H N N 26  
ARG H2   H N N 27  
ARG HA   H N N 28  
ARG HB2  H N N 29  
ARG HB3  H N N 30  
ARG HG2  H N N 31  
ARG HG3  H N N 32  
ARG HD2  H N N 33  
ARG HD3  H N N 34  
ARG HE   H N N 35  
ARG HH11 H N N 36  
ARG HH12 H N N 37  
ARG HH21 H N N 38  
ARG HH22 H N N 39  
ARG HXT  H N N 40  
ASN N    N N N 41  
ASN CA   C N S 42  
ASN C    C N N 43  
ASN O    O N N 44  
ASN CB   C N N 45  
ASN CG   C N N 46  
ASN OD1  O N N 47  
ASN ND2  N N N 48  
ASN OXT  O N N 49  
ASN H    H N N 50  
ASN H2   H N N 51  
ASN HA   H N N 52  
ASN HB2  H N N 53  
ASN HB3  H N N 54  
ASN HD21 H N N 55  
ASN HD22 H N N 56  
ASN HXT  H N N 57  
ASP N    N N N 58  
ASP CA   C N S 59  
ASP C    C N N 60  
ASP O    O N N 61  
ASP CB   C N N 62  
ASP CG   C N N 63  
ASP OD1  O N N 64  
ASP OD2  O N N 65  
ASP OXT  O N N 66  
ASP H    H N N 67  
ASP H2   H N N 68  
ASP HA   H N N 69  
ASP HB2  H N N 70  
ASP HB3  H N N 71  
ASP HD2  H N N 72  
ASP HXT  H N N 73  
GLN N    N N N 74  
GLN CA   C N S 75  
GLN C    C N N 76  
GLN O    O N N 77  
GLN CB   C N N 78  
GLN CG   C N N 79  
GLN CD   C N N 80  
GLN OE1  O N N 81  
GLN NE2  N N N 82  
GLN OXT  O N N 83  
GLN H    H N N 84  
GLN H2   H N N 85  
GLN HA   H N N 86  
GLN HB2  H N N 87  
GLN HB3  H N N 88  
GLN HG2  H N N 89  
GLN HG3  H N N 90  
GLN HE21 H N N 91  
GLN HE22 H N N 92  
GLN HXT  H N N 93  
GLU N    N N N 94  
GLU CA   C N S 95  
GLU C    C N N 96  
GLU O    O N N 97  
GLU CB   C N N 98  
GLU CG   C N N 99  
GLU CD   C N N 100 
GLU OE1  O N N 101 
GLU OE2  O N N 102 
GLU OXT  O N N 103 
GLU H    H N N 104 
GLU H2   H N N 105 
GLU HA   H N N 106 
GLU HB2  H N N 107 
GLU HB3  H N N 108 
GLU HG2  H N N 109 
GLU HG3  H N N 110 
GLU HE2  H N N 111 
GLU HXT  H N N 112 
GLY N    N N N 113 
GLY CA   C N N 114 
GLY C    C N N 115 
GLY O    O N N 116 
GLY OXT  O N N 117 
GLY H    H N N 118 
GLY H2   H N N 119 
GLY HA2  H N N 120 
GLY HA3  H N N 121 
GLY HXT  H N N 122 
HIS N    N N N 123 
HIS CA   C N S 124 
HIS C    C N N 125 
HIS O    O N N 126 
HIS CB   C N N 127 
HIS CG   C Y N 128 
HIS ND1  N Y N 129 
HIS CD2  C Y N 130 
HIS CE1  C Y N 131 
HIS NE2  N Y N 132 
HIS OXT  O N N 133 
HIS H    H N N 134 
HIS H2   H N N 135 
HIS HA   H N N 136 
HIS HB2  H N N 137 
HIS HB3  H N N 138 
HIS HD1  H N N 139 
HIS HD2  H N N 140 
HIS HE1  H N N 141 
HIS HE2  H N N 142 
HIS HXT  H N N 143 
HOH O    O N N 144 
HOH H1   H N N 145 
HOH H2   H N N 146 
ILE N    N N N 147 
ILE CA   C N S 148 
ILE C    C N N 149 
ILE O    O N N 150 
ILE CB   C N S 151 
ILE CG1  C N N 152 
ILE CG2  C N N 153 
ILE CD1  C N N 154 
ILE OXT  O N N 155 
ILE H    H N N 156 
ILE H2   H N N 157 
ILE HA   H N N 158 
ILE HB   H N N 159 
ILE HG12 H N N 160 
ILE HG13 H N N 161 
ILE HG21 H N N 162 
ILE HG22 H N N 163 
ILE HG23 H N N 164 
ILE HD11 H N N 165 
ILE HD12 H N N 166 
ILE HD13 H N N 167 
ILE HXT  H N N 168 
LEU N    N N N 169 
LEU CA   C N S 170 
LEU C    C N N 171 
LEU O    O N N 172 
LEU CB   C N N 173 
LEU CG   C N N 174 
LEU CD1  C N N 175 
LEU CD2  C N N 176 
LEU OXT  O N N 177 
LEU H    H N N 178 
LEU H2   H N N 179 
LEU HA   H N N 180 
LEU HB2  H N N 181 
LEU HB3  H N N 182 
LEU HG   H N N 183 
LEU HD11 H N N 184 
LEU HD12 H N N 185 
LEU HD13 H N N 186 
LEU HD21 H N N 187 
LEU HD22 H N N 188 
LEU HD23 H N N 189 
LEU HXT  H N N 190 
LYS N    N N N 191 
LYS CA   C N S 192 
LYS C    C N N 193 
LYS O    O N N 194 
LYS CB   C N N 195 
LYS CG   C N N 196 
LYS CD   C N N 197 
LYS CE   C N N 198 
LYS NZ   N N N 199 
LYS OXT  O N N 200 
LYS H    H N N 201 
LYS H2   H N N 202 
LYS HA   H N N 203 
LYS HB2  H N N 204 
LYS HB3  H N N 205 
LYS HG2  H N N 206 
LYS HG3  H N N 207 
LYS HD2  H N N 208 
LYS HD3  H N N 209 
LYS HE2  H N N 210 
LYS HE3  H N N 211 
LYS HZ1  H N N 212 
LYS HZ2  H N N 213 
LYS HZ3  H N N 214 
LYS HXT  H N N 215 
MET N    N N N 216 
MET CA   C N S 217 
MET C    C N N 218 
MET O    O N N 219 
MET CB   C N N 220 
MET CG   C N N 221 
MET SD   S N N 222 
MET CE   C N N 223 
MET OXT  O N N 224 
MET H    H N N 225 
MET H2   H N N 226 
MET HA   H N N 227 
MET HB2  H N N 228 
MET HB3  H N N 229 
MET HG2  H N N 230 
MET HG3  H N N 231 
MET HE1  H N N 232 
MET HE2  H N N 233 
MET HE3  H N N 234 
MET HXT  H N N 235 
PHE N    N N N 236 
PHE CA   C N S 237 
PHE C    C N N 238 
PHE O    O N N 239 
PHE CB   C N N 240 
PHE CG   C Y N 241 
PHE CD1  C Y N 242 
PHE CD2  C Y N 243 
PHE CE1  C Y N 244 
PHE CE2  C Y N 245 
PHE CZ   C Y N 246 
PHE OXT  O N N 247 
PHE H    H N N 248 
PHE H2   H N N 249 
PHE HA   H N N 250 
PHE HB2  H N N 251 
PHE HB3  H N N 252 
PHE HD1  H N N 253 
PHE HD2  H N N 254 
PHE HE1  H N N 255 
PHE HE2  H N N 256 
PHE HZ   H N N 257 
PHE HXT  H N N 258 
PRO N    N N N 259 
PRO CA   C N S 260 
PRO C    C N N 261 
PRO O    O N N 262 
PRO CB   C N N 263 
PRO CG   C N N 264 
PRO CD   C N N 265 
PRO OXT  O N N 266 
PRO H    H N N 267 
PRO HA   H N N 268 
PRO HB2  H N N 269 
PRO HB3  H N N 270 
PRO HG2  H N N 271 
PRO HG3  H N N 272 
PRO HD2  H N N 273 
PRO HD3  H N N 274 
PRO HXT  H N N 275 
SER N    N N N 276 
SER CA   C N S 277 
SER C    C N N 278 
SER O    O N N 279 
SER CB   C N N 280 
SER OG   O N N 281 
SER OXT  O N N 282 
SER H    H N N 283 
SER H2   H N N 284 
SER HA   H N N 285 
SER HB2  H N N 286 
SER HB3  H N N 287 
SER HG   H N N 288 
SER HXT  H N N 289 
THR N    N N N 290 
THR CA   C N S 291 
THR C    C N N 292 
THR O    O N N 293 
THR CB   C N R 294 
THR OG1  O N N 295 
THR CG2  C N N 296 
THR OXT  O N N 297 
THR H    H N N 298 
THR H2   H N N 299 
THR HA   H N N 300 
THR HB   H N N 301 
THR HG1  H N N 302 
THR HG21 H N N 303 
THR HG22 H N N 304 
THR HG23 H N N 305 
THR HXT  H N N 306 
TRP N    N N N 307 
TRP CA   C N S 308 
TRP C    C N N 309 
TRP O    O N N 310 
TRP CB   C N N 311 
TRP CG   C Y N 312 
TRP CD1  C Y N 313 
TRP CD2  C Y N 314 
TRP NE1  N Y N 315 
TRP CE2  C Y N 316 
TRP CE3  C Y N 317 
TRP CZ2  C Y N 318 
TRP CZ3  C Y N 319 
TRP CH2  C Y N 320 
TRP OXT  O N N 321 
TRP H    H N N 322 
TRP H2   H N N 323 
TRP HA   H N N 324 
TRP HB2  H N N 325 
TRP HB3  H N N 326 
TRP HD1  H N N 327 
TRP HE1  H N N 328 
TRP HE3  H N N 329 
TRP HZ2  H N N 330 
TRP HZ3  H N N 331 
TRP HH2  H N N 332 
TRP HXT  H N N 333 
VAL N    N N N 334 
VAL CA   C N S 335 
VAL C    C N N 336 
VAL O    O N N 337 
VAL CB   C N N 338 
VAL CG1  C N N 339 
VAL CG2  C N N 340 
VAL OXT  O N N 341 
VAL H    H N N 342 
VAL H2   H N N 343 
VAL HA   H N N 344 
VAL HB   H N N 345 
VAL HG11 H N N 346 
VAL HG12 H N N 347 
VAL HG13 H N N 348 
VAL HG21 H N N 349 
VAL HG22 H N N 350 
VAL HG23 H N N 351 
VAL HXT  H N N 352 
# 
loop_
_chem_comp_bond.comp_id 
_chem_comp_bond.atom_id_1 
_chem_comp_bond.atom_id_2 
_chem_comp_bond.value_order 
_chem_comp_bond.pdbx_aromatic_flag 
_chem_comp_bond.pdbx_stereo_config 
_chem_comp_bond.pdbx_ordinal 
ALA N   CA   sing N N 1   
ALA N   H    sing N N 2   
ALA N   H2   sing N N 3   
ALA CA  C    sing N N 4   
ALA CA  CB   sing N N 5   
ALA CA  HA   sing N N 6   
ALA C   O    doub N N 7   
ALA C   OXT  sing N N 8   
ALA CB  HB1  sing N N 9   
ALA CB  HB2  sing N N 10  
ALA CB  HB3  sing N N 11  
ALA OXT HXT  sing N N 12  
ARG N   CA   sing N N 13  
ARG N   H    sing N N 14  
ARG N   H2   sing N N 15  
ARG CA  C    sing N N 16  
ARG CA  CB   sing N N 17  
ARG CA  HA   sing N N 18  
ARG C   O    doub N N 19  
ARG C   OXT  sing N N 20  
ARG CB  CG   sing N N 21  
ARG CB  HB2  sing N N 22  
ARG CB  HB3  sing N N 23  
ARG CG  CD   sing N N 24  
ARG CG  HG2  sing N N 25  
ARG CG  HG3  sing N N 26  
ARG CD  NE   sing N N 27  
ARG CD  HD2  sing N N 28  
ARG CD  HD3  sing N N 29  
ARG NE  CZ   sing N N 30  
ARG NE  HE   sing N N 31  
ARG CZ  NH1  sing N N 32  
ARG CZ  NH2  doub N N 33  
ARG NH1 HH11 sing N N 34  
ARG NH1 HH12 sing N N 35  
ARG NH2 HH21 sing N N 36  
ARG NH2 HH22 sing N N 37  
ARG OXT HXT  sing N N 38  
ASN N   CA   sing N N 39  
ASN N   H    sing N N 40  
ASN N   H2   sing N N 41  
ASN CA  C    sing N N 42  
ASN CA  CB   sing N N 43  
ASN CA  HA   sing N N 44  
ASN C   O    doub N N 45  
ASN C   OXT  sing N N 46  
ASN CB  CG   sing N N 47  
ASN CB  HB2  sing N N 48  
ASN CB  HB3  sing N N 49  
ASN CG  OD1  doub N N 50  
ASN CG  ND2  sing N N 51  
ASN ND2 HD21 sing N N 52  
ASN ND2 HD22 sing N N 53  
ASN OXT HXT  sing N N 54  
ASP N   CA   sing N N 55  
ASP N   H    sing N N 56  
ASP N   H2   sing N N 57  
ASP CA  C    sing N N 58  
ASP CA  CB   sing N N 59  
ASP CA  HA   sing N N 60  
ASP C   O    doub N N 61  
ASP C   OXT  sing N N 62  
ASP CB  CG   sing N N 63  
ASP CB  HB2  sing N N 64  
ASP CB  HB3  sing N N 65  
ASP CG  OD1  doub N N 66  
ASP CG  OD2  sing N N 67  
ASP OD2 HD2  sing N N 68  
ASP OXT HXT  sing N N 69  
GLN N   CA   sing N N 70  
GLN N   H    sing N N 71  
GLN N   H2   sing N N 72  
GLN CA  C    sing N N 73  
GLN CA  CB   sing N N 74  
GLN CA  HA   sing N N 75  
GLN C   O    doub N N 76  
GLN C   OXT  sing N N 77  
GLN CB  CG   sing N N 78  
GLN CB  HB2  sing N N 79  
GLN CB  HB3  sing N N 80  
GLN CG  CD   sing N N 81  
GLN CG  HG2  sing N N 82  
GLN CG  HG3  sing N N 83  
GLN CD  OE1  doub N N 84  
GLN CD  NE2  sing N N 85  
GLN NE2 HE21 sing N N 86  
GLN NE2 HE22 sing N N 87  
GLN OXT HXT  sing N N 88  
GLU N   CA   sing N N 89  
GLU N   H    sing N N 90  
GLU N   H2   sing N N 91  
GLU CA  C    sing N N 92  
GLU CA  CB   sing N N 93  
GLU CA  HA   sing N N 94  
GLU C   O    doub N N 95  
GLU C   OXT  sing N N 96  
GLU CB  CG   sing N N 97  
GLU CB  HB2  sing N N 98  
GLU CB  HB3  sing N N 99  
GLU CG  CD   sing N N 100 
GLU CG  HG2  sing N N 101 
GLU CG  HG3  sing N N 102 
GLU CD  OE1  doub N N 103 
GLU CD  OE2  sing N N 104 
GLU OE2 HE2  sing N N 105 
GLU OXT HXT  sing N N 106 
GLY N   CA   sing N N 107 
GLY N   H    sing N N 108 
GLY N   H2   sing N N 109 
GLY CA  C    sing N N 110 
GLY CA  HA2  sing N N 111 
GLY CA  HA3  sing N N 112 
GLY C   O    doub N N 113 
GLY C   OXT  sing N N 114 
GLY OXT HXT  sing N N 115 
HIS N   CA   sing N N 116 
HIS N   H    sing N N 117 
HIS N   H2   sing N N 118 
HIS CA  C    sing N N 119 
HIS CA  CB   sing N N 120 
HIS CA  HA   sing N N 121 
HIS C   O    doub N N 122 
HIS C   OXT  sing N N 123 
HIS CB  CG   sing N N 124 
HIS CB  HB2  sing N N 125 
HIS CB  HB3  sing N N 126 
HIS CG  ND1  sing Y N 127 
HIS CG  CD2  doub Y N 128 
HIS ND1 CE1  doub Y N 129 
HIS ND1 HD1  sing N N 130 
HIS CD2 NE2  sing Y N 131 
HIS CD2 HD2  sing N N 132 
HIS CE1 NE2  sing Y N 133 
HIS CE1 HE1  sing N N 134 
HIS NE2 HE2  sing N N 135 
HIS OXT HXT  sing N N 136 
HOH O   H1   sing N N 137 
HOH O   H2   sing N N 138 
ILE N   CA   sing N N 139 
ILE N   H    sing N N 140 
ILE N   H2   sing N N 141 
ILE CA  C    sing N N 142 
ILE CA  CB   sing N N 143 
ILE CA  HA   sing N N 144 
ILE C   O    doub N N 145 
ILE C   OXT  sing N N 146 
ILE CB  CG1  sing N N 147 
ILE CB  CG2  sing N N 148 
ILE CB  HB   sing N N 149 
ILE CG1 CD1  sing N N 150 
ILE CG1 HG12 sing N N 151 
ILE CG1 HG13 sing N N 152 
ILE CG2 HG21 sing N N 153 
ILE CG2 HG22 sing N N 154 
ILE CG2 HG23 sing N N 155 
ILE CD1 HD11 sing N N 156 
ILE CD1 HD12 sing N N 157 
ILE CD1 HD13 sing N N 158 
ILE OXT HXT  sing N N 159 
LEU N   CA   sing N N 160 
LEU N   H    sing N N 161 
LEU N   H2   sing N N 162 
LEU CA  C    sing N N 163 
LEU CA  CB   sing N N 164 
LEU CA  HA   sing N N 165 
LEU C   O    doub N N 166 
LEU C   OXT  sing N N 167 
LEU CB  CG   sing N N 168 
LEU CB  HB2  sing N N 169 
LEU CB  HB3  sing N N 170 
LEU CG  CD1  sing N N 171 
LEU CG  CD2  sing N N 172 
LEU CG  HG   sing N N 173 
LEU CD1 HD11 sing N N 174 
LEU CD1 HD12 sing N N 175 
LEU CD1 HD13 sing N N 176 
LEU CD2 HD21 sing N N 177 
LEU CD2 HD22 sing N N 178 
LEU CD2 HD23 sing N N 179 
LEU OXT HXT  sing N N 180 
LYS N   CA   sing N N 181 
LYS N   H    sing N N 182 
LYS N   H2   sing N N 183 
LYS CA  C    sing N N 184 
LYS CA  CB   sing N N 185 
LYS CA  HA   sing N N 186 
LYS C   O    doub N N 187 
LYS C   OXT  sing N N 188 
LYS CB  CG   sing N N 189 
LYS CB  HB2  sing N N 190 
LYS CB  HB3  sing N N 191 
LYS CG  CD   sing N N 192 
LYS CG  HG2  sing N N 193 
LYS CG  HG3  sing N N 194 
LYS CD  CE   sing N N 195 
LYS CD  HD2  sing N N 196 
LYS CD  HD3  sing N N 197 
LYS CE  NZ   sing N N 198 
LYS CE  HE2  sing N N 199 
LYS CE  HE3  sing N N 200 
LYS NZ  HZ1  sing N N 201 
LYS NZ  HZ2  sing N N 202 
LYS NZ  HZ3  sing N N 203 
LYS OXT HXT  sing N N 204 
MET N   CA   sing N N 205 
MET N   H    sing N N 206 
MET N   H2   sing N N 207 
MET CA  C    sing N N 208 
MET CA  CB   sing N N 209 
MET CA  HA   sing N N 210 
MET C   O    doub N N 211 
MET C   OXT  sing N N 212 
MET CB  CG   sing N N 213 
MET CB  HB2  sing N N 214 
MET CB  HB3  sing N N 215 
MET CG  SD   sing N N 216 
MET CG  HG2  sing N N 217 
MET CG  HG3  sing N N 218 
MET SD  CE   sing N N 219 
MET CE  HE1  sing N N 220 
MET CE  HE2  sing N N 221 
MET CE  HE3  sing N N 222 
MET OXT HXT  sing N N 223 
PHE N   CA   sing N N 224 
PHE N   H    sing N N 225 
PHE N   H2   sing N N 226 
PHE CA  C    sing N N 227 
PHE CA  CB   sing N N 228 
PHE CA  HA   sing N N 229 
PHE C   O    doub N N 230 
PHE C   OXT  sing N N 231 
PHE CB  CG   sing N N 232 
PHE CB  HB2  sing N N 233 
PHE CB  HB3  sing N N 234 
PHE CG  CD1  doub Y N 235 
PHE CG  CD2  sing Y N 236 
PHE CD1 CE1  sing Y N 237 
PHE CD1 HD1  sing N N 238 
PHE CD2 CE2  doub Y N 239 
PHE CD2 HD2  sing N N 240 
PHE CE1 CZ   doub Y N 241 
PHE CE1 HE1  sing N N 242 
PHE CE2 CZ   sing Y N 243 
PHE CE2 HE2  sing N N 244 
PHE CZ  HZ   sing N N 245 
PHE OXT HXT  sing N N 246 
PRO N   CA   sing N N 247 
PRO N   CD   sing N N 248 
PRO N   H    sing N N 249 
PRO CA  C    sing N N 250 
PRO CA  CB   sing N N 251 
PRO CA  HA   sing N N 252 
PRO C   O    doub N N 253 
PRO C   OXT  sing N N 254 
PRO CB  CG   sing N N 255 
PRO CB  HB2  sing N N 256 
PRO CB  HB3  sing N N 257 
PRO CG  CD   sing N N 258 
PRO CG  HG2  sing N N 259 
PRO CG  HG3  sing N N 260 
PRO CD  HD2  sing N N 261 
PRO CD  HD3  sing N N 262 
PRO OXT HXT  sing N N 263 
SER N   CA   sing N N 264 
SER N   H    sing N N 265 
SER N   H2   sing N N 266 
SER CA  C    sing N N 267 
SER CA  CB   sing N N 268 
SER CA  HA   sing N N 269 
SER C   O    doub N N 270 
SER C   OXT  sing N N 271 
SER CB  OG   sing N N 272 
SER CB  HB2  sing N N 273 
SER CB  HB3  sing N N 274 
SER OG  HG   sing N N 275 
SER OXT HXT  sing N N 276 
THR N   CA   sing N N 277 
THR N   H    sing N N 278 
THR N   H2   sing N N 279 
THR CA  C    sing N N 280 
THR CA  CB   sing N N 281 
THR CA  HA   sing N N 282 
THR C   O    doub N N 283 
THR C   OXT  sing N N 284 
THR CB  OG1  sing N N 285 
THR CB  CG2  sing N N 286 
THR CB  HB   sing N N 287 
THR OG1 HG1  sing N N 288 
THR CG2 HG21 sing N N 289 
THR CG2 HG22 sing N N 290 
THR CG2 HG23 sing N N 291 
THR OXT HXT  sing N N 292 
TRP N   CA   sing N N 293 
TRP N   H    sing N N 294 
TRP N   H2   sing N N 295 
TRP CA  C    sing N N 296 
TRP CA  CB   sing N N 297 
TRP CA  HA   sing N N 298 
TRP C   O    doub N N 299 
TRP C   OXT  sing N N 300 
TRP CB  CG   sing N N 301 
TRP CB  HB2  sing N N 302 
TRP CB  HB3  sing N N 303 
TRP CG  CD1  doub Y N 304 
TRP CG  CD2  sing Y N 305 
TRP CD1 NE1  sing Y N 306 
TRP CD1 HD1  sing N N 307 
TRP CD2 CE2  doub Y N 308 
TRP CD2 CE3  sing Y N 309 
TRP NE1 CE2  sing Y N 310 
TRP NE1 HE1  sing N N 311 
TRP CE2 CZ2  sing Y N 312 
TRP CE3 CZ3  doub Y N 313 
TRP CE3 HE3  sing N N 314 
TRP CZ2 CH2  doub Y N 315 
TRP CZ2 HZ2  sing N N 316 
TRP CZ3 CH2  sing Y N 317 
TRP CZ3 HZ3  sing N N 318 
TRP CH2 HH2  sing N N 319 
TRP OXT HXT  sing N N 320 
VAL N   CA   sing N N 321 
VAL N   H    sing N N 322 
VAL N   H2   sing N N 323 
VAL CA  C    sing N N 324 
VAL CA  CB   sing N N 325 
VAL CA  HA   sing N N 326 
VAL C   O    doub N N 327 
VAL C   OXT  sing N N 328 
VAL CB  CG1  sing N N 329 
VAL CB  CG2  sing N N 330 
VAL CB  HB   sing N N 331 
VAL CG1 HG11 sing N N 332 
VAL CG1 HG12 sing N N 333 
VAL CG1 HG13 sing N N 334 
VAL CG2 HG21 sing N N 335 
VAL CG2 HG22 sing N N 336 
VAL CG2 HG23 sing N N 337 
VAL OXT HXT  sing N N 338 
# 
_pdbx_audit_support.funding_organization   'Spanish Ministry of Economy and Competitiveness' 
_pdbx_audit_support.country                Spain 
_pdbx_audit_support.grant_number           'BFU2015-66417-P (MINECO/FEDER)' 
_pdbx_audit_support.ordinal                1 
# 
_atom_sites.entry_id                    7VIM 
_atom_sites.Cartn_transf_matrix[1][1]   ? 
_atom_sites.Cartn_transf_matrix[1][2]   ? 
_atom_sites.Cartn_transf_matrix[1][3]   ? 
_atom_sites.Cartn_transf_matrix[2][1]   ? 
_atom_sites.Cartn_transf_matrix[2][2]   ? 
_atom_sites.Cartn_transf_matrix[2][3]   ? 
_atom_sites.Cartn_transf_matrix[3][1]   ? 
_atom_sites.Cartn_transf_matrix[3][2]   ? 
_atom_sites.Cartn_transf_matrix[3][3]   ? 
_atom_sites.Cartn_transf_vector[1]      ? 
_atom_sites.Cartn_transf_vector[2]      ? 
_atom_sites.Cartn_transf_vector[3]      ? 
_atom_sites.fract_transf_matrix[1][1]   0.02441624 
_atom_sites.fract_transf_matrix[1][2]   -0.00487806 
_atom_sites.fract_transf_matrix[1][3]   0.00581157 
_atom_sites.fract_transf_matrix[2][1]   0.00196436 
_atom_sites.fract_transf_matrix[2][2]   -0.00811709 
_atom_sites.fract_transf_matrix[2][3]   -0.01506616 
_atom_sites.fract_transf_matrix[3][1]   0.00338054 
_atom_sites.fract_transf_matrix[3][2]   0.01062559 
_atom_sites.fract_transf_matrix[3][3]   -0.00528391 
_atom_sites.fract_transf_vector[1]      -0.102880 
_atom_sites.fract_transf_vector[2]      0.179055 
_atom_sites.fract_transf_vector[3]      -0.167681 
_atom_sites.solution_primary            ? 
_atom_sites.solution_secondary          ? 
_atom_sites.solution_hydrogens          ? 
_atom_sites.special_details             ? 
# 
loop_
_atom_type.symbol 
C 
N 
O 
S 
# 
loop_
_atom_site.group_PDB 
_atom_site.id 
_atom_site.type_symbol 
_atom_site.label_atom_id 
_atom_site.label_alt_id 
_atom_site.label_comp_id 
_atom_site.label_asym_id 
_atom_site.label_entity_id 
_atom_site.label_seq_id 
_atom_site.pdbx_PDB_ins_code 
_atom_site.Cartn_x 
_atom_site.Cartn_y 
_atom_site.Cartn_z 
_atom_site.occupancy 
_atom_site.B_iso_or_equiv 
_atom_site.pdbx_formal_charge 
_atom_site.auth_seq_id 
_atom_site.auth_comp_id 
_atom_site.auth_asym_id 
_atom_site.auth_atom_id 
_atom_site.pdbx_PDB_model_num 
ATOM   1    N N   . GLU A 1 7  ? 2.576   -7.769  5.009   1.00 71.64 ? 149 GLU A N   1 
ATOM   2    C CA  . GLU A 1 7  ? 2.521   -9.255  5.048   1.00 72.59 ? 149 GLU A CA  1 
ATOM   3    C C   . GLU A 1 7  ? 1.283   -9.736  4.283   1.00 69.32 ? 149 GLU A C   1 
ATOM   4    O O   . GLU A 1 7  ? 1.159   -10.957 4.070   1.00 71.82 ? 149 GLU A O   1 
ATOM   5    C CB  . GLU A 1 7  ? 2.496   -9.752  6.495   1.00 80.48 ? 149 GLU A CB  1 
ATOM   6    C CG  . GLU A 1 7  ? 1.990   -11.176 6.635   1.00 82.91 ? 149 GLU A CG  1 
ATOM   7    C CD  . GLU A 1 7  ? 2.055   -11.736 8.045   1.00 88.01 ? 149 GLU A CD  1 
ATOM   8    O OE1 . GLU A 1 7  ? 1.268   -12.653 8.353   1.00 87.87 ? 149 GLU A OE1 1 
ATOM   9    O OE2 . GLU A 1 7  ? 2.890   -11.253 8.834   1.00 89.07 ? 149 GLU A OE2 1 
ATOM   10   N N   . PRO A 1 8  ? 0.367   -8.836  3.860   1.00 65.03 ? 150 PRO A N   1 
ATOM   11   C CA  . PRO A 1 8  ? -0.836  -9.241  3.125   1.00 66.61 ? 150 PRO A CA  1 
ATOM   12   C C   . PRO A 1 8  ? -0.475  -9.857  1.766   1.00 65.78 ? 150 PRO A C   1 
ATOM   13   O O   . PRO A 1 8  ? 0.411   -9.343  1.110   1.00 62.50 ? 150 PRO A O   1 
ATOM   14   C CB  . PRO A 1 8  ? -1.613  -7.929  2.934   1.00 60.22 ? 150 PRO A CB  1 
ATOM   15   C CG  . PRO A 1 8  ? -0.559  -6.850  3.051   1.00 62.82 ? 150 PRO A CG  1 
ATOM   16   C CD  . PRO A 1 8  ? 0.442   -7.388  4.053   1.00 63.31 ? 150 PRO A CD  1 
ATOM   17   N N   . PRO A 1 9  ? -1.147  -10.946 1.333   1.00 64.44 ? 151 PRO A N   1 
ATOM   18   C CA  . PRO A 1 9  ? -0.848  -11.585 0.049   1.00 58.12 ? 151 PRO A CA  1 
ATOM   19   C C   . PRO A 1 9  ? -1.391  -10.762 -1.128  1.00 50.29 ? 151 PRO A C   1 
ATOM   20   O O   . PRO A 1 9  ? -2.591  -10.606 -1.226  1.00 58.88 ? 151 PRO A O   1 
ATOM   21   C CB  . PRO A 1 9  ? -1.598  -12.919 0.145   1.00 57.45 ? 151 PRO A CB  1 
ATOM   22   C CG  . PRO A 1 9  ? -2.775  -12.607 1.040   1.00 58.98 ? 151 PRO A CG  1 
ATOM   23   C CD  . PRO A 1 9  ? -2.236  -11.615 2.050   1.00 65.10 ? 151 PRO A CD  1 
ATOM   24   N N   . LEU A 1 10 ? -0.490  -10.261 -1.978  1.00 49.23 ? 152 LEU A N   1 
ATOM   25   C CA  . LEU A 1 10 ? -0.877  -9.462  -3.147  1.00 44.04 ? 152 LEU A CA  1 
ATOM   26   C C   . LEU A 1 10 ? -0.263  -10.061 -4.391  1.00 40.46 ? 152 LEU A C   1 
ATOM   27   O O   . LEU A 1 10 ? 0.837   -10.629 -4.347  1.00 41.74 ? 152 LEU A O   1 
ATOM   28   C CB  . LEU A 1 10 ? -0.378  -8.025  -3.009  1.00 41.35 ? 152 LEU A CB  1 
ATOM   29   C CG  . LEU A 1 10 ? -0.977  -7.132  -1.914  1.00 46.50 ? 152 LEU A CG  1 
ATOM   30   C CD1 . LEU A 1 10 ? -0.346  -5.739  -1.949  1.00 38.87 ? 152 LEU A CD1 1 
ATOM   31   C CD2 . LEU A 1 10 ? -2.487  -7.043  -2.072  1.00 44.07 ? 152 LEU A CD2 1 
ATOM   32   N N   . THR A 1 11 ? -0.952  -9.942  -5.515  1.00 39.56 ? 153 THR A N   1 
ATOM   33   C CA  . THR A 1 11 ? -0.315  -10.321 -6.763  1.00 35.38 ? 153 THR A CA  1 
ATOM   34   C C   . THR A 1 11 ? 0.691   -9.246  -7.151  1.00 33.04 ? 153 THR A C   1 
ATOM   35   O O   . THR A 1 11 ? 0.673   -8.141  -6.604  1.00 32.50 ? 153 THR A O   1 
ATOM   36   C CB  . THR A 1 11 ? -1.326  -10.539 -7.882  1.00 36.98 ? 153 THR A CB  1 
ATOM   37   O OG1 . THR A 1 11 ? -1.948  -9.293  -8.218  1.00 34.80 ? 153 THR A OG1 1 
ATOM   38   C CG2 . THR A 1 11 ? -2.380  -11.540 -7.423  1.00 43.53 ? 153 THR A CG2 1 
ATOM   39   N N   . LEU A 1 12 ? 1.588   -9.577  -8.074  1.00 34.32 ? 154 LEU A N   1 
ATOM   40   C CA  . LEU A 1 12 ? 2.555   -8.596  -8.551  1.00 33.00 ? 154 LEU A CA  1 
ATOM   41   C C   . LEU A 1 12 ? 1.817   -7.421  -9.167  1.00 31.38 ? 154 LEU A C   1 
ATOM   42   O O   . LEU A 1 12 ? 2.201   -6.271  -8.977  1.00 28.80 ? 154 LEU A O   1 
ATOM   43   C CB  . LEU A 1 12 ? 3.497   -9.230  -9.574  1.00 33.05 ? 154 LEU A CB  1 
ATOM   44   C CG  . LEU A 1 12 ? 4.330   -10.368 -8.986  1.00 33.75 ? 154 LEU A CG  1 
ATOM   45   C CD1 . LEU A 1 12 ? 5.143   -11.070 -10.079 1.00 37.23 ? 154 LEU A CD1 1 
ATOM   46   C CD2 . LEU A 1 12 ? 5.234   -9.801  -7.908  1.00 29.46 ? 154 LEU A CD2 1 
ATOM   47   N N   . ARG A 1 13 ? 0.741   -7.726  -9.892  1.00 33.20 ? 155 ARG A N   1 
ATOM   48   C CA  . ARG A 1 13 ? -0.055  -6.706  -10.575 1.00 35.10 ? 155 ARG A CA  1 
ATOM   49   C C   . ARG A 1 13 ? -0.714  -5.778  -9.555  1.00 32.97 ? 155 ARG A C   1 
ATOM   50   O O   . ARG A 1 13 ? -0.762  -4.553  -9.741  1.00 30.86 ? 155 ARG A O   1 
ATOM   51   C CB  . ARG A 1 13 ? -1.061  -7.387  -11.537 1.00 35.27 ? 155 ARG A CB  1 
ATOM   52   C CG  . ARG A 1 13 ? -2.165  -6.528  -12.157 1.00 41.12 ? 155 ARG A CG  1 
ATOM   53   C CD  . ARG A 1 13 ? -1.717  -5.194  -12.809 1.00 44.89 ? 155 ARG A CD  1 
ATOM   54   N NE  . ARG A 1 13 ? -0.581  -5.254  -13.740 1.00 48.64 ? 155 ARG A NE  1 
ATOM   55   C CZ  . ARG A 1 13 ? -0.668  -5.486  -15.053 1.00 48.21 ? 155 ARG A CZ  1 
ATOM   56   N NH1 . ARG A 1 13 ? -1.845  -5.734  -15.616 1.00 47.47 ? 155 ARG A NH1 1 
ATOM   57   N NH2 . ARG A 1 13 ? 0.437   -5.485  -15.799 1.00 42.09 ? 155 ARG A NH2 1 
ATOM   58   N N   . GLU A 1 14 ? -1.194  -6.353  -8.456  1.00 31.29 ? 156 GLU A N   1 
ATOM   59   C CA  . GLU A 1 14 ? -1.741  -5.529  -7.374  1.00 37.05 ? 156 GLU A CA  1 
ATOM   60   C C   . GLU A 1 14 ? -0.668  -4.652  -6.710  1.00 29.64 ? 156 GLU A C   1 
ATOM   61   O O   . GLU A 1 14 ? -0.929  -3.507  -6.366  1.00 27.30 ? 156 GLU A O   1 
ATOM   62   C CB  . GLU A 1 14 ? -2.463  -6.389  -6.324  1.00 37.98 ? 156 GLU A CB  1 
ATOM   63   C CG  . GLU A 1 14 ? -3.760  -6.993  -6.821  1.00 41.69 ? 156 GLU A CG  1 
ATOM   64   C CD  . GLU A 1 14 ? -4.327  -8.042  -5.867  1.00 48.96 ? 156 GLU A CD  1 
ATOM   65   O OE1 . GLU A 1 14 ? -3.557  -8.591  -5.037  1.00 47.27 ? 156 GLU A OE1 1 
ATOM   66   O OE2 . GLU A 1 14 ? -5.545  -8.318  -5.952  1.00 51.61 ? 156 GLU A OE2 1 
ATOM   67   N N   . ARG A 1 15 ? 0.527   -5.206  -6.528  1.00 27.45 ? 157 ARG A N   1 
ATOM   68   C CA  . ARG A 1 15 ? 1.653   -4.431  -5.982  1.00 32.65 ? 157 ARG A CA  1 
ATOM   69   C C   . ARG A 1 15 ? 1.976   -3.225  -6.861  1.00 26.37 ? 157 ARG A C   1 
ATOM   70   O O   . ARG A 1 15 ? 2.245   -2.139  -6.358  1.00 30.77 ? 157 ARG A O   1 
ATOM   71   C CB  . ARG A 1 15 ? 2.893   -5.334  -5.775  1.00 28.77 ? 157 ARG A CB  1 
ATOM   72   C CG  . ARG A 1 15 ? 2.578   -6.527  -4.866  1.00 35.83 ? 157 ARG A CG  1 
ATOM   73   C CD  . ARG A 1 15 ? 3.699   -7.513  -4.707  1.00 32.63 ? 157 ARG A CD  1 
ATOM   74   N NE  . ARG A 1 15 ? 4.561   -7.085  -3.625  1.00 47.37 ? 157 ARG A NE  1 
ATOM   75   C CZ  . ARG A 1 15 ? 4.790   -7.777  -2.518  1.00 39.03 ? 157 ARG A CZ  1 
ATOM   76   N NH1 . ARG A 1 15 ? 4.237   -8.968  -2.338  1.00 35.14 ? 157 ARG A NH1 1 
ATOM   77   N NH2 . ARG A 1 15 ? 5.600   -7.267  -1.607  1.00 38.97 ? 157 ARG A NH2 1 
ATOM   78   N N   . GLN A 1 16 ? 1.922   -3.434  -8.172  1.00 28.73 ? 158 GLN A N   1 
ATOM   79   C CA  . GLN A 1 16 ? 2.246   -2.421  -9.169  1.00 33.04 ? 158 GLN A CA  1 
ATOM   80   C C   . GLN A 1 16 ? 1.230   -1.296  -9.121  1.00 33.91 ? 158 GLN A C   1 
ATOM   81   O O   . GLN A 1 16 ? 1.585   -0.109  -9.145  1.00 33.22 ? 158 GLN A O   1 
ATOM   82   C CB  . GLN A 1 16 ? 2.259   -3.053  -10.558 1.00 30.12 ? 158 GLN A CB  1 
ATOM   83   C CG  . GLN A 1 16 ? 2.537   -2.069  -11.687 1.00 34.88 ? 158 GLN A CG  1 
ATOM   84   C CD  . GLN A 1 16 ? 2.394   -2.712  -13.069 1.00 34.69 ? 158 GLN A CD  1 
ATOM   85   O OE1 . GLN A 1 16 ? 1.685   -3.701  -13.231 1.00 37.39 ? 158 GLN A OE1 1 
ATOM   86   N NE2 . GLN A 1 16 ? 3.068   -2.149  -14.061 1.00 30.89 ? 158 GLN A NE2 1 
ATOM   87   N N   . ILE A 1 17 ? -0.040  -1.680  -9.040  1.00 30.08 ? 159 ILE A N   1 
ATOM   88   C CA  . ILE A 1 17 ? -1.116  -0.706  -8.928  1.00 34.15 ? 159 ILE A CA  1 
ATOM   89   C C   . ILE A 1 17 ? -1.034  0.034   -7.588  1.00 35.58 ? 159 ILE A C   1 
ATOM   90   O O   . ILE A 1 17 ? -1.188  1.259   -7.540  1.00 34.90 ? 159 ILE A O   1 
ATOM   91   C CB  . ILE A 1 17 ? -2.500  -1.370  -9.184  1.00 36.23 ? 159 ILE A CB  1 
ATOM   92   C CG1 . ILE A 1 17 ? -2.749  -1.448  -10.695 1.00 33.94 ? 159 ILE A CG1 1 
ATOM   93   C CG2 . ILE A 1 17 ? -3.621  -0.602  -8.518  1.00 33.87 ? 159 ILE A CG2 1 
ATOM   94   C CD1 . ILE A 1 17 ? -3.523  -2.650  -11.120 1.00 38.31 ? 159 ILE A CD1 1 
ATOM   95   N N   . LEU A 1 18 ? -0.740  -0.708  -6.519  1.00 32.37 ? 160 LEU A N   1 
ATOM   96   C CA  . LEU A 1 18 ? -0.510  -0.107  -5.212  1.00 32.92 ? 160 LEU A CA  1 
ATOM   97   C C   . LEU A 1 18 ? 0.657   0.890   -5.255  1.00 35.20 ? 160 LEU A C   1 
ATOM   98   O O   . LEU A 1 18 ? 0.557   1.996   -4.709  1.00 32.15 ? 160 LEU A O   1 
ATOM   99   C CB  . LEU A 1 18 ? -0.270  -1.169  -4.131  1.00 29.00 ? 160 LEU A CB  1 
ATOM   100  C CG  . LEU A 1 18 ? -0.031  -0.534  -2.763  1.00 33.50 ? 160 LEU A CG  1 
ATOM   101  C CD1 . LEU A 1 18 ? -1.270  0.256   -2.317  1.00 32.76 ? 160 LEU A CD1 1 
ATOM   102  C CD2 . LEU A 1 18 ? 0.374   -1.570  -1.724  1.00 36.77 ? 160 LEU A CD2 1 
ATOM   103  N N   . LYS A 1 19 ? 1.748   0.494   -5.913  1.00 33.80 ? 161 LYS A N   1 
ATOM   104  C CA  . LYS A 1 19 ? 2.868   1.408   -6.152  1.00 34.36 ? 161 LYS A CA  1 
ATOM   105  C C   . LYS A 1 19 ? 2.406   2.681   -6.871  1.00 38.10 ? 161 LYS A C   1 
ATOM   106  O O   . LYS A 1 19 ? 2.759   3.789   -6.484  1.00 37.03 ? 161 LYS A O   1 
ATOM   107  C CB  . LYS A 1 19 ? 3.958   0.714   -6.965  1.00 33.15 ? 161 LYS A CB  1 
ATOM   108  C CG  . LYS A 1 19 ? 5.064   1.628   -7.543  1.00 38.72 ? 161 LYS A CG  1 
ATOM   109  C CD  . LYS A 1 19 ? 6.101   2.068   -6.488  1.00 36.50 ? 161 LYS A CD  1 
ATOM   110  C CE  . LYS A 1 19 ? 7.373   2.603   -7.158  1.00 43.75 ? 161 LYS A CE  1 
ATOM   111  N NZ  . LYS A 1 19 ? 8.294   3.318   -6.216  1.00 47.61 ? 161 LYS A NZ  1 
ATOM   112  N N   . LEU A 1 20 ? 1.605   2.517   -7.917  1.00 35.56 ? 162 LEU A N   1 
ATOM   113  C CA  . LEU A 1 20 ? 1.169   3.672   -8.697  1.00 40.69 ? 162 LEU A CA  1 
ATOM   114  C C   . LEU A 1 20 ? 0.175   4.553   -7.921  1.00 38.72 ? 162 LEU A C   1 
ATOM   115  O O   . LEU A 1 20 ? 0.257   5.780   -7.961  1.00 34.93 ? 162 LEU A O   1 
ATOM   116  C CB  . LEU A 1 20 ? 0.640   3.229   -10.072 1.00 34.79 ? 162 LEU A CB  1 
ATOM   117  C CG  . LEU A 1 20 ? 1.744   2.582   -10.915 1.00 36.85 ? 162 LEU A CG  1 
ATOM   118  C CD1 . LEU A 1 20 ? 1.181   1.808   -12.094 1.00 35.99 ? 162 LEU A CD1 1 
ATOM   119  C CD2 . LEU A 1 20 ? 2.753   3.631   -11.397 1.00 37.35 ? 162 LEU A CD2 1 
ATOM   120  N N   . VAL A 1 21 ? -0.735  3.922   -7.182  1.00 36.68 ? 163 VAL A N   1 
ATOM   121  C CA  . VAL A 1 21 ? -1.664  4.674   -6.338  1.00 39.27 ? 163 VAL A CA  1 
ATOM   122  C C   . VAL A 1 21 ? -0.915  5.478   -5.264  1.00 41.19 ? 163 VAL A C   1 
ATOM   123  O O   . VAL A 1 21 ? -1.233  6.639   -5.005  1.00 39.27 ? 163 VAL A O   1 
ATOM   124  C CB  . VAL A 1 21 ? -2.727  3.760   -5.666  1.00 40.27 ? 163 VAL A CB  1 
ATOM   125  C CG1 . VAL A 1 21 ? -3.597  4.567   -4.701  1.00 37.52 ? 163 VAL A CG1 1 
ATOM   126  C CG2 . VAL A 1 21 ? -3.585  3.076   -6.718  1.00 34.37 ? 163 VAL A CG2 1 
ATOM   127  N N   . ALA A 1 22 ? 0.093   4.863   -4.655  1.00 38.13 ? 164 ALA A N   1 
ATOM   128  C CA  . ALA A 1 22 ? 0.868   5.543   -3.624  1.00 38.18 ? 164 ALA A CA  1 
ATOM   129  C C   . ALA A 1 22 ? 1.693   6.702   -4.178  1.00 37.90 ? 164 ALA A C   1 
ATOM   130  O O   . ALA A 1 22 ? 2.058   7.611   -3.442  1.00 41.89 ? 164 ALA A O   1 
ATOM   131  C CB  . ALA A 1 22 ? 1.758   4.562   -2.872  1.00 37.66 ? 164 ALA A CB  1 
ATOM   132  N N   . GLU A 1 23 ? 1.985   6.673   -5.470  1.00 39.39 ? 165 GLU A N   1 
ATOM   133  C CA  . GLU A 1 23 ? 2.694   7.777   -6.103  1.00 41.18 ? 165 GLU A CA  1 
ATOM   134  C C   . GLU A 1 23 ? 1.749   8.939   -6.395  1.00 45.13 ? 165 GLU A C   1 
ATOM   135  O O   . GLU A 1 23 ? 2.140   10.098  -6.327  1.00 52.65 ? 165 GLU A O   1 
ATOM   136  C CB  . GLU A 1 23 ? 3.361   7.325   -7.392  1.00 42.58 ? 165 GLU A CB  1 
ATOM   137  C CG  . GLU A 1 23 ? 4.543   6.415   -7.198  1.00 41.71 ? 165 GLU A CG  1 
ATOM   138  C CD  . GLU A 1 23 ? 5.088   5.904   -8.528  1.00 50.78 ? 165 GLU A CD  1 
ATOM   139  O OE1 . GLU A 1 23 ? 4.483   6.203   -9.581  1.00 54.69 ? 165 GLU A OE1 1 
ATOM   140  O OE2 . GLU A 1 23 ? 6.122   5.203   -8.530  1.00 58.78 ? 165 GLU A OE2 1 
ATOM   141  N N   . GLY A 1 24 ? 0.501   8.628   -6.719  1.00 49.36 ? 166 GLY A N   1 
ATOM   142  C CA  . GLY A 1 24 ? -0.488  9.666   -6.938  1.00 49.01 ? 166 GLY A CA  1 
ATOM   143  C C   . GLY A 1 24 ? -1.165  9.619   -8.291  1.00 48.30 ? 166 GLY A C   1 
ATOM   144  O O   . GLY A 1 24 ? -1.909  10.531  -8.652  1.00 55.34 ? 166 GLY A O   1 
ATOM   145  N N   . LYS A 1 25 ? -0.921  8.554   -9.037  1.00 43.50 ? 167 LYS A N   1 
ATOM   146  C CA  . LYS A 1 25 ? -1.506  8.409   -10.364 1.00 45.70 ? 167 LYS A CA  1 
ATOM   147  C C   . LYS A 1 25 ? -3.020  8.179   -10.323 1.00 45.15 ? 167 LYS A C   1 
ATOM   148  O O   . LYS A 1 25 ? -3.542  7.552   -9.400  1.00 40.93 ? 167 LYS A O   1 
ATOM   149  C CB  . LYS A 1 25 ? -0.814  7.262   -11.106 1.00 46.02 ? 167 LYS A CB  1 
ATOM   150  C CG  . LYS A 1 25 ? 0.669   7.482   -11.311 1.00 47.31 ? 167 LYS A CG  1 
ATOM   151  C CD  . LYS A 1 25 ? 0.931   8.532   -12.374 1.00 54.68 ? 167 LYS A CD  1 
ATOM   152  C CE  . LYS A 1 25 ? 2.382   9.008   -12.333 1.00 65.31 ? 167 LYS A CE  1 
ATOM   153  N NZ  . LYS A 1 25 ? 2.689   9.975   -13.430 1.00 66.54 ? 167 LYS A NZ  1 
ATOM   154  N N   . ARG A 1 26 ? -3.723  8.672   -11.339 1.00 46.73 ? 168 ARG A N   1 
ATOM   155  C CA  . ARG A 1 26 ? -5.171  8.477   -11.438 1.00 46.42 ? 168 ARG A CA  1 
ATOM   156  C C   . ARG A 1 26 ? -5.463  7.194   -12.204 1.00 40.84 ? 168 ARG A C   1 
ATOM   157  O O   . ARG A 1 26 ? -4.629  6.754   -12.988 1.00 40.05 ? 168 ARG A O   1 
ATOM   158  C CB  . ARG A 1 26 ? -5.810  9.663   -12.154 1.00 47.33 ? 168 ARG A CB  1 
ATOM   159  C CG  . ARG A 1 26 ? -5.460  11.002  -11.541 1.00 50.09 ? 168 ARG A CG  1 
ATOM   160  C CD  . ARG A 1 26 ? -6.089  12.130  -12.345 1.00 57.13 ? 168 ARG A CD  1 
ATOM   161  N NE  . ARG A 1 26 ? -6.094  13.391  -11.607 1.00 59.11 ? 168 ARG A NE  1 
ATOM   162  C CZ  . ARG A 1 26 ? -5.208  14.368  -11.790 1.00 62.14 ? 168 ARG A CZ  1 
ATOM   163  N NH1 . ARG A 1 26 ? -4.245  14.233  -12.698 1.00 60.82 ? 168 ARG A NH1 1 
ATOM   164  N NH2 . ARG A 1 26 ? -5.291  15.484  -11.069 1.00 55.28 ? 168 ARG A NH2 1 
ATOM   165  N N   . ASN A 1 27 ? -6.632  6.601   -11.969 1.00 37.13 ? 169 ASN A N   1 
ATOM   166  C CA  . ASN A 1 27 ? -7.029  5.358   -12.646 1.00 39.08 ? 169 ASN A CA  1 
ATOM   167  C C   . ASN A 1 27 ? -6.816  5.397   -14.154 1.00 38.95 ? 169 ASN A C   1 
ATOM   168  O O   . ASN A 1 27 ? -6.369  4.421   -14.760 1.00 38.11 ? 169 ASN A O   1 
ATOM   169  C CB  . ASN A 1 27 ? -8.489  5.001   -12.360 1.00 38.61 ? 169 ASN A CB  1 
ATOM   170  C CG  . ASN A 1 27 ? -8.689  4.407   -10.990 1.00 43.67 ? 169 ASN A CG  1 
ATOM   171  O OD1 . ASN A 1 27 ? -7.727  4.098   -10.296 1.00 47.41 ? 169 ASN A OD1 1 
ATOM   172  N ND2 . ASN A 1 27 ? -9.942  4.232   -10.594 1.00 46.58 ? 169 ASN A ND2 1 
ATOM   173  N N   . ARG A 1 28 ? -7.131  6.537   -14.761 1.00 43.59 ? 170 ARG A N   1 
ATOM   174  C CA  . ARG A 1 28 ? -6.916  6.705   -16.198 1.00 43.27 ? 170 ARG A CA  1 
ATOM   175  C C   . ARG A 1 28 ? -5.426  6.708   -16.579 1.00 42.15 ? 170 ARG A C   1 
ATOM   176  O O   . ARG A 1 28 ? -5.073  6.296   -17.688 1.00 41.85 ? 170 ARG A O   1 
ATOM   177  C CB  . ARG A 1 28 ? -7.633  7.961   -16.733 1.00 42.56 ? 170 ARG A CB  1 
ATOM   178  C CG  . ARG A 1 28 ? -7.081  9.282   -16.214 1.00 43.71 ? 170 ARG A CG  1 
ATOM   179  C CD  . ARG A 1 28 ? -7.808  10.455  -16.844 1.00 47.46 ? 170 ARG A CD  1 
ATOM   180  N NE  . ARG A 1 28 ? -7.431  11.721  -16.227 1.00 51.11 ? 170 ARG A NE  1 
ATOM   181  C CZ  . ARG A 1 28 ? -8.254  12.445  -15.477 1.00 56.02 ? 170 ARG A CZ  1 
ATOM   182  N NH1 . ARG A 1 28 ? -9.499  12.028  -15.268 1.00 54.72 ? 170 ARG A NH1 1 
ATOM   183  N NH2 . ARG A 1 28 ? -7.836  13.589  -14.942 1.00 54.82 ? 170 ARG A NH2 1 
ATOM   184  N N   . ASP A 1 29 ? -4.554  7.167   -15.675 1.00 39.00 ? 171 ASP A N   1 
ATOM   185  C CA  . ASP A 1 29 ? -3.108  7.153   -15.949 1.00 42.46 ? 171 ASP A CA  1 
ATOM   186  C C   . ASP A 1 29 ? -2.582  5.726   -15.918 1.00 41.50 ? 171 ASP A C   1 
ATOM   187  O O   . ASP A 1 29 ? -1.772  5.331   -16.750 1.00 42.54 ? 171 ASP A O   1 
ATOM   188  C CB  . ASP A 1 29 ? -2.325  7.968   -14.912 1.00 41.52 ? 171 ASP A CB  1 
ATOM   189  C CG  . ASP A 1 29 ? -2.643  9.450   -14.969 1.00 53.31 ? 171 ASP A CG  1 
ATOM   190  O OD1 . ASP A 1 29 ? -2.909  9.966   -16.082 1.00 51.42 ? 171 ASP A OD1 1 
ATOM   191  O OD2 . ASP A 1 29 ? -2.626  10.094  -13.890 1.00 59.33 ? 171 ASP A OD2 1 
ATOM   192  N N   . ILE A 1 30 ? -3.048  4.984   -14.921 1.00 41.11 ? 172 ILE A N   1 
ATOM   193  C CA  . ILE A 1 30 ? -2.667  3.598   -14.685 1.00 44.03 ? 172 ILE A CA  1 
ATOM   194  C C   . ILE A 1 30 ? -3.060  2.728   -15.886 1.00 41.15 ? 172 ILE A C   1 
ATOM   195  O O   . ILE A 1 30 ? -2.262  1.905   -16.339 1.00 36.26 ? 172 ILE A O   1 
ATOM   196  C CB  . ILE A 1 30 ? -3.316  3.070   -13.359 1.00 35.41 ? 172 ILE A CB  1 
ATOM   197  C CG1 . ILE A 1 30 ? -2.977  4.009   -12.199 1.00 42.11 ? 172 ILE A CG1 1 
ATOM   198  C CG2 . ILE A 1 30 ? -2.883  1.637   -13.052 1.00 34.98 ? 172 ILE A CG2 1 
ATOM   199  C CD1 . ILE A 1 30 ? -3.524  3.559   -10.842 1.00 40.70 ? 172 ILE A CD1 1 
ATOM   200  N N   . ALA A 1 31 ? -4.273  2.945   -16.409 1.00 40.09 ? 173 ALA A N   1 
ATOM   201  C CA  . ALA A 1 31 ? -4.777  2.202   -17.565 1.00 40.07 ? 173 ALA A CA  1 
ATOM   202  C C   . ALA A 1 31 ? -3.886  2.415   -18.784 1.00 43.03 ? 173 ALA A C   1 
ATOM   203  O O   . ALA A 1 31 ? -3.588  1.471   -19.531 1.00 40.36 ? 173 ALA A O   1 
ATOM   204  C CB  . ALA A 1 31 ? -6.216  2.597   -17.882 1.00 37.81 ? 173 ALA A CB  1 
ATOM   205  N N   . GLU A 1 32 ? -3.447  3.654   -18.970 1.00 38.90 ? 174 GLU A N   1 
ATOM   206  C CA  . GLU A 1 32 ? -2.537  3.972   -20.056 1.00 46.73 ? 174 GLU A CA  1 
ATOM   207  C C   . GLU A 1 32 ? -1.181  3.309   -19.816 1.00 43.73 ? 174 GLU A C   1 
ATOM   208  O O   . GLU A 1 32 ? -0.626  2.662   -20.703 1.00 45.08 ? 174 GLU A O   1 
ATOM   209  C CB  . GLU A 1 32 ? -2.367  5.491   -20.184 1.00 51.63 ? 174 GLU A CB  1 
ATOM   210  C CG  . GLU A 1 32 ? -1.396  5.930   -21.282 1.00 57.66 ? 174 GLU A CG  1 
ATOM   211  C CD  . GLU A 1 32 ? -2.073  6.100   -22.636 1.00 69.04 ? 174 GLU A CD  1 
ATOM   212  O OE1 . GLU A 1 32 ? -1.376  6.446   -23.622 1.00 70.81 ? 174 GLU A OE1 1 
ATOM   213  O OE2 . GLU A 1 32 ? -3.307  5.893   -22.711 1.00 70.57 ? 174 GLU A OE2 1 
ATOM   214  N N   . LEU A 1 33 ? -0.659  3.469   -18.604 1.00 45.68 ? 175 LEU A N   1 
ATOM   215  C CA  . LEU A 1 33 ? 0.650   2.930   -18.253 1.00 45.07 ? 175 LEU A CA  1 
ATOM   216  C C   . LEU A 1 33 ? 0.724   1.413   -18.431 1.00 46.16 ? 175 LEU A C   1 
ATOM   217  O O   . LEU A 1 33 ? 1.748   0.888   -18.863 1.00 48.55 ? 175 LEU A O   1 
ATOM   218  C CB  . LEU A 1 33 ? 1.028   3.317   -16.824 1.00 44.98 ? 175 LEU A CB  1 
ATOM   219  C CG  . LEU A 1 33 ? 1.794   4.634   -16.709 1.00 52.54 ? 175 LEU A CG  1 
ATOM   220  C CD1 . LEU A 1 33 ? 1.644   5.239   -15.318 1.00 50.62 ? 175 LEU A CD1 1 
ATOM   221  C CD2 . LEU A 1 33 ? 3.253   4.399   -17.027 1.00 55.19 ? 175 LEU A CD2 1 
ATOM   222  N N   . LEU A 1 34 ? -0.357  0.711   -18.110 1.00 37.62 ? 176 LEU A N   1 
ATOM   223  C CA  . LEU A 1 34 ? -0.320  -0.744  -18.167 1.00 43.66 ? 176 LEU A CA  1 
ATOM   224  C C   . LEU A 1 34 ? -1.009  -1.291  -19.421 1.00 44.84 ? 176 LEU A C   1 
ATOM   225  O O   . LEU A 1 34 ? -1.002  -2.502  -19.660 1.00 43.52 ? 176 LEU A O   1 
ATOM   226  C CB  . LEU A 1 34 ? -0.912  -1.370  -16.894 1.00 40.21 ? 176 LEU A CB  1 
ATOM   227  C CG  . LEU A 1 34 ? -0.596  -0.723  -15.536 1.00 42.56 ? 176 LEU A CG  1 
ATOM   228  C CD1 . LEU A 1 34 ? -1.005  -1.644  -14.393 1.00 38.37 ? 176 LEU A CD1 1 
ATOM   229  C CD2 . LEU A 1 34 ? 0.852   -0.297  -15.406 1.00 37.91 ? 176 LEU A CD2 1 
ATOM   230  N N   . SER A 1 35 ? -1.593  -0.398  -20.218 1.00 43.17 ? 177 SER A N   1 
ATOM   231  C CA  . SER A 1 35 ? -2.280  -0.788  -21.454 1.00 42.21 ? 177 SER A CA  1 
ATOM   232  C C   . SER A 1 35 ? -3.438  -1.741  -21.196 1.00 41.24 ? 177 SER A C   1 
ATOM   233  O O   . SER A 1 35 ? -3.596  -2.733  -21.898 1.00 44.14 ? 177 SER A O   1 
ATOM   234  C CB  . SER A 1 35 ? -1.313  -1.427  -22.459 1.00 47.69 ? 177 SER A CB  1 
ATOM   235  O OG  . SER A 1 35 ? -0.189  -0.593  -22.714 1.00 54.50 ? 177 SER A OG  1 
ATOM   236  N N   . ILE A 1 36 ? -4.229  -1.448  -20.170 1.00 41.28 ? 178 ILE A N   1 
ATOM   237  C CA  . ILE A 1 36 ? -5.411  -2.239  -19.855 1.00 41.25 ? 178 ILE A CA  1 
ATOM   238  C C   . ILE A 1 36 ? -6.608  -1.301  -19.805 1.00 40.34 ? 178 ILE A C   1 
ATOM   239  O O   . ILE A 1 36 ? -6.441  -0.076  -19.750 1.00 37.24 ? 178 ILE A O   1 
ATOM   240  C CB  . ILE A 1 36 ? -5.274  -2.980  -18.494 1.00 38.52 ? 178 ILE A CB  1 
ATOM   241  C CG1 . ILE A 1 36 ? -4.982  -1.981  -17.374 1.00 39.17 ? 178 ILE A CG1 1 
ATOM   242  C CG2 . ILE A 1 36 ? -4.185  -4.049  -18.566 1.00 37.80 ? 178 ILE A CG2 1 
ATOM   243  C CD1 . ILE A 1 36 ? -4.758  -2.622  -16.008 1.00 40.20 ? 178 ILE A CD1 1 
ATOM   244  N N   . SER A 1 37 ? -7.812  -1.865  -19.819 1.00 35.20 ? 179 SER A N   1 
ATOM   245  C CA  . SER A 1 37 ? -9.012  -1.043  -19.742 1.00 39.20 ? 179 SER A CA  1 
ATOM   246  C C   . SER A 1 37 ? -9.166  -0.412  -18.366 1.00 41.40 ? 179 SER A C   1 
ATOM   247  O O   . SER A 1 37 ? -8.691  -0.951  -17.354 1.00 39.18 ? 179 SER A O   1 
ATOM   248  C CB  . SER A 1 37 ? -10.251 -1.883  -20.022 1.00 40.44 ? 179 SER A CB  1 
ATOM   249  O OG  . SER A 1 37 ? -10.680 -2.535  -18.837 1.00 41.52 ? 179 SER A OG  1 
ATOM   250  N N   . LEU A 1 38 ? -9.863  0.720   -18.337 1.00 39.72 ? 180 LEU A N   1 
ATOM   251  C CA  . LEU A 1 38 ? -10.190 1.396   -17.091 1.00 42.37 ? 180 LEU A CA  1 
ATOM   252  C C   . LEU A 1 38 ? -10.959 0.487   -16.136 1.00 45.01 ? 180 LEU A C   1 
ATOM   253  O O   . LEU A 1 38 ? -10.715 0.488   -14.929 1.00 42.87 ? 180 LEU A O   1 
ATOM   254  C CB  . LEU A 1 38 ? -11.008 2.659   -17.355 1.00 40.64 ? 180 LEU A CB  1 
ATOM   255  C CG  . LEU A 1 38 ? -11.502 3.313   -16.064 1.00 51.83 ? 180 LEU A CG  1 
ATOM   256  C CD1 . LEU A 1 38 ? -10.311 3.856   -15.280 1.00 46.20 ? 180 LEU A CD1 1 
ATOM   257  C CD2 . LEU A 1 38 ? -12.547 4.401   -16.321 1.00 54.68 ? 180 LEU A CD2 1 
ATOM   258  N N   . LYS A 1 39 ? -11.892 -0.289  -16.677 1.00 46.27 ? 181 LYS A N   1 
ATOM   259  C CA  . LYS A 1 39 ? -12.667 -1.185  -15.833 1.00 47.04 ? 181 LYS A CA  1 
ATOM   260  C C   . LYS A 1 39 ? -11.764 -2.194  -15.142 1.00 43.20 ? 181 LYS A C   1 
ATOM   261  O O   . LYS A 1 39 ? -11.986 -2.513  -13.979 1.00 44.89 ? 181 LYS A O   1 
ATOM   262  C CB  . LYS A 1 39 ? -13.777 -1.899  -16.613 1.00 48.04 ? 181 LYS A CB  1 
ATOM   263  C CG  . LYS A 1 39 ? -15.161 -1.656  -16.011 1.00 62.73 ? 181 LYS A CG  1 
ATOM   264  C CD  . LYS A 1 39 ? -16.082 -2.870  -16.140 1.00 70.31 ? 181 LYS A CD  1 
ATOM   265  C CE  . LYS A 1 39 ? -17.409 -2.639  -15.407 1.00 80.85 ? 181 LYS A CE  1 
ATOM   266  N NZ  . LYS A 1 39 ? -18.245 -1.558  -16.031 1.00 74.19 ? 181 LYS A NZ  1 
ATOM   267  N N   . THR A 1 40 ? -10.756 -2.689  -15.861 1.00 41.77 ? 182 THR A N   1 
ATOM   268  C CA  . THR A 1 40 ? -9.791  -3.623  -15.286 1.00 44.47 ? 182 THR A CA  1 
ATOM   269  C C   . THR A 1 40 ? -9.044  -2.978  -14.105 1.00 43.62 ? 182 THR A C   1 
ATOM   270  O O   . THR A 1 40 ? -8.897  -3.589  -13.041 1.00 37.74 ? 182 THR A O   1 
ATOM   271  C CB  . THR A 1 40 ? -8.768  -4.118  -16.336 1.00 44.98 ? 182 THR A CB  1 
ATOM   272  O OG1 . THR A 1 40 ? -9.460  -4.685  -17.457 1.00 45.26 ? 182 THR A OG1 1 
ATOM   273  C CG2 . THR A 1 40 ? -7.823  -5.180  -15.723 1.00 39.68 ? 182 THR A CG2 1 
ATOM   274  N N   . VAL A 1 41 ? -8.609  -1.736  -14.299 1.00 37.74 ? 183 VAL A N   1 
ATOM   275  C CA  . VAL A 1 41 ? -7.938  -0.988  -13.250 1.00 39.58 ? 183 VAL A CA  1 
ATOM   276  C C   . VAL A 1 41 ? -8.782  -0.929  -11.968 1.00 41.71 ? 183 VAL A C   1 
ATOM   277  O O   . VAL A 1 41 ? -8.300  -1.240  -10.862 1.00 35.75 ? 183 VAL A O   1 
ATOM   278  C CB  . VAL A 1 41 ? -7.569  0.442   -13.711 1.00 34.68 ? 183 VAL A CB  1 
ATOM   279  C CG1 . VAL A 1 41 ? -7.102  1.259   -12.543 1.00 38.46 ? 183 VAL A CG1 1 
ATOM   280  C CG2 . VAL A 1 41 ? -6.489  0.397   -14.757 1.00 36.45 ? 183 VAL A CG2 1 
ATOM   281  N N   . GLU A 1 42 ? -10.046 -0.554  -12.132 1.00 41.03 ? 184 GLU A N   1 
ATOM   282  C CA  . GLU A 1 42 ? -10.957 -0.417  -11.005 1.00 42.73 ? 184 GLU A CA  1 
ATOM   283  C C   . GLU A 1 42 ? -11.206 -1.739  -10.312 1.00 41.82 ? 184 GLU A C   1 
ATOM   284  O O   . GLU A 1 42 ? -11.250 -1.799  -9.095  1.00 45.66 ? 184 GLU A O   1 
ATOM   285  C CB  . GLU A 1 42 ? -12.279 0.177   -11.466 1.00 47.78 ? 184 GLU A CB  1 
ATOM   286  C CG  . GLU A 1 42 ? -12.109 1.501   -12.153 1.00 53.03 ? 184 GLU A CG  1 
ATOM   287  C CD  . GLU A 1 42 ? -13.396 2.286   -12.195 1.00 64.06 ? 184 GLU A CD  1 
ATOM   288  O OE1 . GLU A 1 42 ? -14.265 2.041   -11.327 1.00 76.17 ? 184 GLU A OE1 1 
ATOM   289  O OE2 . GLU A 1 42 ? -13.541 3.141   -13.096 1.00 60.07 ? 184 GLU A OE2 1 
ATOM   290  N N   . THR A 1 43 ? -11.370 -2.800  -11.088 1.00 41.64 ? 185 THR A N   1 
ATOM   291  C CA  . THR A 1 43 ? -11.507 -4.126  -10.504 1.00 45.66 ? 185 THR A CA  1 
ATOM   292  C C   . THR A 1 43 ? -10.278 -4.486  -9.668  1.00 45.69 ? 185 THR A C   1 
ATOM   293  O O   . THR A 1 43 ? -10.382 -5.076  -8.589  1.00 45.92 ? 185 THR A O   1 
ATOM   294  C CB  . THR A 1 43 ? -11.708 -5.178  -11.597 1.00 43.17 ? 185 THR A CB  1 
ATOM   295  O OG1 . THR A 1 43 ? -12.942 -4.914  -12.273 1.00 52.83 ? 185 THR A OG1 1 
ATOM   296  C CG2 . THR A 1 43 ? -11.758 -6.577  -10.995 1.00 45.94 ? 185 THR A CG2 1 
ATOM   297  N N   . HIS A 1 44 ? -9.111  -4.113  -10.181 1.00 44.15 ? 186 HIS A N   1 
ATOM   298  C CA  . HIS A 1 44 ? -7.852  -4.342  -9.491  1.00 46.55 ? 186 HIS A CA  1 
ATOM   299  C C   . HIS A 1 44 ? -7.795  -3.539  -8.201  1.00 45.07 ? 186 HIS A C   1 
ATOM   300  O O   . HIS A 1 44 ? -7.375  -4.050  -7.161  1.00 43.86 ? 186 HIS A O   1 
ATOM   301  C CB  . HIS A 1 44 ? -6.688  -3.946  -10.392 1.00 40.38 ? 186 HIS A CB  1 
ATOM   302  C CG  . HIS A 1 44 ? -6.235  -5.037  -11.305 1.00 41.92 ? 186 HIS A CG  1 
ATOM   303  N ND1 . HIS A 1 44 ? -6.166  -6.357  -10.908 1.00 46.07 ? 186 HIS A ND1 1 
ATOM   304  C CD2 . HIS A 1 44 ? -5.819  -5.010  -12.593 1.00 42.36 ? 186 HIS A CD2 1 
ATOM   305  C CE1 . HIS A 1 44 ? -5.724  -7.094  -11.911 1.00 43.00 ? 186 HIS A CE1 1 
ATOM   306  N NE2 . HIS A 1 44 ? -5.509  -6.301  -12.948 1.00 46.14 ? 186 HIS A NE2 1 
ATOM   307  N N   . ARG A 1 45 ? -8.223  -2.284  -8.279  1.00 40.57 ? 187 ARG A N   1 
ATOM   308  C CA  . ARG A 1 45 ? -8.206  -1.405  -7.127  1.00 44.96 ? 187 ARG A CA  1 
ATOM   309  C C   . ARG A 1 45 ? -9.204  -1.797  -6.054  1.00 48.69 ? 187 ARG A C   1 
ATOM   310  O O   . ARG A 1 45 ? -8.938  -1.619  -4.868  1.00 49.05 ? 187 ARG A O   1 
ATOM   311  C CB  . ARG A 1 45 ? -8.428  0.038   -7.552  1.00 43.06 ? 187 ARG A CB  1 
ATOM   312  C CG  . ARG A 1 45 ? -7.236  0.560   -8.258  1.00 40.58 ? 187 ARG A CG  1 
ATOM   313  C CD  . ARG A 1 45 ? -7.213  2.033   -8.241  1.00 44.38 ? 187 ARG A CD  1 
ATOM   314  N NE  . ARG A 1 45 ? -7.289  2.543   -6.884  1.00 47.16 ? 187 ARG A NE  1 
ATOM   315  C CZ  . ARG A 1 45 ? -7.225  3.830   -6.569  1.00 40.44 ? 187 ARG A CZ  1 
ATOM   316  N NH1 . ARG A 1 45 ? -7.072  4.752   -7.519  1.00 39.65 ? 187 ARG A NH1 1 
ATOM   317  N NH2 . ARG A 1 45 ? -7.311  4.186   -5.298  1.00 45.33 ? 187 ARG A NH2 1 
ATOM   318  N N   . LEU A 1 46 ? -10.348 -2.321  -6.467  1.00 44.99 ? 188 LEU A N   1 
ATOM   319  C CA  . LEU A 1 46 ? -11.310 -2.812  -5.499  1.00 48.51 ? 188 LEU A CA  1 
ATOM   320  C C   . LEU A 1 46 ? -10.760 -4.049  -4.797  1.00 47.89 ? 188 LEU A C   1 
ATOM   321  O O   . LEU A 1 46 ? -10.882 -4.184  -3.581  1.00 49.68 ? 188 LEU A O   1 
ATOM   322  C CB  . LEU A 1 46 ? -12.655 -3.128  -6.163  1.00 49.18 ? 188 LEU A CB  1 
ATOM   323  C CG  . LEU A 1 46 ? -13.388 -1.909  -6.745  1.00 59.39 ? 188 LEU A CG  1 
ATOM   324  C CD1 . LEU A 1 46 ? -14.630 -2.339  -7.506  1.00 63.04 ? 188 LEU A CD1 1 
ATOM   325  C CD2 . LEU A 1 46 ? -13.752 -0.902  -5.649  1.00 60.98 ? 188 LEU A CD2 1 
ATOM   326  N N   . ASN A 1 47 ? -10.178 -4.958  -5.573  1.00 43.67 ? 189 ASN A N   1 
ATOM   327  C CA  . ASN A 1 47 ? -9.578  -6.158  -5.008  1.00 47.68 ? 189 ASN A CA  1 
ATOM   328  C C   . ASN A 1 47 ? -8.445  -5.800  -4.053  1.00 48.62 ? 189 ASN A C   1 
ATOM   329  O O   . ASN A 1 47 ? -8.341  -6.358  -2.958  1.00 43.70 ? 189 ASN A O   1 
ATOM   330  C CB  . ASN A 1 47 ? -9.063  -7.081  -6.110  1.00 46.06 ? 189 ASN A CB  1 
ATOM   331  C CG  . ASN A 1 47 ? -10.188 -7.659  -6.957  1.00 54.98 ? 189 ASN A CG  1 
ATOM   332  O OD1 . ASN A 1 47 ? -11.308 -7.829  -6.472  1.00 57.23 ? 189 ASN A OD1 1 
ATOM   333  N ND2 . ASN A 1 47 ? -9.899  -7.959  -8.227  1.00 48.31 ? 189 ASN A ND2 1 
ATOM   334  N N   . LEU A 1 48 ? -7.611  -4.856  -4.485  1.00 45.24 ? 190 LEU A N   1 
ATOM   335  C CA  . LEU A 1 48 ? -6.533  -4.333  -3.670  1.00 45.00 ? 190 LEU A CA  1 
ATOM   336  C C   . LEU A 1 48 ? -7.069  -3.742  -2.368  1.00 44.26 ? 190 LEU A C   1 
ATOM   337  O O   . LEU A 1 48 ? -6.612  -4.094  -1.284  1.00 39.03 ? 190 LEU A O   1 
ATOM   338  C CB  . LEU A 1 48 ? -5.755  -3.273  -4.445  1.00 39.34 ? 190 LEU A CB  1 
ATOM   339  C CG  . LEU A 1 48 ? -4.648  -2.610  -3.632  1.00 48.17 ? 190 LEU A CG  1 
ATOM   340  C CD1 . LEU A 1 48 ? -3.587  -3.653  -3.257  1.00 41.35 ? 190 LEU A CD1 1 
ATOM   341  C CD2 . LEU A 1 48 ? -4.042  -1.417  -4.387  1.00 43.26 ? 190 LEU A CD2 1 
ATOM   342  N N   . MET A 1 49 ? -8.058  -2.862  -2.474  1.00 45.12 ? 191 MET A N   1 
ATOM   343  C CA  . MET A 1 49 ? -8.612  -2.228  -1.290  1.00 47.33 ? 191 MET A CA  1 
ATOM   344  C C   . MET A 1 49 ? -9.280  -3.214  -0.328  1.00 46.80 ? 191 MET A C   1 
ATOM   345  O O   . MET A 1 49 ? -9.237  -3.031  0.877   1.00 50.08 ? 191 MET A O   1 
ATOM   346  C CB  . MET A 1 49 ? -9.513  -1.047  -1.666  1.00 52.69 ? 191 MET A CB  1 
ATOM   347  C CG  . MET A 1 49 ? -8.681  0.123   -2.230  1.00 62.68 ? 191 MET A CG  1 
ATOM   348  S SD  . MET A 1 49 ? -9.519  1.694   -2.579  1.00 89.73 ? 191 MET A SD  1 
ATOM   349  C CE  . MET A 1 49 ? -10.464 1.293   -4.058  1.00 63.53 ? 191 MET A CE  1 
ATOM   350  N N   . ARG A 1 50 ? -9.837  -4.291  -0.851  1.00 41.15 ? 192 ARG A N   1 
ATOM   351  C CA  . ARG A 1 50 ? -10.407 -5.304  0.016   1.00 45.44 ? 192 ARG A CA  1 
ATOM   352  C C   . ARG A 1 50 ? -9.351  -6.185  0.681   1.00 42.37 ? 192 ARG A C   1 
ATOM   353  O O   . ARG A 1 50 ? -9.575  -6.719  1.759   1.00 40.29 ? 192 ARG A O   1 
ATOM   354  C CB  . ARG A 1 50 ? -11.361 -6.210  -0.761  1.00 49.54 ? 192 ARG A CB  1 
ATOM   355  C CG  . ARG A 1 50 ? -12.678 -5.594  -1.147  1.00 58.87 ? 192 ARG A CG  1 
ATOM   356  C CD  . ARG A 1 50 ? -13.508 -6.663  -1.846  1.00 63.11 ? 192 ARG A CD  1 
ATOM   357  N NE  . ARG A 1 50 ? -14.719 -6.131  -2.455  1.00 71.83 ? 192 ARG A NE  1 
ATOM   358  C CZ  . ARG A 1 50 ? -15.490 -6.826  -3.285  1.00 75.03 ? 192 ARG A CZ  1 
ATOM   359  N NH1 . ARG A 1 50 ? -15.163 -8.075  -3.600  1.00 75.95 ? 192 ARG A NH1 1 
ATOM   360  N NH2 . ARG A 1 50 ? -16.577 -6.274  -3.804  1.00 74.61 ? 192 ARG A NH2 1 
ATOM   361  N N   . LYS A 1 51 ? -8.226  -6.408  0.022   1.00 41.83 ? 193 LYS A N   1 
ATOM   362  C CA  . LYS A 1 51 ? -7.189  -7.202  0.667   1.00 45.83 ? 193 LYS A CA  1 
ATOM   363  C C   . LYS A 1 51 ? -6.578  -6.401  1.826   1.00 41.53 ? 193 LYS A C   1 
ATOM   364  O O   . LYS A 1 51 ? -6.323  -6.951  2.901   1.00 39.20 ? 193 LYS A O   1 
ATOM   365  C CB  . LYS A 1 51 ? -6.121  -7.669  -0.333  1.00 42.02 ? 193 LYS A CB  1 
ATOM   366  C CG  . LYS A 1 51 ? -6.655  -8.665  -1.333  1.00 47.11 ? 193 LYS A CG  1 
ATOM   367  C CD  . LYS A 1 51 ? -5.568  -9.221  -2.230  1.00 45.83 ? 193 LYS A CD  1 
ATOM   368  C CE  . LYS A 1 51 ? -6.164  -10.159 -3.257  1.00 48.25 ? 193 LYS A CE  1 
ATOM   369  N NZ  . LYS A 1 51 ? -5.104  -10.906 -3.998  1.00 51.36 ? 193 LYS A NZ  1 
ATOM   370  N N   . LEU A 1 52 ? -6.393  -5.102  1.603   1.00 35.28 ? 194 LEU A N   1 
ATOM   371  C CA  . LEU A 1 52 ? -5.774  -4.227  2.582   1.00 41.61 ? 194 LEU A CA  1 
ATOM   372  C C   . LEU A 1 52 ? -6.647  -4.118  3.819   1.00 40.92 ? 194 LEU A C   1 
ATOM   373  O O   . LEU A 1 52 ? -6.170  -4.247  4.952   1.00 36.01 ? 194 LEU A O   1 
ATOM   374  C CB  . LEU A 1 52 ? -5.520  -2.834  1.996   1.00 38.88 ? 194 LEU A CB  1 
ATOM   375  C CG  . LEU A 1 52 ? -4.386  -2.694  0.965   1.00 46.33 ? 194 LEU A CG  1 
ATOM   376  C CD1 . LEU A 1 52 ? -3.927  -1.249  0.900   1.00 44.55 ? 194 LEU A CD1 1 
ATOM   377  C CD2 . LEU A 1 52 ? -3.210  -3.609  1.254   1.00 40.08 ? 194 LEU A CD2 1 
ATOM   378  N N   . ASP A 1 53 ? -7.932  -3.879  3.583   1.00 40.29 ? 195 ASP A N   1 
ATOM   379  C CA  . ASP A 1 53 ? -8.903  -3.767  4.654   1.00 39.97 ? 195 ASP A CA  1 
ATOM   380  C C   . ASP A 1 53 ? -8.947  -5.054  5.457   1.00 37.37 ? 195 ASP A C   1 
ATOM   381  O O   . ASP A 1 53 ? -8.984  -5.026  6.683   1.00 41.65 ? 195 ASP A O   1 
ATOM   382  C CB  . ASP A 1 53 ? -10.287 -3.456  4.089   1.00 40.41 ? 195 ASP A CB  1 
ATOM   383  C CG  . ASP A 1 53 ? -10.401 -2.034  3.585   1.00 51.19 ? 195 ASP A CG  1 
ATOM   384  O OD1 . ASP A 1 53 ? -9.576  -1.180  4.000   1.00 55.50 ? 195 ASP A OD1 1 
ATOM   385  O OD2 . ASP A 1 53 ? -11.312 -1.771  2.769   1.00 57.79 ? 195 ASP A OD2 1 
ATOM   386  N N   . ALA A 1 54 ? -8.928  -6.177  4.757   1.00 34.96 ? 196 ALA A N   1 
ATOM   387  C CA  . ALA A 1 54 ? -8.993  -7.472  5.404   1.00 39.92 ? 196 ALA A CA  1 
ATOM   388  C C   . ALA A 1 54 ? -7.757  -7.690  6.265   1.00 38.72 ? 196 ALA A C   1 
ATOM   389  O O   . ALA A 1 54 ? -7.835  -8.254  7.354   1.00 36.29 ? 196 ALA A O   1 
ATOM   390  C CB  . ALA A 1 54 ? -9.136  -8.591  4.357   1.00 34.49 ? 196 ALA A CB  1 
ATOM   391  N N   . HIS A 1 55 ? -6.616  -7.242  5.756   1.00 36.92 ? 197 HIS A N   1 
ATOM   392  C CA  . HIS A 1 55 ? -5.374  -7.325  6.492   1.00 39.11 ? 197 HIS A CA  1 
ATOM   393  C C   . HIS A 1 55 ? -5.414  -6.432  7.744   1.00 34.53 ? 197 HIS A C   1 
ATOM   394  O O   . HIS A 1 55 ? -5.038  -6.870  8.822   1.00 31.12 ? 197 HIS A O   1 
ATOM   395  C CB  . HIS A 1 55 ? -4.196  -6.944  5.589   1.00 40.75 ? 197 HIS A CB  1 
ATOM   396  C CG  . HIS A 1 55 ? -2.857  -7.178  6.215   1.00 51.24 ? 197 HIS A CG  1 
ATOM   397  N ND1 . HIS A 1 55 ? -2.052  -6.150  6.663   1.00 51.45 ? 197 HIS A ND1 1 
ATOM   398  C CD2 . HIS A 1 55 ? -2.184  -8.325  6.478   1.00 53.60 ? 197 HIS A CD2 1 
ATOM   399  C CE1 . HIS A 1 55 ? -0.940  -6.654  7.169   1.00 55.06 ? 197 HIS A CE1 1 
ATOM   400  N NE2 . HIS A 1 55 ? -0.994  -7.971  7.069   1.00 56.36 ? 197 HIS A NE2 1 
ATOM   401  N N   . ASN A 1 56 ? -5.872  -5.190  7.579   1.00 30.37 ? 198 ASN A N   1 
ATOM   402  C CA  . ASN A 1 56 ? -6.002  -4.247  8.680   1.00 32.62 ? 198 ASN A CA  1 
ATOM   403  C C   . ASN A 1 56 ? -6.951  -4.744  9.783   1.00 34.76 ? 198 ASN A C   1 
ATOM   404  O O   . ASN A 1 56 ? -6.635  -4.672  10.978  1.00 27.21 ? 198 ASN A O   1 
ATOM   405  C CB  . ASN A 1 56 ? -6.439  -2.864  8.175   1.00 31.57 ? 198 ASN A CB  1 
ATOM   406  C CG  . ASN A 1 56 ? -5.326  -2.139  7.418   1.00 35.83 ? 198 ASN A CG  1 
ATOM   407  O OD1 . ASN A 1 56 ? -4.153  -2.506  7.533   1.00 33.51 ? 198 ASN A OD1 1 
ATOM   408  N ND2 . ASN A 1 56 ? -5.688  -1.100  6.656   1.00 24.48 ? 198 ASN A ND2 1 
ATOM   409  N N   . ALA A 1 57 ? -8.100  -5.265  9.363   1.00 32.32 ? 199 ALA A N   1 
ATOM   410  C CA  . ALA A 1 57 ? -9.073  -5.836  10.283  1.00 34.35 ? 199 ALA A CA  1 
ATOM   411  C C   . ALA A 1 57 ? -8.478  -7.017  11.053  1.00 31.73 ? 199 ALA A C   1 
ATOM   412  O O   . ALA A 1 57 ? -8.599  -7.077  12.271  1.00 35.05 ? 199 ALA A O   1 
ATOM   413  C CB  . ALA A 1 57 ? -10.346 -6.260  9.534   1.00 29.13 ? 199 ALA A CB  1 
ATOM   414  N N   . ALA A 1 58 ? -7.833  -7.937  10.339  1.00 32.19 ? 200 ALA A N   1 
ATOM   415  C CA  . ALA A 1 58 ? -7.157  -9.079  10.960  1.00 34.51 ? 200 ALA A CA  1 
ATOM   416  C C   . ALA A 1 58 ? -6.109  -8.630  11.980  1.00 33.27 ? 200 ALA A C   1 
ATOM   417  O O   . ALA A 1 58 ? -6.074  -9.121  13.102  1.00 36.13 ? 200 ALA A O   1 
ATOM   418  C CB  . ALA A 1 58 ? -6.515  -10.005 9.890   1.00 31.25 ? 200 ALA A CB  1 
ATOM   419  N N   . GLU A 1 59 ? -5.267  -7.684  11.591  1.00 31.15 ? 201 GLU A N   1 
ATOM   420  C CA  . GLU A 1 59 ? -4.295  -7.107  12.508  1.00 34.46 ? 201 GLU A CA  1 
ATOM   421  C C   . GLU A 1 59 ? -4.921  -6.547  13.810  1.00 33.11 ? 201 GLU A C   1 
ATOM   422  O O   . GLU A 1 59 ? -4.499  -6.898  14.912  1.00 30.57 ? 201 GLU A O   1 
ATOM   423  C CB  . GLU A 1 59 ? -3.520  -6.011  11.786  1.00 35.85 ? 201 GLU A CB  1 
ATOM   424  C CG  . GLU A 1 59 ? -2.794  -5.041  12.708  1.00 42.33 ? 201 GLU A CG  1 
ATOM   425  C CD  . GLU A 1 59 ? -1.290  -5.039  12.465  1.00 52.05 ? 201 GLU A CD  1 
ATOM   426  O OE1 . GLU A 1 59 ? -0.839  -5.839  11.607  1.00 54.48 ? 201 GLU A OE1 1 
ATOM   427  O OE2 . GLU A 1 59 ? -0.567  -4.248  13.129  1.00 49.16 ? 201 GLU A OE2 1 
ATOM   428  N N   . LEU A 1 60 ? -5.916  -5.673  13.669  1.00 31.71 ? 202 LEU A N   1 
ATOM   429  C CA  . LEU A 1 60 ? -6.574  -5.050  14.813  1.00 29.86 ? 202 LEU A CA  1 
ATOM   430  C C   . LEU A 1 60 ? -7.275  -6.082  15.704  1.00 30.74 ? 202 LEU A C   1 
ATOM   431  O O   . LEU A 1 60 ? -7.259  -5.974  16.940  1.00 27.21 ? 202 LEU A O   1 
ATOM   432  C CB  . LEU A 1 60 ? -7.581  -3.997  14.349  1.00 29.72 ? 202 LEU A CB  1 
ATOM   433  C CG  . LEU A 1 60 ? -6.924  -2.786  13.664  1.00 31.65 ? 202 LEU A CG  1 
ATOM   434  C CD1 . LEU A 1 60 ? -7.966  -1.801  13.153  1.00 30.91 ? 202 LEU A CD1 1 
ATOM   435  C CD2 . LEU A 1 60 ? -5.994  -2.082  14.617  1.00 28.54 ? 202 LEU A CD2 1 
ATOM   436  N N   . SER A 1 61 ? -7.866  -7.075  15.049  1.00 28.14 ? 203 SER A N   1 
ATOM   437  C CA  . SER A 1 61 ? -8.515  -8.200  15.705  1.00 35.13 ? 203 SER A CA  1 
ATOM   438  C C   . SER A 1 61 ? -7.524  -9.017  16.532  1.00 32.18 ? 203 SER A C   1 
ATOM   439  O O   . SER A 1 61 ? -7.819  -9.413  17.657  1.00 33.10 ? 203 SER A O   1 
ATOM   440  C CB  . SER A 1 61 ? -9.210  -9.081  14.645  1.00 34.52 ? 203 SER A CB  1 
ATOM   441  O OG  . SER A 1 61 ? -9.634  -10.316 15.182  1.00 39.97 ? 203 SER A OG  1 
ATOM   442  N N   . ASN A 1 62 ? -6.349  -9.267  15.972  1.00 34.89 ? 204 ASN A N   1 
ATOM   443  C CA  . ASN A 1 62 ? -5.302  -9.973  16.703  1.00 33.54 ? 204 ASN A CA  1 
ATOM   444  C C   . ASN A 1 62 ? -4.777  -9.160  17.876  1.00 32.23 ? 204 ASN A C   1 
ATOM   445  O O   . ASN A 1 62 ? -4.487  -9.717  18.929  1.00 32.28 ? 204 ASN A O   1 
ATOM   446  C CB  . ASN A 1 62 ? -4.156  -10.377 15.778  1.00 36.38 ? 204 ASN A CB  1 
ATOM   447  C CG  . ASN A 1 62 ? -4.520  -11.549 14.883  1.00 42.31 ? 204 ASN A CG  1 
ATOM   448  O OD1 . ASN A 1 62 ? -5.467  -12.280 15.164  1.00 47.40 ? 204 ASN A OD1 1 
ATOM   449  N ND2 . ASN A 1 62 ? -3.772  -11.728 13.795  1.00 44.39 ? 204 ASN A ND2 1 
ATOM   450  N N   . TRP A 1 63 ? -4.676  -7.844  17.704  1.00 28.87 ? 205 TRP A N   1 
ATOM   451  C CA  . TRP A 1 63 ? -4.311  -6.988  18.828  1.00 31.88 ? 205 TRP A CA  1 
ATOM   452  C C   . TRP A 1 63 ? -5.373  -6.949  19.929  1.00 29.51 ? 205 TRP A C   1 
ATOM   453  O O   . TRP A 1 63 ? -5.037  -6.946  21.105  1.00 28.80 ? 205 TRP A O   1 
ATOM   454  C CB  . TRP A 1 63 ? -3.914  -5.573  18.380  1.00 28.19 ? 205 TRP A CB  1 
ATOM   455  C CG  . TRP A 1 63 ? -2.528  -5.529  17.824  1.00 31.23 ? 205 TRP A CG  1 
ATOM   456  C CD1 . TRP A 1 63 ? -2.176  -5.306  16.530  1.00 32.76 ? 205 TRP A CD1 1 
ATOM   457  C CD2 . TRP A 1 63 ? -1.307  -5.752  18.543  1.00 30.89 ? 205 TRP A CD2 1 
ATOM   458  N NE1 . TRP A 1 63 ? -0.815  -5.352  16.398  1.00 32.06 ? 205 TRP A NE1 1 
ATOM   459  C CE2 . TRP A 1 63 ? -0.256  -5.632  17.613  1.00 33.97 ? 205 TRP A CE2 1 
ATOM   460  C CE3 . TRP A 1 63 ? -1.000  -6.028  19.881  1.00 31.75 ? 205 TRP A CE3 1 
ATOM   461  C CZ2 . TRP A 1 63 ? 1.085   -5.777  17.978  1.00 37.56 ? 205 TRP A CZ2 1 
ATOM   462  C CZ3 . TRP A 1 63 ? 0.327   -6.181  20.242  1.00 31.64 ? 205 TRP A CZ3 1 
ATOM   463  C CH2 . TRP A 1 63 ? 1.353   -6.053  19.294  1.00 34.90 ? 205 TRP A CH2 1 
ATOM   464  N N   . ALA A 1 64 ? -6.645  -6.931  19.549  1.00 28.12 ? 206 ALA A N   1 
ATOM   465  C CA  . ALA A 1 64 ? -7.713  -6.969  20.539  1.00 27.94 ? 206 ALA A CA  1 
ATOM   466  C C   . ALA A 1 64 ? -7.603  -8.221  21.403  1.00 32.03 ? 206 ALA A C   1 
ATOM   467  O O   . ALA A 1 64 ? -7.777  -8.158  22.626  1.00 30.01 ? 206 ALA A O   1 
ATOM   468  C CB  . ALA A 1 64 ? -9.085  -6.891  19.878  1.00 30.44 ? 206 ALA A CB  1 
ATOM   469  N N   . ARG A 1 65 ? -7.282  -9.346  20.774  1.00 32.05 ? 207 ARG A N   1 
ATOM   470  C CA  . ARG A 1 65 ? -7.116  -10.598 21.506  1.00 35.63 ? 207 ARG A CA  1 
ATOM   471  C C   . ARG A 1 65 ? -5.878  -10.580 22.397  1.00 29.78 ? 207 ARG A C   1 
ATOM   472  O O   . ARG A 1 65 ? -5.935  -11.041 23.520  1.00 33.59 ? 207 ARG A O   1 
ATOM   473  C CB  . ARG A 1 65 ? -7.071  -11.799 20.555  1.00 36.44 ? 207 ARG A CB  1 
ATOM   474  C CG  . ARG A 1 65 ? -8.302  -11.926 19.687  1.00 47.18 ? 207 ARG A CG  1 
ATOM   475  C CD  . ARG A 1 65 ? -8.524  -13.375 19.288  1.00 58.05 ? 207 ARG A CD  1 
ATOM   476  N NE  . ARG A 1 65 ? -8.687  -13.508 17.848  1.00 62.20 ? 207 ARG A NE  1 
ATOM   477  C CZ  . ARG A 1 65 ? -8.605  -14.660 17.193  1.00 65.89 ? 207 ARG A CZ  1 
ATOM   478  N NH1 . ARG A 1 65 ? -8.358  -15.785 17.858  1.00 62.98 ? 207 ARG A NH1 1 
ATOM   479  N NH2 . ARG A 1 65 ? -8.763  -14.683 15.876  1.00 62.98 ? 207 ARG A NH2 1 
ATOM   480  N N   . ARG A 1 66 ? -4.768  -10.064 21.886  1.00 29.44 ? 208 ARG A N   1 
ATOM   481  C CA  . ARG A 1 66 ? -3.556  -9.904  22.699  1.00 34.37 ? 208 ARG A CA  1 
ATOM   482  C C   . ARG A 1 66 ? -3.716  -8.983  23.894  1.00 32.83 ? 208 ARG A C   1 
ATOM   483  O O   . ARG A 1 66 ? -3.072  -9.197  24.924  1.00 34.60 ? 208 ARG A O   1 
ATOM   484  C CB  . ARG A 1 66 ? -2.389  -9.394  21.857  1.00 31.29 ? 208 ARG A CB  1 
ATOM   485  C CG  . ARG A 1 66 ? -1.849  -10.430 20.918  1.00 35.79 ? 208 ARG A CG  1 
ATOM   486  C CD  . ARG A 1 66 ? -0.725  -9.882  20.069  1.00 38.85 ? 208 ARG A CD  1 
ATOM   487  N NE  . ARG A 1 66 ? -0.868  -10.323 18.694  1.00 42.54 ? 208 ARG A NE  1 
ATOM   488  C CZ  . ARG A 1 66 ? 0.129   -10.389 17.821  1.00 51.44 ? 208 ARG A CZ  1 
ATOM   489  N NH1 . ARG A 1 66 ? 1.361   -10.047 18.188  1.00 49.64 ? 208 ARG A NH1 1 
ATOM   490  N NH2 . ARG A 1 66 ? -0.112  -10.800 16.579  1.00 56.76 ? 208 ARG A NH2 1 
ATOM   491  N N   . LEU A 1 67 ? -4.535  -7.941  23.746  1.00 30.16 ? 209 LEU A N   1 
ATOM   492  C CA  . LEU A 1 67 ? -4.754  -6.984  24.823  1.00 29.92 ? 209 LEU A CA  1 
ATOM   493  C C   . LEU A 1 67 ? -5.945  -7.382  25.690  1.00 31.42 ? 209 LEU A C   1 
ATOM   494  O O   . LEU A 1 67 ? -6.259  -6.709  26.670  1.00 31.17 ? 209 LEU A O   1 
ATOM   495  C CB  . LEU A 1 67 ? -4.952  -5.559  24.271  1.00 31.46 ? 209 LEU A CB  1 
ATOM   496  C CG  . LEU A 1 67 ? -3.850  -5.009  23.353  1.00 31.30 ? 209 LEU A CG  1 
ATOM   497  C CD1 . LEU A 1 67 ? -4.099  -3.537  23.018  1.00 30.03 ? 209 LEU A CD1 1 
ATOM   498  C CD2 . LEU A 1 67 ? -2.495  -5.174  23.992  1.00 34.58 ? 209 LEU A CD2 1 
ATOM   499  N N   . GLY A 1 68 ? -6.611  -8.474  25.314  1.00 33.93 ? 210 GLY A N   1 
ATOM   500  C CA  . GLY A 1 68 ? -7.789  -8.947  26.028  1.00 30.99 ? 210 GLY A CA  1 
ATOM   501  C C   . GLY A 1 68 ? -8.929  -7.945  26.122  1.00 30.15 ? 210 GLY A C   1 
ATOM   502  O O   . GLY A 1 68 ? -9.564  -7.834  27.156  1.00 32.32 ? 210 GLY A O   1 
ATOM   503  N N   . VAL A 1 69 ? -9.183  -7.200  25.045  1.00 30.55 ? 211 VAL A N   1 
ATOM   504  C CA  . VAL A 1 69 ? -10.291 -6.245  25.025  1.00 33.57 ? 211 VAL A CA  1 
ATOM   505  C C   . VAL A 1 69 ? -11.289 -6.490  23.892  1.00 31.64 ? 211 VAL A C   1 
ATOM   506  O O   . VAL A 1 69 ? -11.027 -7.241  22.967  1.00 32.06 ? 211 VAL A O   1 
ATOM   507  C CB  . VAL A 1 69 ? -9.809  -4.768  24.915  1.00 32.42 ? 211 VAL A CB  1 
ATOM   508  C CG1 . VAL A 1 69 ? -8.977  -4.394  26.110  1.00 28.87 ? 211 VAL A CG1 1 
ATOM   509  C CG2 . VAL A 1 69 ? -9.068  -4.540  23.593  1.00 27.74 ? 211 VAL A CG2 1 
ATOM   510  N N   . LEU A 1 70 ? -12.435 -5.828  24.004  1.00 38.02 ? 212 LEU A N   1 
ATOM   511  C CA  . LEU A 1 70 ? -13.467 -5.800  22.971  1.00 39.68 ? 212 LEU A CA  1 
ATOM   512  C C   . LEU A 1 70 ? -14.102 -7.176  22.713  1.00 39.01 ? 212 LEU A C   1 
ATOM   513  O O   . LEU A 1 70 ? -14.116 -7.662  21.577  1.00 40.33 ? 212 LEU A O   1 
ATOM   514  C CB  . LEU A 1 70 ? -12.914 -5.165  21.686  1.00 37.09 ? 212 LEU A CB  1 
ATOM   515  C CG  . LEU A 1 70 ? -12.428 -3.705  21.811  1.00 37.78 ? 212 LEU A CG  1 
ATOM   516  C CD1 . LEU A 1 70 ? -11.623 -3.290  20.593  1.00 37.42 ? 212 LEU A CD1 1 
ATOM   517  C CD2 . LEU A 1 70 ? -13.588 -2.738  22.006  1.00 33.86 ? 212 LEU A CD2 1 
ATOM   518  N N   . MET B 1 4  ? 13.431  -15.821 1.675   1.00 70.04 ? 146 MET B N   1 
ATOM   519  C CA  . MET B 1 4  ? 14.315  -15.854 2.835   1.00 73.83 ? 146 MET B CA  1 
ATOM   520  C C   . MET B 1 4  ? 14.760  -14.445 3.229   1.00 73.21 ? 146 MET B C   1 
ATOM   521  O O   . MET B 1 4  ? 15.817  -14.266 3.834   1.00 80.45 ? 146 MET B O   1 
ATOM   522  C CB  . MET B 1 4  ? 15.532  -16.746 2.556   1.00 76.27 ? 146 MET B CB  1 
ATOM   523  C CG  . MET B 1 4  ? 16.130  -17.430 3.796   1.00 87.64 ? 146 MET B CG  1 
ATOM   524  S SD  . MET B 1 4  ? 15.106  -18.740 4.527   1.00 99.81 ? 146 MET B SD  1 
ATOM   525  C CE  . MET B 1 4  ? 14.292  -17.868 5.869   1.00 85.60 ? 146 MET B CE  1 
ATOM   526  N N   . ALA B 1 5  ? 13.949  -13.451 2.877   1.00 66.94 ? 147 ALA B N   1 
ATOM   527  C CA  . ALA B 1 5  ? 14.189  -12.060 3.269   1.00 69.17 ? 147 ALA B CA  1 
ATOM   528  C C   . ALA B 1 5  ? 12.910  -11.446 3.830   1.00 72.01 ? 147 ALA B C   1 
ATOM   529  O O   . ALA B 1 5  ? 11.821  -11.671 3.294   1.00 68.17 ? 147 ALA B O   1 
ATOM   530  C CB  . ALA B 1 5  ? 14.702  -11.238 2.090   1.00 60.37 ? 147 ALA B CB  1 
ATOM   531  N N   . GLN B 1 6  ? 13.051  -10.663 4.901   1.00 77.18 ? 148 GLN B N   1 
ATOM   532  C CA  . GLN B 1 6  ? 11.902  -10.142 5.646   1.00 80.92 ? 148 GLN B CA  1 
ATOM   533  C C   . GLN B 1 6  ? 11.982  -8.640  5.965   1.00 77.11 ? 148 GLN B C   1 
ATOM   534  O O   . GLN B 1 6  ? 13.038  -8.115  6.331   1.00 73.53 ? 148 GLN B O   1 
ATOM   535  C CB  . GLN B 1 6  ? 11.689  -10.954 6.930   1.00 84.74 ? 148 GLN B CB  1 
ATOM   536  C CG  . GLN B 1 6  ? 10.496  -11.903 6.880   1.00 88.04 ? 148 GLN B CG  1 
ATOM   537  C CD  . GLN B 1 6  ? 9.224   -11.275 7.429   1.00 90.57 ? 148 GLN B CD  1 
ATOM   538  O OE1 . GLN B 1 6  ? 9.273   -10.387 8.285   1.00 90.42 ? 148 GLN B OE1 1 
ATOM   539  N NE2 . GLN B 1 6  ? 8.077   -11.734 6.937   1.00 89.43 ? 148 GLN B NE2 1 
ATOM   540  N N   . GLU B 1 7  ? 10.841  -7.968  5.857   1.00 74.78 ? 149 GLU B N   1 
ATOM   541  C CA  . GLU B 1 7  ? 10.795  -6.513  5.859   1.00 64.66 ? 149 GLU B CA  1 
ATOM   542  C C   . GLU B 1 7  ? 9.804   -5.966  6.886   1.00 60.97 ? 149 GLU B C   1 
ATOM   543  O O   . GLU B 1 7  ? 8.782   -6.601  7.157   1.00 62.23 ? 149 GLU B O   1 
ATOM   544  C CB  . GLU B 1 7  ? 10.407  -6.044  4.459   1.00 60.20 ? 149 GLU B CB  1 
ATOM   545  C CG  . GLU B 1 7  ? 11.371  -5.055  3.827   1.00 59.00 ? 149 GLU B CG  1 
ATOM   546  C CD  . GLU B 1 7  ? 12.793  -5.598  3.714   1.00 67.97 ? 149 GLU B CD  1 
ATOM   547  O OE1 . GLU B 1 7  ? 12.964  -6.685  3.107   1.00 65.72 ? 149 GLU B OE1 1 
ATOM   548  O OE2 . GLU B 1 7  ? 13.734  -4.940  4.236   1.00 67.76 ? 149 GLU B OE2 1 
ATOM   549  N N   . PRO B 1 8  ? 10.106  -4.781  7.460   1.00 60.50 ? 150 PRO B N   1 
ATOM   550  C CA  . PRO B 1 8  ? 9.244   -4.134  8.464   1.00 56.82 ? 150 PRO B CA  1 
ATOM   551  C C   . PRO B 1 8  ? 7.948   -3.625  7.841   1.00 52.77 ? 150 PRO B C   1 
ATOM   552  O O   . PRO B 1 8  ? 7.993   -2.885  6.851   1.00 46.28 ? 150 PRO B O   1 
ATOM   553  C CB  . PRO B 1 8  ? 10.093  -2.948  8.942   1.00 59.63 ? 150 PRO B CB  1 
ATOM   554  C CG  . PRO B 1 8  ? 10.987  -2.641  7.782   1.00 62.74 ? 150 PRO B CG  1 
ATOM   555  C CD  . PRO B 1 8  ? 11.317  -3.985  7.189   1.00 63.39 ? 150 PRO B CD  1 
ATOM   556  N N   . PRO B 1 9  ? 6.778   -4.053  8.363   1.00 50.94 ? 151 PRO B N   1 
ATOM   557  C CA  . PRO B 1 9  ? 5.484   -3.668  7.797   1.00 49.85 ? 151 PRO B CA  1 
ATOM   558  C C   . PRO B 1 9  ? 5.140   -2.191  8.031   1.00 43.15 ? 151 PRO B C   1 
ATOM   559  O O   . PRO B 1 9  ? 5.738   -1.573  8.892   1.00 42.19 ? 151 PRO B O   1 
ATOM   560  C CB  . PRO B 1 9  ? 4.489   -4.558  8.554   1.00 49.86 ? 151 PRO B CB  1 
ATOM   561  C CG  . PRO B 1 9  ? 5.167   -4.811  9.880   1.00 48.40 ? 151 PRO B CG  1 
ATOM   562  C CD  . PRO B 1 9  ? 6.638   -4.914  9.538   1.00 48.37 ? 151 PRO B CD  1 
ATOM   563  N N   . LEU B 1 10 ? 4.182   -1.678  7.256   1.00 39.61 ? 152 LEU B N   1 
ATOM   564  C CA  . LEU B 1 10 ? 3.731   -0.269  7.381   1.00 41.27 ? 152 LEU B CA  1 
ATOM   565  C C   . LEU B 1 10 ? 3.109   -0.072  8.767   1.00 38.65 ? 152 LEU B C   1 
ATOM   566  O O   . LEU B 1 10 ? 2.412   -0.990  9.241   1.00 40.66 ? 152 LEU B O   1 
ATOM   567  C CB  . LEU B 1 10 ? 2.697   0.015   6.286   1.00 35.42 ? 152 LEU B CB  1 
ATOM   568  C CG  . LEU B 1 10 ? 3.265   0.301   4.897   1.00 40.92 ? 152 LEU B CG  1 
ATOM   569  C CD1 . LEU B 1 10 ? 2.361   1.255   4.132   1.00 39.61 ? 152 LEU B CD1 1 
ATOM   570  C CD2 . LEU B 1 10 ? 4.674   0.861   4.992   1.00 36.71 ? 152 LEU B CD2 1 
ATOM   571  N N   . THR B 1 11 ? 3.338   1.094   9.376   1.00 35.41 ? 153 THR B N   1 
ATOM   572  C CA  . THR B 1 11 ? 2.762   1.405   10.712  1.00 33.61 ? 153 THR B CA  1 
ATOM   573  C C   . THR B 1 11 ? 1.297   1.823   10.545  1.00 33.24 ? 153 THR B C   1 
ATOM   574  O O   . THR B 1 11 ? 0.899   2.164   9.415   1.00 33.76 ? 153 THR B O   1 
ATOM   575  C CB  . THR B 1 11 ? 3.564   2.504   11.420  1.00 34.90 ? 153 THR B CB  1 
ATOM   576  O OG1 . THR B 1 11 ? 3.290   3.743   10.768  1.00 35.00 ? 153 THR B OG1 1 
ATOM   577  C CG2 . THR B 1 11 ? 5.054   2.243   11.417  1.00 39.13 ? 153 THR B CG2 1 
ATOM   578  N N   . LEU B 1 12 ? 0.533   1.822   11.641  1.00 33.18 ? 154 LEU B N   1 
ATOM   579  C CA  . LEU B 1 12 ? -0.899  2.218   11.590  1.00 33.68 ? 154 LEU B CA  1 
ATOM   580  C C   . LEU B 1 12 ? -1.022  3.602   10.939  1.00 31.38 ? 154 LEU B C   1 
ATOM   581  O O   . LEU B 1 12 ? -1.863  3.754   10.034  1.00 29.69 ? 154 LEU B O   1 
ATOM   582  C CB  . LEU B 1 12 ? -1.467  2.213   13.012  1.00 35.34 ? 154 LEU B CB  1 
ATOM   583  C CG  . LEU B 1 12 ? -1.513  0.842   13.687  1.00 39.39 ? 154 LEU B CG  1 
ATOM   584  C CD1 . LEU B 1 12 ? -2.008  0.958   15.120  1.00 38.94 ? 154 LEU B CD1 1 
ATOM   585  C CD2 . LEU B 1 12 ? -2.384  -0.121  12.898  1.00 36.91 ? 154 LEU B CD2 1 
ATOM   586  N N   . ARG B 1 13 ? -0.212  4.566   11.390  1.00 31.62 ? 155 ARG B N   1 
ATOM   587  C CA  . ARG B 1 13 ? -0.230  5.943   10.829  1.00 32.90 ? 155 ARG B CA  1 
ATOM   588  C C   . ARG B 1 13 ? 0.085   5.888   9.328   1.00 31.09 ? 155 ARG B C   1 
ATOM   589  O O   . ARG B 1 13 ? -0.594  6.592   8.560   1.00 29.78 ? 155 ARG B O   1 
ATOM   590  C CB  . ARG B 1 13 ? 0.778   6.830   11.565  1.00 32.42 ? 155 ARG B CB  1 
ATOM   591  C CG  . ARG B 1 13 ? 0.776   8.279   11.104  1.00 36.38 ? 155 ARG B CG  1 
ATOM   592  C CD  . ARG B 1 13 ? -0.595  8.911   11.225  1.00 39.11 ? 155 ARG B CD  1 
ATOM   593  N NE  . ARG B 1 13 ? -0.591  10.060  12.118  1.00 52.25 ? 155 ARG B NE  1 
ATOM   594  C CZ  . ARG B 1 13 ? -1.681  10.671  12.564  1.00 50.33 ? 155 ARG B CZ  1 
ATOM   595  N NH1 . ARG B 1 13 ? -2.876  10.243  12.198  1.00 46.44 ? 155 ARG B NH1 1 
ATOM   596  N NH2 . ARG B 1 13 ? -1.572  11.709  13.373  1.00 55.85 ? 155 ARG B NH2 1 
ATOM   597  N N   . GLU B 1 14 ? 1.073   5.075   8.939   1.00 29.20 ? 156 GLU B N   1 
ATOM   598  C CA  . GLU B 1 14 ? 1.467   4.942   7.510   1.00 31.65 ? 156 GLU B CA  1 
ATOM   599  C C   . GLU B 1 14 ? 0.304   4.338   6.713   1.00 32.71 ? 156 GLU B C   1 
ATOM   600  O O   . GLU B 1 14 ? 0.103   4.758   5.558   1.00 31.54 ? 156 GLU B O   1 
ATOM   601  C CB  . GLU B 1 14 ? 2.737   4.099   7.378   1.00 30.00 ? 156 GLU B CB  1 
ATOM   602  C CG  . GLU B 1 14 ? 4.009   4.929   7.366   1.00 30.00 ? 156 GLU B CG  1 
ATOM   603  C CD  . GLU B 1 14 ? 5.275   4.157   7.693   1.00 30.00 ? 156 GLU B CD  1 
ATOM   604  O OE1 . GLU B 1 14 ? 5.165   2.976   8.070   1.00 30.00 ? 156 GLU B OE1 1 
ATOM   605  O OE2 . GLU B 1 14 ? 6.367   4.741   7.569   1.00 30.00 ? 156 GLU B OE2 1 
ATOM   606  N N   . ARG B 1 15 ? -0.427  3.393   7.313   1.00 28.45 ? 157 ARG B N   1 
ATOM   607  C CA  . ARG B 1 15 ? -1.590  2.753   6.640   1.00 33.66 ? 157 ARG B CA  1 
ATOM   608  C C   . ARG B 1 15 ? -2.696  3.799   6.459   1.00 28.43 ? 157 ARG B C   1 
ATOM   609  O O   . ARG B 1 15 ? -3.393  3.746   5.431   1.00 31.79 ? 157 ARG B O   1 
ATOM   610  C CB  . ARG B 1 15 ? -2.103  1.569   7.463   1.00 33.87 ? 157 ARG B CB  1 
ATOM   611  C CG  . ARG B 1 15 ? -1.152  0.382   7.517   1.00 39.59 ? 157 ARG B CG  1 
ATOM   612  C CD  . ARG B 1 15 ? -1.535  -0.581  8.622   1.00 38.14 ? 157 ARG B CD  1 
ATOM   613  N NE  . ARG B 1 15 ? -0.437  -1.449  9.017   1.00 41.51 ? 157 ARG B NE  1 
ATOM   614  C CZ  . ARG B 1 15 ? -0.536  -2.764  9.159   1.00 44.46 ? 157 ARG B CZ  1 
ATOM   615  N NH1 . ARG B 1 15 ? -1.689  -3.368  8.937   1.00 40.50 ? 157 ARG B NH1 1 
ATOM   616  N NH2 . ARG B 1 15 ? 0.520   -3.471  9.522   1.00 48.50 ? 157 ARG B NH2 1 
ATOM   617  N N   . GLN B 1 16 ? -2.841  4.703   7.433   1.00 30.69 ? 158 GLN B N   1 
ATOM   618  C CA  . GLN B 1 16 ? -3.867  5.777   7.382   1.00 32.36 ? 158 GLN B CA  1 
ATOM   619  C C   . GLN B 1 16 ? -3.589  6.687   6.180   1.00 34.06 ? 158 GLN B C   1 
ATOM   620  O O   . GLN B 1 16 ? -4.500  6.861   5.352   1.00 34.32 ? 158 GLN B O   1 
ATOM   621  C CB  . GLN B 1 16 ? -3.870  6.571   8.689   1.00 30.19 ? 158 GLN B CB  1 
ATOM   622  C CG  . GLN B 1 16 ? -5.070  7.493   8.840   1.00 35.33 ? 158 GLN B CG  1 
ATOM   623  C CD  . GLN B 1 16 ? -5.002  8.317   10.102  1.00 36.66 ? 158 GLN B CD  1 
ATOM   624  O OE1 . GLN B 1 16 ? -4.033  8.260   10.853  1.00 34.02 ? 158 GLN B OE1 1 
ATOM   625  N NE2 . GLN B 1 16 ? -6.042  9.096   10.344  1.00 34.37 ? 158 GLN B NE2 1 
ATOM   626  N N   . ILE B 1 17 ? -2.375  7.242   6.099   1.00 32.37 ? 159 ILE B N   1 
ATOM   627  C CA  . ILE B 1 17 ? -1.994  8.140   4.966   1.00 34.53 ? 159 ILE B CA  1 
ATOM   628  C C   . ILE B 1 17 ? -2.233  7.386   3.652   1.00 31.78 ? 159 ILE B C   1 
ATOM   629  O O   . ILE B 1 17 ? -2.894  7.950   2.763   1.00 33.69 ? 159 ILE B O   1 
ATOM   630  C CB  . ILE B 1 17 ? -0.540  8.629   5.110   1.00 35.75 ? 159 ILE B CB  1 
ATOM   631  C CG1 . ILE B 1 17 ? -0.435  9.793   6.098   1.00 34.14 ? 159 ILE B CG1 1 
ATOM   632  C CG2 . ILE B 1 17 ? 0.044   8.991   3.755   1.00 35.30 ? 159 ILE B CG2 1 
ATOM   633  C CD1 . ILE B 1 17 ? 0.413   9.498   7.309   1.00 34.55 ? 159 ILE B CD1 1 
ATOM   634  N N   . LEU B 1 18 ? -1.703  6.164   3.545   1.00 30.72 ? 160 LEU B N   1 
ATOM   635  C CA  . LEU B 1 18 ? -1.915  5.339   2.377   1.00 36.03 ? 160 LEU B CA  1 
ATOM   636  C C   . LEU B 1 18 ? -3.394  5.255   1.954   1.00 37.57 ? 160 LEU B C   1 
ATOM   637  O O   . LEU B 1 18 ? -3.723  5.498   0.778   1.00 37.08 ? 160 LEU B O   1 
ATOM   638  C CB  . LEU B 1 18 ? -1.341  3.941   2.606   1.00 31.75 ? 160 LEU B CB  1 
ATOM   639  C CG  . LEU B 1 18 ? -1.447  3.043   1.379   1.00 38.07 ? 160 LEU B CG  1 
ATOM   640  C CD1 . LEU B 1 18 ? -0.966  3.772   0.136   1.00 37.42 ? 160 LEU B CD1 1 
ATOM   641  C CD2 . LEU B 1 18 ? -0.637  1.769   1.596   1.00 38.19 ? 160 LEU B CD2 1 
ATOM   642  N N   . LYS B 1 19 ? -4.274  4.917   2.897   1.00 34.21 ? 161 LYS B N   1 
ATOM   643  C CA  . LYS B 1 19 ? -5.713  4.899   2.627   1.00 29.49 ? 161 LYS B CA  1 
ATOM   644  C C   . LYS B 1 19 ? -6.173  6.280   2.141   1.00 37.29 ? 161 LYS B C   1 
ATOM   645  O O   . LYS B 1 19 ? -6.959  6.382   1.208   1.00 37.02 ? 161 LYS B O   1 
ATOM   646  C CB  . LYS B 1 19 ? -6.509  4.502   3.883   1.00 33.75 ? 161 LYS B CB  1 
ATOM   647  C CG  . LYS B 1 19 ? -8.012  4.870   3.822   1.00 35.84 ? 161 LYS B CG  1 
ATOM   648  C CD  . LYS B 1 19 ? -8.769  4.421   5.078   1.00 44.11 ? 161 LYS B CD  1 
ATOM   649  C CE  . LYS B 1 19 ? -10.283 4.654   4.973   1.00 39.96 ? 161 LYS B CE  1 
ATOM   650  N NZ  . LYS B 1 19 ? -10.688 6.070   5.278   1.00 45.58 ? 161 LYS B NZ  1 
ATOM   651  N N   . LEU B 1 20 ? -5.677  7.347   2.760   1.00 34.21 ? 162 LEU B N   1 
ATOM   652  C CA  . LEU B 1 20 ? -6.134  8.675   2.367   1.00 37.30 ? 162 LEU B CA  1 
ATOM   653  C C   . LEU B 1 20 ? -5.635  9.090   0.978   1.00 41.75 ? 162 LEU B C   1 
ATOM   654  O O   . LEU B 1 20 ? -6.362  9.734   0.205   1.00 41.94 ? 162 LEU B O   1 
ATOM   655  C CB  . LEU B 1 20 ? -5.762  9.708   3.422   1.00 36.54 ? 162 LEU B CB  1 
ATOM   656  C CG  . LEU B 1 20 ? -6.487  9.543   4.752   1.00 40.67 ? 162 LEU B CG  1 
ATOM   657  C CD1 . LEU B 1 20 ? -5.828  10.405  5.835   1.00 38.04 ? 162 LEU B CD1 1 
ATOM   658  C CD2 . LEU B 1 20 ? -7.979  9.872   4.589   1.00 39.48 ? 162 LEU B CD2 1 
ATOM   659  N N   . VAL B 1 21 ? -4.401  8.715   0.657   1.00 36.90 ? 163 VAL B N   1 
ATOM   660  C CA  . VAL B 1 21 ? -3.866  8.981   -0.674  1.00 40.76 ? 163 VAL B CA  1 
ATOM   661  C C   . VAL B 1 21 ? -4.656  8.204   -1.729  1.00 44.25 ? 163 VAL B C   1 
ATOM   662  O O   . VAL B 1 21 ? -5.024  8.743   -2.782  1.00 43.14 ? 163 VAL B O   1 
ATOM   663  C CB  . VAL B 1 21 ? -2.361  8.637   -0.766  1.00 40.47 ? 163 VAL B CB  1 
ATOM   664  C CG1 . VAL B 1 21 ? -1.899  8.632   -2.228  1.00 35.82 ? 163 VAL B CG1 1 
ATOM   665  C CG2 . VAL B 1 21 ? -1.555  9.620   0.079   1.00 34.82 ? 163 VAL B CG2 1 
ATOM   666  N N   . ALA B 1 22 ? -4.935  6.943   -1.421  1.00 38.81 ? 164 ALA B N   1 
ATOM   667  C CA  . ALA B 1 22 ? -5.723  6.093   -2.296  1.00 42.72 ? 164 ALA B CA  1 
ATOM   668  C C   . ALA B 1 22 ? -7.128  6.645   -2.546  1.00 45.48 ? 164 ALA B C   1 
ATOM   669  O O   . ALA B 1 22 ? -7.774  6.305   -3.538  1.00 43.65 ? 164 ALA B O   1 
ATOM   670  C CB  . ALA B 1 22 ? -5.789  4.667   -1.734  1.00 36.04 ? 164 ALA B CB  1 
ATOM   671  N N   . GLU B 1 23 ? -7.605  7.498   -1.649  1.00 43.40 ? 165 GLU B N   1 
ATOM   672  C CA  . GLU B 1 23 ? -8.934  8.073   -1.816  1.00 47.65 ? 165 GLU B CA  1 
ATOM   673  C C   . GLU B 1 23 ? -8.877  9.433   -2.523  1.00 51.10 ? 165 GLU B C   1 
ATOM   674  O O   . GLU B 1 23 ? -9.835  10.202  -2.479  1.00 51.83 ? 165 GLU B O   1 
ATOM   675  C CB  . GLU B 1 23 ? -9.641  8.186   -0.466  1.00 40.95 ? 165 GLU B CB  1 
ATOM   676  C CG  . GLU B 1 23 ? -10.028 6.848   0.133   1.00 46.76 ? 165 GLU B CG  1 
ATOM   677  C CD  . GLU B 1 23 ? -10.419 6.939   1.608   1.00 52.92 ? 165 GLU B CD  1 
ATOM   678  O OE1 . GLU B 1 23 ? -10.220 8.013   2.231   1.00 46.12 ? 165 GLU B OE1 1 
ATOM   679  O OE2 . GLU B 1 23 ? -10.929 5.924   2.141   1.00 55.69 ? 165 GLU B OE2 1 
ATOM   680  N N   . GLY B 1 24 ? -7.742  9.717   -3.160  1.00 46.41 ? 166 GLY B N   1 
ATOM   681  C CA  . GLY B 1 24 ? -7.571  10.935  -3.927  1.00 49.97 ? 166 GLY B CA  1 
ATOM   682  C C   . GLY B 1 24 ? -7.360  12.190  -3.096  1.00 52.18 ? 166 GLY B C   1 
ATOM   683  O O   . GLY B 1 24 ? -7.669  13.294  -3.547  1.00 51.86 ? 166 GLY B O   1 
ATOM   684  N N   . LYS B 1 25 ? -6.832  12.035  -1.888  1.00 48.22 ? 167 LYS B N   1 
ATOM   685  C CA  . LYS B 1 25 ? -6.510  13.195  -1.065  1.00 49.96 ? 167 LYS B CA  1 
ATOM   686  C C   . LYS B 1 25 ? -5.123  13.722  -1.379  1.00 50.72 ? 167 LYS B C   1 
ATOM   687  O O   . LYS B 1 25 ? -4.168  12.951  -1.474  1.00 49.11 ? 167 LYS B O   1 
ATOM   688  C CB  . LYS B 1 25 ? -6.601  12.860  0.428   1.00 52.57 ? 167 LYS B CB  1 
ATOM   689  C CG  . LYS B 1 25 ? -7.810  13.444  1.133   1.00 54.48 ? 167 LYS B CG  1 
ATOM   690  C CD  . LYS B 1 25 ? -9.093  12.715  0.760   1.00 57.52 ? 167 LYS B CD  1 
ATOM   691  C CE  . LYS B 1 25 ? -10.218 13.088  1.724   1.00 67.36 ? 167 LYS B CE  1 
ATOM   692  N NZ  . LYS B 1 25 ? -11.480 12.322  1.477   1.00 68.63 ? 167 LYS B NZ  1 
ATOM   693  N N   . ARG B 1 26 ? -5.029  15.040  -1.543  1.00 53.50 ? 168 ARG B N   1 
ATOM   694  C CA  . ARG B 1 26 ? -3.754  15.722  -1.729  1.00 54.86 ? 168 ARG B CA  1 
ATOM   695  C C   . ARG B 1 26 ? -3.077  15.824  -0.377  1.00 50.14 ? 168 ARG B C   1 
ATOM   696  O O   . ARG B 1 26 ? -3.712  15.621  0.650   1.00 49.15 ? 168 ARG B O   1 
ATOM   697  C CB  . ARG B 1 26 ? -3.973  17.131  -2.297  1.00 57.64 ? 168 ARG B CB  1 
ATOM   698  C CG  . ARG B 1 26 ? -4.506  17.176  -3.733  1.00 60.31 ? 168 ARG B CG  1 
ATOM   699  C CD  . ARG B 1 26 ? -4.900  18.606  -4.145  1.00 57.34 ? 168 ARG B CD  1 
ATOM   700  N NE  . ARG B 1 26 ? -3.750  19.458  -4.443  1.00 52.62 ? 168 ARG B NE  1 
ATOM   701  C CZ  . ARG B 1 26 ? -3.309  19.724  -5.675  1.00 52.55 ? 168 ARG B CZ  1 
ATOM   702  N NH1 . ARG B 1 26 ? -3.922  19.204  -6.736  1.00 41.92 ? 168 ARG B NH1 1 
ATOM   703  N NH2 . ARG B 1 26 ? -2.252  20.517  -5.847  1.00 51.25 ? 168 ARG B NH2 1 
ATOM   704  N N   . ASN B 1 27 ? -1.792  16.153  -0.372  1.00 50.00 ? 169 ASN B N   1 
ATOM   705  C CA  . ASN B 1 27 ? -1.059  16.253  0.887   1.00 45.00 ? 169 ASN B CA  1 
ATOM   706  C C   . ASN B 1 27 ? -1.593  17.305  1.843   1.00 46.62 ? 169 ASN B C   1 
ATOM   707  O O   . ASN B 1 27 ? -1.595  17.100  3.058   1.00 41.01 ? 169 ASN B O   1 
ATOM   708  C CB  . ASN B 1 27 ? 0.430   16.469  0.641   1.00 43.85 ? 169 ASN B CB  1 
ATOM   709  C CG  . ASN B 1 27 ? 1.105   15.229  0.131   1.00 44.66 ? 169 ASN B CG  1 
ATOM   710  O OD1 . ASN B 1 27 ? 0.569   14.133  0.258   1.00 41.40 ? 169 ASN B OD1 1 
ATOM   711  N ND2 . ASN B 1 27 ? 2.277   15.391  -0.464  1.00 44.45 ? 169 ASN B ND2 1 
ATOM   712  N N   . ARG B 1 28 ? -2.049  18.429  1.292   1.00 51.05 ? 170 ARG B N   1 
ATOM   713  C CA  . ARG B 1 28 ? -2.616  19.498  2.110   1.00 54.04 ? 170 ARG B CA  1 
ATOM   714  C C   . ARG B 1 28 ? -3.926  19.067  2.756   1.00 49.78 ? 170 ARG B C   1 
ATOM   715  O O   . ARG B 1 28 ? -4.155  19.333  3.931   1.00 50.61 ? 170 ARG B O   1 
ATOM   716  C CB  . ARG B 1 28 ? -2.801  20.789  1.300   1.00 54.72 ? 170 ARG B CB  1 
ATOM   717  C CG  . ARG B 1 28 ? -1.552  21.649  1.271   1.00 59.99 ? 170 ARG B CG  1 
ATOM   718  C CD  . ARG B 1 28 ? -1.793  23.004  0.613   1.00 64.46 ? 170 ARG B CD  1 
ATOM   719  N NE  . ARG B 1 28 ? -0.912  24.019  1.186   1.00 65.77 ? 170 ARG B NE  1 
ATOM   720  C CZ  . ARG B 1 28 ? 0.362   24.192  0.842   1.00 69.69 ? 170 ARG B CZ  1 
ATOM   721  N NH1 . ARG B 1 28 ? 0.919   23.423  -0.089  1.00 65.42 ? 170 ARG B NH1 1 
ATOM   722  N NH2 . ARG B 1 28 ? 1.083   25.139  1.429   1.00 75.26 ? 170 ARG B NH2 1 
ATOM   723  N N   . ASP B 1 29 ? -4.774  18.405  1.975   1.00 52.26 ? 171 ASP B N   1 
ATOM   724  C CA  . ASP B 1 29 ? -6.013  17.830  2.487   1.00 52.18 ? 171 ASP B CA  1 
ATOM   725  C C   . ASP B 1 29 ? -5.725  16.923  3.688   1.00 53.00 ? 171 ASP B C   1 
ATOM   726  O O   . ASP B 1 29 ? -6.301  17.108  4.765   1.00 49.83 ? 171 ASP B O   1 
ATOM   727  C CB  . ASP B 1 29 ? -6.739  17.038  1.390   1.00 48.49 ? 171 ASP B CB  1 
ATOM   728  C CG  . ASP B 1 29 ? -6.968  17.858  0.120   1.00 61.01 ? 171 ASP B CG  1 
ATOM   729  O OD1 . ASP B 1 29 ? -6.956  19.111  0.200   1.00 63.56 ? 171 ASP B OD1 1 
ATOM   730  O OD2 . ASP B 1 29 ? -7.170  17.245  -0.962  1.00 57.75 ? 171 ASP B OD2 1 
ATOM   731  N N   . ILE B 1 30 ? -4.816  15.963  3.497   1.00 44.64 ? 172 ILE B N   1 
ATOM   732  C CA  . ILE B 1 30 ? -4.422  15.036  4.557   1.00 45.29 ? 172 ILE B CA  1 
ATOM   733  C C   . ILE B 1 30 ? -3.905  15.746  5.808   1.00 45.81 ? 172 ILE B C   1 
ATOM   734  O O   . ILE B 1 30 ? -4.262  15.382  6.930   1.00 46.75 ? 172 ILE B O   1 
ATOM   735  C CB  . ILE B 1 30 ? -3.346  14.036  4.059   1.00 43.49 ? 172 ILE B CB  1 
ATOM   736  C CG1 . ILE B 1 30 ? -3.905  13.174  2.923   1.00 43.83 ? 172 ILE B CG1 1 
ATOM   737  C CG2 . ILE B 1 30 ? -2.823  13.183  5.199   1.00 38.12 ? 172 ILE B CG2 1 
ATOM   738  C CD1 . ILE B 1 30 ? -2.899  12.206  2.336   1.00 42.49 ? 172 ILE B CD1 1 
ATOM   739  N N   . ALA B 1 31 ? -3.066  16.756  5.612   1.00 47.01 ? 173 ALA B N   1 
ATOM   740  C CA  . ALA B 1 31 ? -2.491  17.518  6.720   1.00 47.47 ? 173 ALA B CA  1 
ATOM   741  C C   . ALA B 1 31 ? -3.564  18.217  7.560   1.00 52.41 ? 173 ALA B C   1 
ATOM   742  O O   . ALA B 1 31 ? -3.437  18.347  8.779   1.00 50.88 ? 173 ALA B O   1 
ATOM   743  C CB  . ALA B 1 31 ? -1.476  18.542  6.196   1.00 43.94 ? 173 ALA B CB  1 
ATOM   744  N N   . GLU B 1 32 ? -4.616  18.676  6.895   1.00 53.28 ? 174 GLU B N   1 
ATOM   745  C CA  . GLU B 1 32 ? -5.707  19.358  7.583   1.00 56.41 ? 174 GLU B CA  1 
ATOM   746  C C   . GLU B 1 32 ? -6.565  18.348  8.334   1.00 57.36 ? 174 GLU B C   1 
ATOM   747  O O   . GLU B 1 32 ? -6.850  18.531  9.520   1.00 58.72 ? 174 GLU B O   1 
ATOM   748  C CB  . GLU B 1 32 ? -6.534  20.182  6.586   1.00 59.03 ? 174 GLU B CB  1 
ATOM   749  C CG  . GLU B 1 32 ? -5.822  21.470  6.152   1.00 63.98 ? 174 GLU B CG  1 
ATOM   750  C CD  . GLU B 1 32 ? -6.092  21.870  4.703   1.00 68.15 ? 174 GLU B CD  1 
ATOM   751  O OE1 . GLU B 1 32 ? -7.177  21.537  4.169   1.00 71.28 ? 174 GLU B OE1 1 
ATOM   752  O OE2 . GLU B 1 32 ? -5.206  22.519  4.095   1.00 68.81 ? 174 GLU B OE2 1 
ATOM   753  N N   . LEU B 1 33 ? -6.939  17.270  7.642   1.00 54.86 ? 175 LEU B N   1 
ATOM   754  C CA  . LEU B 1 33 ? -7.705  16.172  8.229   1.00 53.27 ? 175 LEU B CA  1 
ATOM   755  C C   . LEU B 1 33 ? -7.062  15.577  9.485   1.00 56.69 ? 175 LEU B C   1 
ATOM   756  O O   . LEU B 1 33 ? -7.760  15.207  10.432  1.00 58.78 ? 175 LEU B O   1 
ATOM   757  C CB  . LEU B 1 33 ? -7.924  15.057  7.199   1.00 54.52 ? 175 LEU B CB  1 
ATOM   758  C CG  . LEU B 1 33 ? -8.887  15.313  6.036   1.00 56.42 ? 175 LEU B CG  1 
ATOM   759  C CD1 . LEU B 1 33 ? -8.939  14.094  5.121   1.00 55.92 ? 175 LEU B CD1 1 
ATOM   760  C CD2 . LEU B 1 33 ? -10.283 15.664  6.541   1.00 54.95 ? 175 LEU B CD2 1 
ATOM   761  N N   . LEU B 1 34 ? -5.737  15.479  9.494   1.00 54.14 ? 176 LEU B N   1 
ATOM   762  C CA  . LEU B 1 34 ? -5.038  14.852  10.611  1.00 48.57 ? 176 LEU B CA  1 
ATOM   763  C C   . LEU B 1 34 ? -4.442  15.900  11.533  1.00 52.60 ? 176 LEU B C   1 
ATOM   764  O O   . LEU B 1 34 ? -3.824  15.558  12.550  1.00 51.07 ? 176 LEU B O   1 
ATOM   765  C CB  . LEU B 1 34 ? -3.924  13.932  10.105  1.00 50.55 ? 176 LEU B CB  1 
ATOM   766  C CG  . LEU B 1 34 ? -4.296  12.718  9.253   1.00 47.54 ? 176 LEU B CG  1 
ATOM   767  C CD1 . LEU B 1 34 ? -3.093  11.816  9.077   1.00 44.86 ? 176 LEU B CD1 1 
ATOM   768  C CD2 . LEU B 1 34 ? -5.422  11.966  9.896   1.00 47.90 ? 176 LEU B CD2 1 
ATOM   769  N N   . SER B 1 35 ? -4.635  17.169  11.170  1.00 54.98 ? 177 SER B N   1 
ATOM   770  C CA  . SER B 1 35 ? -3.975  18.301  11.839  1.00 57.59 ? 177 SER B CA  1 
ATOM   771  C C   . SER B 1 35 ? -2.509  18.018  12.196  1.00 56.56 ? 177 SER B C   1 
ATOM   772  O O   . SER B 1 35 ? -2.137  17.911  13.370  1.00 56.96 ? 177 SER B O   1 
ATOM   773  C CB  . SER B 1 35 ? -4.768  18.793  13.062  1.00 62.13 ? 177 SER B CB  1 
ATOM   774  O OG  . SER B 1 35 ? -4.850  17.802  14.072  1.00 62.56 ? 177 SER B OG  1 
ATOM   775  N N   . ILE B 1 36 ? -1.691  17.861  11.163  1.00 56.62 ? 178 ILE B N   1 
ATOM   776  C CA  . ILE B 1 36 ? -0.243  17.762  11.329  1.00 54.52 ? 178 ILE B CA  1 
ATOM   777  C C   . ILE B 1 36 ? 0.371   18.650  10.262  1.00 48.57 ? 178 ILE B C   1 
ATOM   778  O O   . ILE B 1 36 ? -0.341  19.139  9.384   1.00 50.38 ? 178 ILE B O   1 
ATOM   779  C CB  . ILE B 1 36 ? 0.261   16.310  11.188  1.00 51.75 ? 178 ILE B CB  1 
ATOM   780  C CG1 . ILE B 1 36 ? -0.380  15.630  9.974   1.00 51.23 ? 178 ILE B CG1 1 
ATOM   781  C CG2 . ILE B 1 36 ? -0.039  15.517  12.447  1.00 49.70 ? 178 ILE B CG2 1 
ATOM   782  C CD1 . ILE B 1 36 ? 0.119   14.210  9.735   1.00 50.90 ? 178 ILE B CD1 1 
ATOM   783  N N   . SER B 1 37 ? 1.676   18.883  10.338  1.00 50.59 ? 179 SER B N   1 
ATOM   784  C CA  . SER B 1 37 ? 2.318   19.725  9.335   1.00 51.26 ? 179 SER B CA  1 
ATOM   785  C C   . SER B 1 37 ? 2.401   19.020  7.978   1.00 51.58 ? 179 SER B C   1 
ATOM   786  O O   . SER B 1 37 ? 2.404   17.785  7.891   1.00 48.12 ? 179 SER B O   1 
ATOM   787  C CB  . SER B 1 37 ? 3.705   20.173  9.788   1.00 50.75 ? 179 SER B CB  1 
ATOM   788  O OG  . SER B 1 37 ? 4.601   19.084  9.832   1.00 50.41 ? 179 SER B OG  1 
ATOM   789  N N   . LEU B 1 38 ? 2.448   19.827  6.925   1.00 49.64 ? 180 LEU B N   1 
ATOM   790  C CA  . LEU B 1 38 ? 2.628   19.338  5.567   1.00 47.12 ? 180 LEU B CA  1 
ATOM   791  C C   . LEU B 1 38 ? 3.950   18.583  5.463   1.00 49.15 ? 180 LEU B C   1 
ATOM   792  O O   . LEU B 1 38 ? 4.046   17.571  4.774   1.00 48.79 ? 180 LEU B O   1 
ATOM   793  C CB  . LEU B 1 38 ? 2.597   20.510  4.582   1.00 51.17 ? 180 LEU B CB  1 
ATOM   794  C CG  . LEU B 1 38 ? 2.791   20.248  3.084   1.00 57.08 ? 180 LEU B CG  1 
ATOM   795  C CD1 . LEU B 1 38 ? 1.704   19.330  2.542   1.00 53.00 ? 180 LEU B CD1 1 
ATOM   796  C CD2 . LEU B 1 38 ? 2.804   21.562  2.306   1.00 57.66 ? 180 LEU B CD2 1 
ATOM   797  N N   . LYS B 1 39 ? 4.967   19.062  6.170   1.00 51.28 ? 181 LYS B N   1 
ATOM   798  C CA  . LYS B 1 39 ? 6.268   18.409  6.140   1.00 52.00 ? 181 LYS B CA  1 
ATOM   799  C C   . LYS B 1 39 ? 6.206   17.001  6.749   1.00 47.50 ? 181 LYS B C   1 
ATOM   800  O O   . LYS B 1 39 ? 6.951   16.108  6.345   1.00 45.47 ? 181 LYS B O   1 
ATOM   801  C CB  . LYS B 1 39 ? 7.320   19.267  6.852   1.00 48.49 ? 181 LYS B CB  1 
ATOM   802  C CG  . LYS B 1 39 ? 8.740   19.000  6.377   1.00 61.55 ? 181 LYS B CG  1 
ATOM   803  C CD  . LYS B 1 39 ? 8.860   19.257  4.868   1.00 64.82 ? 181 LYS B CD  1 
ATOM   804  C CE  . LYS B 1 39 ? 8.482   20.703  4.529   1.00 65.61 ? 181 LYS B CE  1 
ATOM   805  N NZ  . LYS B 1 39 ? 8.311   20.934  3.062   1.00 70.59 ? 181 LYS B NZ  1 
ATOM   806  N N   . THR B 1 40 ? 5.322   16.828  7.727   1.00 46.61 ? 182 THR B N   1 
ATOM   807  C CA  . THR B 1 40 ? 5.097   15.543  8.383   1.00 45.47 ? 182 THR B CA  1 
ATOM   808  C C   . THR B 1 40 ? 4.370   14.561  7.451   1.00 39.85 ? 182 THR B C   1 
ATOM   809  O O   . THR B 1 40 ? 4.714   13.385  7.395   1.00 39.40 ? 182 THR B O   1 
ATOM   810  C CB  . THR B 1 40 ? 4.290   15.725  9.704   1.00 47.86 ? 182 THR B CB  1 
ATOM   811  O OG1 . THR B 1 40 ? 5.097   16.407  10.673  1.00 48.04 ? 182 THR B OG1 1 
ATOM   812  C CG2 . THR B 1 40 ? 3.859   14.382  10.291  1.00 45.21 ? 182 THR B CG2 1 
ATOM   813  N N   . VAL B 1 41 ? 3.372   15.057  6.722   1.00 39.22 ? 183 VAL B N   1 
ATOM   814  C CA  . VAL B 1 41 ? 2.647   14.249  5.740   1.00 40.97 ? 183 VAL B CA  1 
ATOM   815  C C   . VAL B 1 41 ? 3.571   13.736  4.628   1.00 41.05 ? 183 VAL B C   1 
ATOM   816  O O   . VAL B 1 41 ? 3.546   12.549  4.264   1.00 36.17 ? 183 VAL B O   1 
ATOM   817  C CB  . VAL B 1 41 ? 1.472   15.028  5.116   1.00 39.89 ? 183 VAL B CB  1 
ATOM   818  C CG1 . VAL B 1 41 ? 0.975   14.340  3.842   1.00 38.22 ? 183 VAL B CG1 1 
ATOM   819  C CG2 . VAL B 1 41 ? 0.341   15.184  6.135   1.00 43.64 ? 183 VAL B CG2 1 
ATOM   820  N N   . GLU B 1 42 ? 4.404   14.636  4.119   1.00 38.48 ? 184 GLU B N   1 
ATOM   821  C CA  . GLU B 1 42 ? 5.344   14.312  3.061   1.00 41.47 ? 184 GLU B CA  1 
ATOM   822  C C   . GLU B 1 42 ? 6.395   13.316  3.523   1.00 39.73 ? 184 GLU B C   1 
ATOM   823  O O   . GLU B 1 42 ? 6.763   12.399  2.781   1.00 37.75 ? 184 GLU B O   1 
ATOM   824  C CB  . GLU B 1 42 ? 5.981   15.587  2.528   1.00 42.75 ? 184 GLU B CB  1 
ATOM   825  C CG  . GLU B 1 42 ? 4.944   16.472  1.852   1.00 50.30 ? 184 GLU B CG  1 
ATOM   826  C CD  . GLU B 1 42 ? 5.442   17.868  1.532   1.00 63.51 ? 184 GLU B CD  1 
ATOM   827  O OE1 . GLU B 1 42 ? 6.616   18.185  1.836   1.00 64.44 ? 184 GLU B OE1 1 
ATOM   828  O OE2 . GLU B 1 42 ? 4.642   18.650  0.972   1.00 69.20 ? 184 GLU B OE2 1 
ATOM   829  N N   . THR B 1 43 ? 6.846   13.487  4.760   1.00 37.69 ? 185 THR B N   1 
ATOM   830  C CA  . THR B 1 43 ? 7.796   12.569  5.359   1.00 37.89 ? 185 THR B CA  1 
ATOM   831  C C   . THR B 1 43 ? 7.189   11.165  5.516   1.00 40.15 ? 185 THR B C   1 
ATOM   832  O O   . THR B 1 43 ? 7.857   10.160  5.249   1.00 35.49 ? 185 THR B O   1 
ATOM   833  C CB  . THR B 1 43 ? 8.260   13.093  6.716   1.00 43.27 ? 185 THR B CB  1 
ATOM   834  O OG1 . THR B 1 43 ? 8.854   14.388  6.540   1.00 46.98 ? 185 THR B OG1 1 
ATOM   835  C CG2 . THR B 1 43 ? 9.263   12.119  7.371   1.00 38.11 ? 185 THR B CG2 1 
ATOM   836  N N   . HIS B 1 44 ? 5.918   11.113  5.922   1.00 38.06 ? 186 HIS B N   1 
ATOM   837  C CA  . HIS B 1 44 ? 5.211   9.816   6.086   1.00 38.99 ? 186 HIS B CA  1 
ATOM   838  C C   . HIS B 1 44 ? 5.063   9.147   4.715   1.00 36.05 ? 186 HIS B C   1 
ATOM   839  O O   . HIS B 1 44 ? 5.274   7.925   4.626   1.00 32.66 ? 186 HIS B O   1 
ATOM   840  C CB  . HIS B 1 44 ? 3.854   10.025  6.771   1.00 36.41 ? 186 HIS B CB  1 
ATOM   841  C CG  . HIS B 1 44 ? 3.917   9.942   8.259   1.00 43.10 ? 186 HIS B CG  1 
ATOM   842  N ND1 . HIS B 1 44 ? 3.329   10.886  9.076   1.00 42.09 ? 186 HIS B ND1 1 
ATOM   843  C CD2 . HIS B 1 44 ? 4.493   9.037   9.078   1.00 44.57 ? 186 HIS B CD2 1 
ATOM   844  C CE1 . HIS B 1 44 ? 3.541   10.566  10.336  1.00 43.02 ? 186 HIS B CE1 1 
ATOM   845  N NE2 . HIS B 1 44 ? 4.253   9.435   10.363  1.00 40.57 ? 186 HIS B NE2 1 
ATOM   846  N N   . ARG B 1 45 ? 4.725   9.938   3.691   1.00 33.78 ? 187 ARG B N   1 
ATOM   847  C CA  . ARG B 1 45 ? 4.546   9.419   2.309   1.00 34.63 ? 187 ARG B CA  1 
ATOM   848  C C   . ARG B 1 45 ? 5.880   8.867   1.794   1.00 37.12 ? 187 ARG B C   1 
ATOM   849  O O   . ARG B 1 45 ? 5.859   7.836   1.098   1.00 31.78 ? 187 ARG B O   1 
ATOM   850  C CB  . ARG B 1 45 ? 4.027   10.527  1.388   1.00 36.43 ? 187 ARG B CB  1 
ATOM   851  C CG  . ARG B 1 45 ? 2.515   10.692  1.409   1.00 39.72 ? 187 ARG B CG  1 
ATOM   852  C CD  . ARG B 1 45 ? 2.015   11.482  0.215   1.00 43.67 ? 187 ARG B CD  1 
ATOM   853  N NE  . ARG B 1 45 ? 1.831   10.657  -0.969  1.00 33.90 ? 187 ARG B NE  1 
ATOM   854  C CZ  . ARG B 1 45 ? 1.071   10.993  -2.004  1.00 38.40 ? 187 ARG B CZ  1 
ATOM   855  N NH1 . ARG B 1 45 ? 0.422   12.143  -2.000  1.00 46.00 ? 187 ARG B NH1 1 
ATOM   856  N NH2 . ARG B 1 45 ? 0.961   10.178  -3.037  1.00 38.77 ? 187 ARG B NH2 1 
ATOM   857  N N   . LEU B 1 46 ? 6.986   9.538   2.124   1.00 33.16 ? 188 LEU B N   1 
ATOM   858  C CA  . LEU B 1 46 ? 8.335   9.100   1.677   1.00 35.07 ? 188 LEU B CA  1 
ATOM   859  C C   . LEU B 1 46 ? 8.697   7.782   2.373   1.00 33.12 ? 188 LEU B C   1 
ATOM   860  O O   . LEU B 1 46 ? 9.210   6.879   1.689   1.00 31.31 ? 188 LEU B O   1 
ATOM   861  C CB  . LEU B 1 46 ? 9.352   10.199  2.007   1.00 36.71 ? 188 LEU B CB  1 
ATOM   862  C CG  . LEU B 1 46 ? 10.813  9.843   1.741   1.00 48.84 ? 188 LEU B CG  1 
ATOM   863  C CD1 . LEU B 1 46 ? 10.980  9.230   0.359   1.00 52.02 ? 188 LEU B CD1 1 
ATOM   864  C CD2 . LEU B 1 46 ? 11.704  11.067  1.890   1.00 53.97 ? 188 LEU B CD2 1 
ATOM   865  N N   . ASN B 1 47 ? 8.437   7.691   3.680   1.00 32.18 ? 189 ASN B N   1 
ATOM   866  C CA  . ASN B 1 47 ? 8.742   6.459   4.457   1.00 36.78 ? 189 ASN B CA  1 
ATOM   867  C C   . ASN B 1 47 ? 7.858   5.316   3.945   1.00 35.78 ? 189 ASN B C   1 
ATOM   868  O O   . ASN B 1 47 ? 8.364   4.186   3.826   1.00 34.46 ? 189 ASN B O   1 
ATOM   869  C CB  . ASN B 1 47 ? 8.538   6.668   5.959   1.00 34.20 ? 189 ASN B CB  1 
ATOM   870  C CG  . ASN B 1 47 ? 9.569   7.586   6.580   1.00 41.70 ? 189 ASN B CG  1 
ATOM   871  O OD1 . ASN B 1 47 ? 10.675  7.726   6.066   1.00 41.04 ? 189 ASN B OD1 1 
ATOM   872  N ND2 . ASN B 1 47 ? 9.215   8.214   7.689   1.00 39.36 ? 189 ASN B ND2 1 
ATOM   873  N N   . LEU B 1 48 ? 6.591   5.619   3.657   1.00 29.83 ? 190 LEU B N   1 
ATOM   874  C CA  . LEU B 1 48 ? 5.613   4.614   3.161   1.00 32.17 ? 190 LEU B CA  1 
ATOM   875  C C   . LEU B 1 48 ? 6.112   4.022   1.838   1.00 31.91 ? 190 LEU B C   1 
ATOM   876  O O   . LEU B 1 48 ? 6.151   2.783   1.724   1.00 31.18 ? 190 LEU B O   1 
ATOM   877  C CB  . LEU B 1 48 ? 4.259   5.307   2.978   1.00 36.40 ? 190 LEU B CB  1 
ATOM   878  C CG  . LEU B 1 48 ? 3.155   4.454   2.358   1.00 42.35 ? 190 LEU B CG  1 
ATOM   879  C CD1 . LEU B 1 48 ? 1.786   4.955   2.789   1.00 42.77 ? 190 LEU B CD1 1 
ATOM   880  C CD2 . LEU B 1 48 ? 3.261   4.448   0.842   1.00 32.87 ? 190 LEU B CD2 1 
ATOM   881  N N   . MET B 1 49 ? 6.481   4.884   0.886   1.00 27.64 ? 191 MET B N   1 
ATOM   882  C CA  . MET B 1 49 ? 6.956   4.429   -0.448  1.00 28.63 ? 191 MET B CA  1 
ATOM   883  C C   . MET B 1 49 ? 8.267   3.647   -0.299  1.00 29.33 ? 191 MET B C   1 
ATOM   884  O O   . MET B 1 49 ? 8.467   2.690   -1.068  1.00 30.49 ? 191 MET B O   1 
ATOM   885  C CB  . MET B 1 49 ? 7.154   5.618   -1.393  1.00 26.93 ? 191 MET B CB  1 
ATOM   886  C CG  . MET B 1 49 ? 5.844   6.237   -1.844  1.00 37.64 ? 191 MET B CG  1 
ATOM   887  S SD  . MET B 1 49 ? 6.051   7.539   -3.083  1.00 53.01 ? 191 MET B SD  1 
ATOM   888  C CE  . MET B 1 49 ? 6.315   8.961   -2.025  1.00 38.74 ? 191 MET B CE  1 
ATOM   889  N N   . ARG B 1 50 ? 9.116   4.039   0.656   1.00 29.42 ? 192 ARG B N   1 
ATOM   890  C CA  . ARG B 1 50 ? 10.407  3.338   0.884   1.00 30.60 ? 192 ARG B CA  1 
ATOM   891  C C   . ARG B 1 50 ? 10.125  1.913   1.373   1.00 28.17 ? 192 ARG B C   1 
ATOM   892  O O   . ARG B 1 50 ? 10.825  0.986   0.926   1.00 27.95 ? 192 ARG B O   1 
ATOM   893  C CB  . ARG B 1 50 ? 11.251  4.098   1.911   1.00 28.98 ? 192 ARG B CB  1 
ATOM   894  C CG  . ARG B 1 50 ? 12.241  5.081   1.304   1.00 38.51 ? 192 ARG B CG  1 
ATOM   895  C CD  . ARG B 1 50 ? 13.314  5.477   2.298   1.00 43.82 ? 192 ARG B CD  1 
ATOM   896  N NE  . ARG B 1 50 ? 13.953  6.737   1.950   1.00 55.32 ? 192 ARG B NE  1 
ATOM   897  C CZ  . ARG B 1 50 ? 13.629  7.913   2.474   1.00 57.72 ? 192 ARG B CZ  1 
ATOM   898  N NH1 . ARG B 1 50 ? 12.664  7.993   3.374   1.00 54.46 ? 192 ARG B NH1 1 
ATOM   899  N NH2 . ARG B 1 50 ? 14.268  9.005   2.095   1.00 64.13 ? 192 ARG B NH2 1 
ATOM   900  N N   . LYS B 1 51 ? 9.134   1.756   2.256   1.00 25.46 ? 193 LYS B N   1 
ATOM   901  C CA  . LYS B 1 51 ? 8.779   0.421   2.806   1.00 31.80 ? 193 LYS B CA  1 
ATOM   902  C C   . LYS B 1 51 ? 8.147   -0.436  1.702   1.00 26.09 ? 193 LYS B C   1 
ATOM   903  O O   . LYS B 1 51 ? 8.474   -1.634  1.629   1.00 26.94 ? 193 LYS B O   1 
ATOM   904  C CB  . LYS B 1 51 ? 7.869   0.570   4.031   1.00 30.52 ? 193 LYS B CB  1 
ATOM   905  C CG  . LYS B 1 51 ? 8.598   0.769   5.351   1.00 31.29 ? 193 LYS B CG  1 
ATOM   906  C CD  . LYS B 1 51 ? 7.743   1.394   6.433   1.00 38.60 ? 193 LYS B CD  1 
ATOM   907  C CE  . LYS B 1 51 ? 8.556   2.085   7.508   1.00 38.99 ? 193 LYS B CE  1 
ATOM   908  N NZ  . LYS B 1 51 ? 7.951   1.917   8.850   1.00 44.41 ? 193 LYS B NZ  1 
ATOM   909  N N   . LEU B 1 52 ? 7.279   0.160   0.880   1.00 25.01 ? 194 LEU B N   1 
ATOM   910  C CA  . LEU B 1 52 ? 6.633   -0.584  -0.233  1.00 26.31 ? 194 LEU B CA  1 
ATOM   911  C C   . LEU B 1 52 ? 7.728   -1.092  -1.178  1.00 30.34 ? 194 LEU B C   1 
ATOM   912  O O   . LEU B 1 52 ? 7.671   -2.273  -1.566  1.00 28.22 ? 194 LEU B O   1 
ATOM   913  C CB  . LEU B 1 52 ? 5.653   0.341   -0.960  1.00 26.23 ? 194 LEU B CB  1 
ATOM   914  C CG  . LEU B 1 52 ? 4.357   0.641   -0.208  1.00 32.75 ? 194 LEU B CG  1 
ATOM   915  C CD1 . LEU B 1 52 ? 3.369   1.377   -1.100  1.00 28.84 ? 194 LEU B CD1 1 
ATOM   916  C CD2 . LEU B 1 52 ? 3.736   -0.636  0.335   1.00 30.35 ? 194 LEU B CD2 1 
ATOM   917  N N   . ASP B 1 53 ? 8.683   -0.223  -1.527  1.00 25.75 ? 195 ASP B N   1 
ATOM   918  C CA  . ASP B 1 53 ? 9.802   -0.610  -2.397  1.00 29.59 ? 195 ASP B CA  1 
ATOM   919  C C   . ASP B 1 53 ? 10.568  -1.789  -1.794  1.00 27.37 ? 195 ASP B C   1 
ATOM   920  O O   . ASP B 1 53 ? 10.893  -2.755  -2.498  1.00 28.40 ? 195 ASP B O   1 
ATOM   921  C CB  . ASP B 1 53 ? 10.780  0.543   -2.703  1.00 26.29 ? 195 ASP B CB  1 
ATOM   922  C CG  . ASP B 1 53 ? 10.145  1.670   -3.543  1.00 38.35 ? 195 ASP B CG  1 
ATOM   923  O OD1 . ASP B 1 53 ? 9.117   1.451   -4.241  1.00 39.65 ? 195 ASP B OD1 1 
ATOM   924  O OD2 . ASP B 1 53 ? 10.688  2.792   -3.501  1.00 40.05 ? 195 ASP B OD2 1 
ATOM   925  N N   . ALA B 1 54 ? 10.843  -1.710  -0.501  1.00 25.25 ? 196 ALA B N   1 
ATOM   926  C CA  . ALA B 1 54 ? 11.612  -2.764  0.139   1.00 31.73 ? 196 ALA B CA  1 
ATOM   927  C C   . ALA B 1 54 ? 10.827  -4.072  0.183   1.00 31.07 ? 196 ALA B C   1 
ATOM   928  O O   . ALA B 1 54 ? 11.404  -5.124  -0.060  1.00 30.89 ? 196 ALA B O   1 
ATOM   929  C CB  . ALA B 1 54 ? 12.061  -2.350  1.531   1.00 31.80 ? 196 ALA B CB  1 
ATOM   930  N N   . HIS B 1 55 ? 9.527   -4.005  0.487   1.00 29.30 ? 197 HIS B N   1 
ATOM   931  C CA  . HIS B 1 55 ? 8.677   -5.198  0.429   1.00 30.86 ? 197 HIS B CA  1 
ATOM   932  C C   . HIS B 1 55 ? 8.723   -5.790  -0.967  1.00 30.18 ? 197 HIS B C   1 
ATOM   933  O O   . HIS B 1 55 ? 8.887   -6.990  -1.149  1.00 26.21 ? 197 HIS B O   1 
ATOM   934  C CB  . HIS B 1 55 ? 7.223   -4.864  0.764   1.00 30.45 ? 197 HIS B CB  1 
ATOM   935  C CG  . HIS B 1 55 ? 6.993   -4.537  2.205   1.00 41.18 ? 197 HIS B CG  1 
ATOM   936  N ND1 . HIS B 1 55 ? 5.858   -3.896  2.657   1.00 37.72 ? 197 HIS B ND1 1 
ATOM   937  C CD2 . HIS B 1 55 ? 7.760   -4.759  3.298   1.00 47.58 ? 197 HIS B CD2 1 
ATOM   938  C CE1 . HIS B 1 55 ? 5.942   -3.735  3.968   1.00 42.22 ? 197 HIS B CE1 1 
ATOM   939  N NE2 . HIS B 1 55 ? 7.085   -4.254  4.380   1.00 41.27 ? 197 HIS B NE2 1 
ATOM   940  N N   . ASN B 1 56 ? 8.584   -4.925  -1.964  1.00 28.07 ? 198 ASN B N   1 
ATOM   941  C CA  . ASN B 1 56 ? 8.586   -5.385  -3.327  1.00 24.85 ? 198 ASN B CA  1 
ATOM   942  C C   . ASN B 1 56 ? 9.922   -5.957  -3.787  1.00 28.14 ? 198 ASN B C   1 
ATOM   943  O O   . ASN B 1 56 ? 9.940   -6.894  -4.589  1.00 20.59 ? 198 ASN B O   1 
ATOM   944  C CB  . ASN B 1 56 ? 8.107   -4.276  -4.264  1.00 28.88 ? 198 ASN B CB  1 
ATOM   945  C CG  . ASN B 1 56 ? 6.636   -3.995  -4.103  1.00 28.70 ? 198 ASN B CG  1 
ATOM   946  O OD1 . ASN B 1 56 ? 5.898   -4.847  -3.620  1.00 30.37 ? 198 ASN B OD1 1 
ATOM   947  N ND2 . ASN B 1 56 ? 6.202   -2.803  -4.486  1.00 24.89 ? 198 ASN B ND2 1 
ATOM   948  N N   . ALA B 1 57 ? 11.029  -5.400  -3.285  1.00 26.56 ? 199 ALA B N   1 
ATOM   949  C CA  . ALA B 1 57 ? 12.354  -5.844  -3.717  1.00 28.54 ? 199 ALA B CA  1 
ATOM   950  C C   . ALA B 1 57 ? 12.655  -7.190  -3.081  1.00 27.40 ? 199 ALA B C   1 
ATOM   951  O O   . ALA B 1 57 ? 13.301  -8.033  -3.677  1.00 26.39 ? 199 ALA B O   1 
ATOM   952  C CB  . ALA B 1 57 ? 13.456  -4.819  -3.348  1.00 23.87 ? 199 ALA B CB  1 
ATOM   953  N N   . ALA B 1 58 ? 12.189  -7.373  -1.855  1.00 26.94 ? 200 ALA B N   1 
ATOM   954  C CA  . ALA B 1 58 ? 12.418  -8.622  -1.154  1.00 33.81 ? 200 ALA B CA  1 
ATOM   955  C C   . ALA B 1 58 ? 11.598  -9.746  -1.798  1.00 31.23 ? 200 ALA B C   1 
ATOM   956  O O   . ALA B 1 58 ? 12.093  -10.856 -1.971  1.00 30.03 ? 200 ALA B O   1 
ATOM   957  C CB  . ALA B 1 58 ? 12.070  -8.479  0.343   1.00 33.27 ? 200 ALA B CB  1 
ATOM   958  N N   . GLU B 1 59 ? 10.360  -9.432  -2.166  1.00 27.74 ? 201 GLU B N   1 
ATOM   959  C CA  . GLU B 1 59 ? 9.487   -10.387 -2.861  1.00 33.32 ? 201 GLU B CA  1 
ATOM   960  C C   . GLU B 1 59 ? 10.105  -10.910 -4.177  1.00 31.24 ? 201 GLU B C   1 
ATOM   961  O O   . GLU B 1 59 ? 10.148  -12.137 -4.433  1.00 29.76 ? 201 GLU B O   1 
ATOM   962  C CB  . GLU B 1 59 ? 8.093   -9.767  -3.083  1.00 31.47 ? 201 GLU B CB  1 
ATOM   963  C CG  . GLU B 1 59 ? 7.112   -10.586 -3.945  1.00 37.88 ? 201 GLU B CG  1 
ATOM   964  C CD  . GLU B 1 59 ? 6.472   -11.776 -3.210  1.00 45.69 ? 201 GLU B CD  1 
ATOM   965  O OE1 . GLU B 1 59 ? 6.830   -12.031 -2.031  1.00 41.49 ? 201 GLU B OE1 1 
ATOM   966  O OE2 . GLU B 1 59 ? 5.596   -12.444 -3.824  1.00 48.82 ? 201 GLU B OE2 1 
ATOM   967  N N   . LEU B 1 60 ? 10.623  -9.990  -4.988  1.00 26.07 ? 202 LEU B N   1 
ATOM   968  C CA  . LEU B 1 60 ? 11.263  -10.368 -6.237  1.00 25.60 ? 202 LEU B CA  1 
ATOM   969  C C   . LEU B 1 60 ? 12.560  -11.149 -6.024  1.00 27.67 ? 202 LEU B C   1 
ATOM   970  O O   . LEU B 1 60 ? 12.850  -12.102 -6.752  1.00 27.80 ? 202 LEU B O   1 
ATOM   971  C CB  . LEU B 1 60 ? 11.549  -9.144  -7.099  1.00 30.22 ? 202 LEU B CB  1 
ATOM   972  C CG  . LEU B 1 60 ? 10.325  -8.387  -7.590  1.00 32.82 ? 202 LEU B CG  1 
ATOM   973  C CD1 . LEU B 1 60 ? 10.762  -7.258  -8.534  1.00 29.49 ? 202 LEU B CD1 1 
ATOM   974  C CD2 . LEU B 1 60 ? 9.360   -9.355  -8.267  1.00 26.70 ? 202 LEU B CD2 1 
ATOM   975  N N   . SER B 1 61 ? 13.341  -10.726 -5.044  1.00 26.98 ? 203 SER B N   1 
ATOM   976  C CA  . SER B 1 61 ? 14.556  -11.447 -4.675  1.00 33.56 ? 203 SER B CA  1 
ATOM   977  C C   . SER B 1 61 ? 14.252  -12.856 -4.161  1.00 30.37 ? 203 SER B C   1 
ATOM   978  O O   . SER B 1 61 ? 14.918  -13.803 -4.545  1.00 31.04 ? 203 SER B O   1 
ATOM   979  C CB  . SER B 1 61 ? 15.366  -10.672 -3.633  1.00 32.38 ? 203 SER B CB  1 
ATOM   980  O OG  . SER B 1 61 ? 15.876  -9.490  -4.216  1.00 38.31 ? 203 SER B OG  1 
ATOM   981  N N   . ASN B 1 62 ? 13.249  -12.985 -3.299  1.00 31.07 ? 204 ASN B N   1 
ATOM   982  C CA  . ASN B 1 62 ? 12.824  -14.309 -2.834  1.00 36.24 ? 204 ASN B CA  1 
ATOM   983  C C   . ASN B 1 62 ? 12.483  -15.239 -3.999  1.00 34.85 ? 204 ASN B C   1 
ATOM   984  O O   . ASN B 1 62 ? 12.956  -16.377 -4.060  1.00 36.65 ? 204 ASN B O   1 
ATOM   985  C CB  . ASN B 1 62 ? 11.632  -14.220 -1.864  1.00 34.32 ? 204 ASN B CB  1 
ATOM   986  C CG  . ASN B 1 62 ? 12.007  -13.595 -0.545  1.00 43.18 ? 204 ASN B CG  1 
ATOM   987  O OD1 . ASN B 1 62 ? 13.174  -13.606 -0.159  1.00 47.73 ? 204 ASN B OD1 1 
ATOM   988  N ND2 . ASN B 1 62 ? 11.022  -13.023 0.150   1.00 42.19 ? 204 ASN B ND2 1 
ATOM   989  N N   . TRP B 1 63 ? 11.681  -14.736 -4.932  1.00 33.00 ? 205 TRP B N   1 
ATOM   990  C CA  . TRP B 1 63 ? 11.314  -15.524 -6.099  1.00 32.97 ? 205 TRP B CA  1 
ATOM   991  C C   . TRP B 1 63 ? 12.506  -15.850 -6.988  1.00 34.36 ? 205 TRP B C   1 
ATOM   992  O O   . TRP B 1 63 ? 12.566  -16.936 -7.552  1.00 30.69 ? 205 TRP B O   1 
ATOM   993  C CB  . TRP B 1 63 ? 10.194  -14.856 -6.894  1.00 27.51 ? 205 TRP B CB  1 
ATOM   994  C CG  . TRP B 1 63 ? 8.854   -15.099 -6.276  1.00 37.24 ? 205 TRP B CG  1 
ATOM   995  C CD1 . TRP B 1 63 ? 8.013   -14.171 -5.749  1.00 37.19 ? 205 TRP B CD1 1 
ATOM   996  C CD2 . TRP B 1 63 ? 8.220   -16.369 -6.086  1.00 38.61 ? 205 TRP B CD2 1 
ATOM   997  N NE1 . TRP B 1 63 ? 6.890   -14.775 -5.252  1.00 37.74 ? 205 TRP B NE1 1 
ATOM   998  C CE2 . TRP B 1 63 ? 6.989   -16.125 -5.445  1.00 42.03 ? 205 TRP B CE2 1 
ATOM   999  C CE3 . TRP B 1 63 ? 8.574   -17.692 -6.400  1.00 36.43 ? 205 TRP B CE3 1 
ATOM   1000 C CZ2 . TRP B 1 63 ? 6.098   -17.151 -5.119  1.00 41.65 ? 205 TRP B CZ2 1 
ATOM   1001 C CZ3 . TRP B 1 63 ? 7.695   -18.713 -6.066  1.00 34.26 ? 205 TRP B CZ3 1 
ATOM   1002 C CH2 . TRP B 1 63 ? 6.468   -18.433 -5.434  1.00 37.96 ? 205 TRP B CH2 1 
ATOM   1003 N N   . ALA B 1 64 ? 13.457  -14.923 -7.105  1.00 30.52 ? 206 ALA B N   1 
ATOM   1004 C CA  . ALA B 1 64 ? 14.638  -15.177 -7.916  1.00 31.73 ? 206 ALA B CA  1 
ATOM   1005 C C   . ALA B 1 64 ? 15.438  -16.312 -7.294  1.00 35.08 ? 206 ALA B C   1 
ATOM   1006 O O   . ALA B 1 64 ? 15.951  -17.181 -8.006  1.00 35.31 ? 206 ALA B O   1 
ATOM   1007 C CB  . ALA B 1 64 ? 15.505  -13.930 -8.046  1.00 35.29 ? 206 ALA B CB  1 
ATOM   1008 N N   . ARG B 1 65 ? 15.530  -16.304 -5.966  1.00 32.84 ? 207 ARG B N   1 
ATOM   1009 C CA  . ARG B 1 65 ? 16.191  -17.397 -5.258  1.00 36.26 ? 207 ARG B CA  1 
ATOM   1010 C C   . ARG B 1 65 ? 15.435  -18.721 -5.446  1.00 37.72 ? 207 ARG B C   1 
ATOM   1011 O O   . ARG B 1 65 ? 16.043  -19.711 -5.824  1.00 37.53 ? 207 ARG B O   1 
ATOM   1012 C CB  . ARG B 1 65 ? 16.382  -17.073 -3.771  1.00 38.32 ? 207 ARG B CB  1 
ATOM   1013 C CG  . ARG B 1 65 ? 17.542  -16.109 -3.489  1.00 46.68 ? 207 ARG B CG  1 
ATOM   1014 C CD  . ARG B 1 65 ? 17.828  -15.945 -1.987  1.00 46.54 ? 207 ARG B CD  1 
ATOM   1015 N NE  . ARG B 1 65 ? 16.910  -15.014 -1.330  1.00 56.08 ? 207 ARG B NE  1 
ATOM   1016 C CZ  . ARG B 1 65 ? 17.069  -13.688 -1.307  1.00 53.76 ? 207 ARG B CZ  1 
ATOM   1017 N NH1 . ARG B 1 65 ? 18.106  -13.125 -1.916  1.00 52.51 ? 207 ARG B NH1 1 
ATOM   1018 N NH2 . ARG B 1 65 ? 16.185  -12.922 -0.677  1.00 52.18 ? 207 ARG B NH2 1 
ATOM   1019 N N   . ARG B 1 66 ? 14.120  -18.718 -5.213  1.00 35.48 ? 208 ARG B N   1 
ATOM   1020 C CA  . ARG B 1 66 ? 13.291  -19.922 -5.376  1.00 37.91 ? 208 ARG B CA  1 
ATOM   1021 C C   . ARG B 1 66 ? 13.330  -20.525 -6.779  1.00 41.89 ? 208 ARG B C   1 
ATOM   1022 O O   . ARG B 1 66 ? 13.176  -21.748 -6.945  1.00 39.40 ? 208 ARG B O   1 
ATOM   1023 C CB  . ARG B 1 66 ? 11.831  -19.646 -4.997  1.00 36.40 ? 208 ARG B CB  1 
ATOM   1024 C CG  . ARG B 1 66 ? 11.593  -19.371 -3.514  1.00 35.23 ? 208 ARG B CG  1 
ATOM   1025 C CD  . ARG B 1 66 ? 10.160  -18.894 -3.312  1.00 39.21 ? 208 ARG B CD  1 
ATOM   1026 N NE  . ARG B 1 66 ? 9.869   -18.509 -1.937  1.00 42.87 ? 208 ARG B NE  1 
ATOM   1027 C CZ  . ARG B 1 66 ? 9.146   -17.444 -1.584  1.00 51.77 ? 208 ARG B CZ  1 
ATOM   1028 N NH1 . ARG B 1 66 ? 8.629   -16.635 -2.509  1.00 49.17 ? 208 ARG B NH1 1 
ATOM   1029 N NH2 . ARG B 1 66 ? 8.937   -17.178 -0.298  1.00 50.19 ? 208 ARG B NH2 1 
ATOM   1030 N N   . LEU B 1 67 ? 13.525  -19.677 -7.790  1.00 36.22 ? 209 LEU B N   1 
ATOM   1031 C CA  . LEU B 1 67 ? 13.519  -20.154 -9.163  1.00 35.33 ? 209 LEU B CA  1 
ATOM   1032 C C   . LEU B 1 67 ? 14.915  -20.353 -9.737  1.00 37.78 ? 209 LEU B C   1 
ATOM   1033 O O   . LEU B 1 67 ? 15.059  -20.717 -10.901 1.00 36.63 ? 209 LEU B O   1 
ATOM   1034 C CB  . LEU B 1 67 ? 12.699  -19.223 -10.054 1.00 33.97 ? 209 LEU B CB  1 
ATOM   1035 C CG  . LEU B 1 67 ? 11.239  -19.079 -9.647  1.00 31.94 ? 209 LEU B CG  1 
ATOM   1036 C CD1 . LEU B 1 67 ? 10.552  -18.069 -10.533 1.00 31.37 ? 209 LEU B CD1 1 
ATOM   1037 C CD2 . LEU B 1 67 ? 10.542  -20.433 -9.752  1.00 35.73 ? 209 LEU B CD2 1 
ATOM   1038 N N   . GLY B 1 68 ? 15.936  -20.107 -8.921  1.00 38.16 ? 210 GLY B N   1 
ATOM   1039 C CA  . GLY B 1 68 ? 17.311  -20.307 -9.343  1.00 36.95 ? 210 GLY B CA  1 
ATOM   1040 C C   . GLY B 1 68 ? 17.839  -19.312 -10.364 1.00 40.98 ? 210 GLY B C   1 
ATOM   1041 O O   . GLY B 1 68 ? 18.703  -19.653 -11.172 1.00 40.29 ? 210 GLY B O   1 
ATOM   1042 N N   . VAL B 1 69 ? 17.340  -18.076 -10.355 1.00 40.59 ? 211 VAL B N   1 
ATOM   1043 C CA  . VAL B 1 69 ? 17.816  -17.105 -11.350 1.00 46.45 ? 211 VAL B CA  1 
ATOM   1044 C C   . VAL B 1 69 ? 18.779  -16.031 -10.815 1.00 47.61 ? 211 VAL B C   1 
ATOM   1045 O O   . VAL B 1 69 ? 18.655  -15.593 -9.673  1.00 42.58 ? 211 VAL B O   1 
ATOM   1046 C CB  . VAL B 1 69 ? 16.656  -16.481 -12.166 1.00 43.82 ? 211 VAL B CB  1 
ATOM   1047 C CG1 . VAL B 1 69 ? 16.257  -17.413 -13.289 1.00 46.13 ? 211 VAL B CG1 1 
ATOM   1048 C CG2 . VAL B 1 69 ? 15.471  -16.202 -11.289 1.00 41.36 ? 211 VAL B CG2 1 
ATOM   1049 N N   . LEU B 1 70 ? 19.744  -15.643 -11.659 1.00 57.88 ? 212 LEU B N   1 
ATOM   1050 C CA  . LEU B 1 70 ? 20.756  -14.599 -11.369 1.00 59.18 ? 212 LEU B CA  1 
ATOM   1051 C C   . LEU B 1 70 ? 21.503  -14.797 -10.060 1.00 59.77 ? 212 LEU B C   1 
ATOM   1052 O O   . LEU B 1 70 ? 22.347  -15.689 -9.965  1.00 67.55 ? 212 LEU B O   1 
ATOM   1053 C CB  . LEU B 1 70 ? 20.166  -13.183 -11.439 1.00 53.52 ? 212 LEU B CB  1 
ATOM   1054 C CG  . LEU B 1 70 ? 20.203  -12.508 -12.814 1.00 60.38 ? 212 LEU B CG  1 
ATOM   1055 C CD1 . LEU B 1 70 ? 19.278  -11.288 -12.857 1.00 49.06 ? 212 LEU B CD1 1 
ATOM   1056 C CD2 . LEU B 1 70 ? 21.645  -12.121 -13.169 1.00 53.54 ? 212 LEU B CD2 1 
HETATM 1057 O O   . HOH C 2 .  ? 3.482   -1.738  -3.996  1.00 27.76 ? 301 HOH A O   1 
HETATM 1058 O O   . HOH C 2 .  ? -5.826  -4.263  27.804  1.00 30.62 ? 302 HOH A O   1 
HETATM 1059 O O   . HOH C 2 .  ? -4.278  -7.070  -15.551 1.00 40.79 ? 303 HOH A O   1 
HETATM 1060 O O   . HOH C 2 .  ? -1.325  -11.341 25.387  1.00 35.38 ? 304 HOH A O   1 
HETATM 1061 O O   . HOH C 2 .  ? -7.948  -5.007  -19.880 1.00 44.58 ? 305 HOH A O   1 
HETATM 1062 O O   . HOH C 2 .  ? -6.614  -8.147  -8.664  1.00 46.31 ? 306 HOH A O   1 
HETATM 1063 O O   . HOH C 2 .  ? -9.277  8.085   -13.414 1.00 50.46 ? 307 HOH A O   1 
HETATM 1064 O O   . HOH C 2 .  ? -0.938  -9.148  14.167  1.00 48.53 ? 308 HOH A O   1 
HETATM 1065 O O   . HOH C 2 .  ? 3.038   -2.729  -17.133 1.00 42.66 ? 309 HOH A O   1 
HETATM 1066 O O   . HOH D 2 .  ? 13.158  -17.075 -0.215  1.00 53.37 ? 301 HOH B O   1 
HETATM 1067 O O   . HOH D 2 .  ? 8.484   -13.734 -0.386  1.00 44.15 ? 302 HOH B O   1 
HETATM 1068 O O   . HOH D 2 .  ? 13.302  1.010   -0.161  1.00 30.77 ? 303 HOH B O   1 
HETATM 1069 O O   . HOH D 2 .  ? 4.526   5.975   11.675  1.00 41.24 ? 304 HOH B O   1 
HETATM 1070 O O   . HOH D 2 .  ? 3.685   -3.893  -2.280  1.00 34.50 ? 305 HOH B O   1 
HETATM 1071 O O   . HOH D 2 .  ? 6.790   7.225   8.896   1.00 41.69 ? 306 HOH B O   1 
HETATM 1072 O O   . HOH D 2 .  ? 14.197  -5.279  0.596   1.00 38.78 ? 307 HOH B O   1 
HETATM 1073 O O   . HOH D 2 .  ? -1.125  19.164  -1.520  1.00 48.84 ? 308 HOH B O   1 
HETATM 1074 O O   . HOH D 2 .  ? 3.458   -4.395  0.822   1.00 36.08 ? 309 HOH B O   1 
HETATM 1075 O O   . HOH D 2 .  ? 4.751   13.686  -1.149  1.00 41.39 ? 310 HOH B O   1 
HETATM 1076 O O   . HOH D 2 .  ? -6.542  11.001  12.772  1.00 44.22 ? 311 HOH B O   1 
HETATM 1077 O O   . HOH D 2 .  ? 13.330  -23.716 -4.506  1.00 40.29 ? 312 HOH B O   1 
# 
